data_1DG4
#
_entry.id   1DG4
#
_cell.length_a   1.000
_cell.length_b   1.000
_cell.length_c   1.000
_cell.angle_alpha   90.00
_cell.angle_beta   90.00
_cell.angle_gamma   90.00
#
_symmetry.space_group_name_H-M   'P 1'
#
_entity_poly.entity_id   1
_entity_poly.type   'polypeptide(L)'
_entity_poly.pdbx_seq_one_letter_code
;DVTPLSLGIETMGGVMTTLIAKNTTIPTKHSQVFSTAEDNQSAVTIHVLQGERKRAADNKSLGQFNLDGINPAPRGMPQI
EVTFDIDADGILHVSAKDKNSGKEQKITIKASSGL
;
_entity_poly.pdbx_strand_id   A
#
# COMPACT_ATOMS: atom_id res chain seq x y z
N LEU A 5 10.03 6.13 -10.92
CA LEU A 5 8.83 6.83 -11.37
C LEU A 5 7.81 6.86 -10.24
N SER A 6 6.82 7.73 -10.41
CA SER A 6 5.73 7.82 -9.44
C SER A 6 5.10 6.43 -9.25
N LEU A 7 4.84 6.11 -7.99
CA LEU A 7 4.19 4.85 -7.66
C LEU A 7 3.18 5.09 -6.53
N GLY A 8 1.91 5.03 -6.89
CA GLY A 8 0.85 5.01 -5.91
C GLY A 8 0.22 3.62 -5.81
N ILE A 9 -0.71 3.49 -4.86
CA ILE A 9 -1.42 2.23 -4.68
C ILE A 9 -2.92 2.47 -4.91
N GLU A 10 -3.64 1.36 -5.01
CA GLU A 10 -5.08 1.41 -5.13
C GLU A 10 -5.73 1.70 -3.78
N THR A 11 -6.25 2.90 -3.64
CA THR A 11 -6.95 3.28 -2.43
C THR A 11 -8.47 3.25 -2.65
N MET A 12 -9.19 3.51 -1.57
CA MET A 12 -10.64 3.33 -1.58
C MET A 12 -11.27 3.97 -2.82
N GLY A 13 -12.05 3.17 -3.52
CA GLY A 13 -12.87 3.70 -4.60
C GLY A 13 -12.22 3.43 -5.96
N GLY A 14 -11.40 2.38 -6.00
CA GLY A 14 -10.84 1.91 -7.25
C GLY A 14 -9.97 3.00 -7.90
N VAL A 15 -9.28 3.75 -7.05
CA VAL A 15 -8.58 4.94 -7.52
C VAL A 15 -7.16 4.92 -6.96
N MET A 16 -6.22 5.34 -7.80
CA MET A 16 -4.83 5.45 -7.39
C MET A 16 -4.61 6.70 -6.53
N THR A 17 -3.74 6.56 -5.55
CA THR A 17 -3.23 7.70 -4.83
C THR A 17 -1.70 7.59 -4.65
N THR A 18 -1.00 8.56 -5.22
CA THR A 18 0.42 8.70 -4.96
C THR A 18 0.67 9.19 -3.54
N LEU A 19 0.61 8.26 -2.61
CA LEU A 19 0.71 8.60 -1.19
C LEU A 19 2.18 8.71 -0.80
N ILE A 20 3.03 8.27 -1.71
CA ILE A 20 4.47 8.37 -1.49
C ILE A 20 5.18 8.36 -2.85
N ALA A 21 6.24 9.16 -2.93
CA ALA A 21 6.84 9.47 -4.22
C ALA A 21 8.26 8.91 -4.26
N LYS A 22 8.82 8.89 -5.47
CA LYS A 22 10.16 8.37 -5.66
C LYS A 22 11.13 9.11 -4.73
N ASN A 23 10.96 10.43 -4.69
CA ASN A 23 11.90 11.27 -3.97
C ASN A 23 11.22 11.87 -2.73
N THR A 24 10.61 10.98 -1.95
CA THR A 24 10.11 11.36 -0.65
C THR A 24 11.25 11.48 0.35
N THR A 25 12.16 12.40 0.06
CA THR A 25 13.28 12.64 0.94
C THR A 25 13.83 11.33 1.51
N ILE A 26 14.24 10.46 0.60
CA ILE A 26 14.55 9.08 0.96
C ILE A 26 15.79 9.06 1.85
N PRO A 27 15.97 7.92 2.56
CA PRO A 27 14.86 7.02 2.82
C PRO A 27 13.95 7.58 3.91
N THR A 28 12.75 7.02 3.99
CA THR A 28 11.74 7.51 4.92
C THR A 28 10.69 6.44 5.18
N LYS A 29 9.79 6.75 6.10
CA LYS A 29 8.89 5.75 6.65
C LYS A 29 7.57 6.41 7.06
N HIS A 30 6.61 6.34 6.17
CA HIS A 30 5.32 6.99 6.40
C HIS A 30 4.30 5.95 6.85
N SER A 31 3.45 6.37 7.78
CA SER A 31 2.56 5.44 8.47
C SER A 31 1.23 6.13 8.78
N GLN A 32 0.47 6.40 7.74
CA GLN A 32 -0.77 7.14 7.88
C GLN A 32 -1.51 7.19 6.55
N VAL A 33 -2.72 7.74 6.60
CA VAL A 33 -3.65 7.62 5.49
C VAL A 33 -3.42 6.28 4.79
N PHE A 34 -3.51 5.21 5.57
CA PHE A 34 -3.46 3.87 5.02
C PHE A 34 -4.35 2.92 5.81
N SER A 35 -5.47 2.55 5.19
CA SER A 35 -6.48 1.77 5.87
C SER A 35 -7.11 0.77 4.89
N THR A 36 -7.61 -0.31 5.44
CA THR A 36 -8.25 -1.35 4.64
C THR A 36 -9.68 -0.94 4.29
N ALA A 37 -10.00 -1.08 3.01
CA ALA A 37 -11.18 -0.45 2.46
C ALA A 37 -12.23 -1.52 2.13
N GLU A 38 -11.77 -2.78 2.16
CA GLU A 38 -12.49 -3.84 1.50
C GLU A 38 -13.59 -4.39 2.41
N ASP A 39 -14.75 -3.77 2.32
CA ASP A 39 -15.88 -4.17 3.14
C ASP A 39 -16.36 -5.56 2.72
N ASN A 40 -16.18 -5.85 1.44
CA ASN A 40 -16.83 -6.99 0.83
C ASN A 40 -15.89 -8.20 0.91
N GLN A 41 -14.73 -7.97 1.49
CA GLN A 41 -13.78 -9.05 1.74
C GLN A 41 -13.62 -9.27 3.24
N SER A 42 -12.66 -10.13 3.58
CA SER A 42 -12.07 -10.09 4.91
C SER A 42 -10.54 -10.09 4.81
N ALA A 43 -10.05 -9.28 3.88
CA ALA A 43 -8.62 -9.29 3.56
C ALA A 43 -8.23 -7.92 3.00
N VAL A 44 -6.92 -7.71 2.92
CA VAL A 44 -6.40 -6.51 2.30
C VAL A 44 -5.73 -6.86 0.97
N THR A 45 -5.88 -5.97 0.01
CA THR A 45 -5.37 -6.20 -1.33
C THR A 45 -4.74 -4.93 -1.89
N ILE A 46 -3.43 -4.82 -1.70
CA ILE A 46 -2.67 -3.74 -2.31
C ILE A 46 -2.39 -4.08 -3.77
N HIS A 47 -2.64 -3.11 -4.64
CA HIS A 47 -2.14 -3.17 -6.00
C HIS A 47 -1.16 -2.01 -6.25
N VAL A 48 -0.05 -2.36 -6.89
CA VAL A 48 1.05 -1.44 -7.00
C VAL A 48 1.07 -0.83 -8.41
N LEU A 49 0.89 0.49 -8.45
CA LEU A 49 0.52 1.16 -9.68
C LEU A 49 1.61 2.14 -10.08
N GLN A 50 2.40 1.74 -11.06
CA GLN A 50 3.33 2.66 -11.71
C GLN A 50 2.59 3.55 -12.70
N GLY A 51 2.97 4.82 -12.70
CA GLY A 51 2.37 5.79 -13.61
C GLY A 51 1.60 6.85 -12.83
N GLU A 52 1.43 8.00 -13.48
CA GLU A 52 0.63 9.07 -12.90
C GLU A 52 -0.75 9.12 -13.57
N ARG A 53 -1.75 8.73 -12.81
CA ARG A 53 -3.08 8.56 -13.36
C ARG A 53 -4.10 8.30 -12.24
N LYS A 54 -5.24 8.97 -12.35
CA LYS A 54 -6.20 8.99 -11.26
C LYS A 54 -6.72 7.57 -11.02
N ARG A 55 -7.37 7.03 -12.05
CA ARG A 55 -7.95 5.71 -11.95
C ARG A 55 -6.85 4.65 -11.82
N ALA A 56 -7.10 3.67 -10.96
CA ALA A 56 -6.12 2.63 -10.70
C ALA A 56 -6.08 1.67 -11.88
N ALA A 57 -7.22 1.53 -12.54
CA ALA A 57 -7.36 0.56 -13.61
C ALA A 57 -6.76 1.12 -14.89
N ASP A 58 -6.41 2.40 -14.82
CA ASP A 58 -5.90 3.09 -16.00
C ASP A 58 -4.40 3.38 -15.81
N ASN A 59 -3.83 2.69 -14.83
CA ASN A 59 -2.45 2.97 -14.44
C ASN A 59 -1.69 1.65 -14.33
N LYS A 60 -0.38 1.74 -14.55
CA LYS A 60 0.40 0.58 -14.94
C LYS A 60 0.72 -0.25 -13.70
N SER A 61 -0.13 -1.24 -13.44
CA SER A 61 0.16 -2.21 -12.40
C SER A 61 1.22 -3.20 -12.86
N LEU A 62 2.03 -3.64 -11.91
CA LEU A 62 3.02 -4.67 -12.18
C LEU A 62 3.22 -5.52 -10.93
N GLY A 63 2.29 -5.38 -9.99
CA GLY A 63 2.55 -5.76 -8.61
C GLY A 63 1.25 -5.79 -7.80
N GLN A 64 1.17 -6.78 -6.92
CA GLN A 64 0.09 -6.81 -5.95
C GLN A 64 0.41 -7.83 -4.85
N PHE A 65 -0.18 -7.59 -3.68
CA PHE A 65 0.00 -8.50 -2.55
C PHE A 65 -1.20 -8.43 -1.60
N ASN A 66 -1.47 -9.55 -0.96
CA ASN A 66 -2.71 -9.71 -0.21
C ASN A 66 -2.39 -10.27 1.18
N LEU A 67 -3.32 -10.05 2.10
CA LEU A 67 -3.21 -10.62 3.43
C LEU A 67 -4.60 -10.74 4.04
N ASP A 68 -4.88 -11.93 4.56
CA ASP A 68 -6.25 -12.29 4.93
C ASP A 68 -6.38 -12.23 6.46
N GLY A 69 -7.59 -11.94 6.90
CA GLY A 69 -7.86 -11.80 8.31
C GLY A 69 -7.99 -10.33 8.71
N ILE A 70 -8.75 -9.60 7.92
CA ILE A 70 -8.78 -8.15 8.02
C ILE A 70 -10.20 -7.64 7.76
N ASN A 71 -10.51 -6.51 8.38
CA ASN A 71 -11.79 -5.87 8.16
C ASN A 71 -11.67 -4.38 8.46
N PRO A 72 -12.55 -3.59 7.79
CA PRO A 72 -12.74 -2.20 8.16
C PRO A 72 -13.56 -2.08 9.44
N ALA A 73 -14.64 -2.83 9.48
CA ALA A 73 -15.46 -2.93 10.69
C ALA A 73 -14.79 -3.89 11.67
N PRO A 74 -15.04 -3.63 12.99
CA PRO A 74 -14.46 -4.44 14.04
C PRO A 74 -15.16 -5.80 14.13
N ARG A 75 -15.10 -6.55 13.05
CA ARG A 75 -15.78 -7.83 12.98
C ARG A 75 -15.17 -8.82 13.96
N GLY A 76 -13.85 -8.73 14.07
CA GLY A 76 -13.13 -9.50 15.09
C GLY A 76 -12.20 -8.59 15.89
N MET A 77 -12.58 -7.33 16.00
CA MET A 77 -11.78 -6.36 16.70
C MET A 77 -10.30 -6.49 16.33
N PRO A 78 -10.00 -6.25 15.04
CA PRO A 78 -8.65 -6.45 14.52
C PRO A 78 -7.73 -5.32 14.97
N GLN A 79 -6.48 -5.41 14.54
CA GLN A 79 -5.52 -4.36 14.78
C GLN A 79 -4.49 -4.30 13.65
N ILE A 80 -4.69 -3.34 12.76
CA ILE A 80 -4.01 -3.35 11.48
C ILE A 80 -3.47 -1.96 11.17
N GLU A 81 -2.19 -1.91 10.82
CA GLU A 81 -1.62 -0.72 10.24
C GLU A 81 -0.74 -1.07 9.04
N VAL A 82 -0.96 -0.35 7.95
CA VAL A 82 -0.23 -0.60 6.72
C VAL A 82 0.72 0.57 6.45
N THR A 83 1.97 0.23 6.14
CA THR A 83 3.04 1.20 6.17
C THR A 83 3.52 1.50 4.75
N PHE A 84 3.91 2.74 4.53
CA PHE A 84 4.68 3.10 3.34
C PHE A 84 6.16 3.33 3.70
N ASP A 85 6.94 2.28 3.55
CA ASP A 85 8.37 2.38 3.79
C ASP A 85 9.10 2.53 2.45
N ILE A 86 9.84 3.62 2.34
CA ILE A 86 10.62 3.88 1.14
C ILE A 86 12.09 3.62 1.43
N ASP A 87 12.70 2.82 0.55
CA ASP A 87 14.08 2.40 0.75
C ASP A 87 15.01 3.45 0.12
N ALA A 88 16.30 3.22 0.33
CA ALA A 88 17.30 4.20 -0.10
C ALA A 88 17.23 4.36 -1.62
N ASP A 89 17.05 3.24 -2.30
CA ASP A 89 17.01 3.24 -3.75
C ASP A 89 15.69 3.85 -4.22
N GLY A 90 14.73 3.90 -3.31
CA GLY A 90 13.41 4.38 -3.64
C GLY A 90 12.47 3.21 -3.96
N ILE A 91 12.82 2.05 -3.42
CA ILE A 91 11.93 0.91 -3.46
C ILE A 91 10.78 1.12 -2.46
N LEU A 92 9.57 0.89 -2.94
CA LEU A 92 8.41 0.89 -2.06
C LEU A 92 8.31 -0.46 -1.35
N HIS A 93 8.66 -0.45 -0.08
CA HIS A 93 8.43 -1.61 0.77
C HIS A 93 7.09 -1.47 1.48
N VAL A 94 6.05 -2.02 0.84
CA VAL A 94 4.69 -1.82 1.30
C VAL A 94 4.27 -3.03 2.16
N SER A 95 3.81 -2.72 3.36
CA SER A 95 3.79 -3.71 4.43
C SER A 95 2.49 -3.60 5.23
N ALA A 96 1.83 -4.73 5.36
CA ALA A 96 0.67 -4.83 6.23
C ALA A 96 0.99 -5.75 7.40
N LYS A 97 0.63 -5.28 8.60
CA LYS A 97 0.95 -6.02 9.81
C LYS A 97 -0.28 -6.06 10.72
N ASP A 98 -0.78 -7.26 10.94
CA ASP A 98 -1.88 -7.46 11.86
C ASP A 98 -1.32 -7.88 13.22
N LYS A 99 -1.44 -6.98 14.18
CA LYS A 99 -0.92 -7.22 15.51
C LYS A 99 -1.89 -8.14 16.27
N ASN A 100 -3.15 -8.08 15.84
CA ASN A 100 -4.18 -8.87 16.49
C ASN A 100 -4.06 -10.33 16.04
N SER A 101 -3.95 -10.51 14.73
CA SER A 101 -3.90 -11.84 14.16
C SER A 101 -2.48 -12.41 14.24
N GLY A 102 -1.53 -11.50 14.29
CA GLY A 102 -0.13 -11.88 14.40
C GLY A 102 0.48 -12.11 13.02
N LYS A 103 -0.27 -11.72 11.99
CA LYS A 103 0.21 -11.80 10.62
C LYS A 103 1.13 -10.62 10.34
N GLU A 104 2.20 -10.90 9.60
CA GLU A 104 2.83 -9.87 8.80
C GLU A 104 3.04 -10.37 7.36
N GLN A 105 2.82 -9.48 6.42
CA GLN A 105 3.14 -9.75 5.03
C GLN A 105 3.40 -8.45 4.27
N LYS A 106 4.47 -8.46 3.48
CA LYS A 106 5.04 -7.22 2.99
C LYS A 106 5.70 -7.48 1.63
N ILE A 107 5.78 -6.42 0.83
CA ILE A 107 6.09 -6.57 -0.58
C ILE A 107 6.99 -5.43 -1.03
N THR A 108 8.02 -5.79 -1.78
CA THR A 108 9.01 -4.81 -2.21
C THR A 108 8.92 -4.60 -3.72
N ILE A 109 8.79 -3.33 -4.10
CA ILE A 109 8.68 -2.98 -5.50
C ILE A 109 9.54 -1.76 -5.78
N LYS A 110 10.44 -1.91 -6.76
CA LYS A 110 11.24 -0.79 -7.21
C LYS A 110 10.31 0.33 -7.68
N ALA A 111 10.88 1.53 -7.71
CA ALA A 111 10.20 2.66 -8.35
C ALA A 111 11.20 3.40 -9.25
N SER A 112 11.78 2.66 -10.18
CA SER A 112 12.78 3.22 -11.07
C SER A 112 12.86 2.40 -12.36
N SER A 113 13.41 3.02 -13.38
CA SER A 113 13.51 2.38 -14.69
C SER A 113 12.14 1.84 -15.10
N GLY A 114 11.32 2.74 -15.64
CA GLY A 114 10.00 2.36 -16.09
C GLY A 114 9.31 3.52 -16.81
N LEU A 115 8.14 3.21 -17.36
CA LEU A 115 7.42 4.20 -18.16
C LEU A 115 5.94 3.83 -18.20
N LEU A 5 9.23 6.57 -10.54
CA LEU A 5 7.93 7.01 -11.03
C LEU A 5 7.03 7.34 -9.83
N SER A 6 6.03 8.15 -10.10
CA SER A 6 4.94 8.34 -9.15
C SER A 6 4.23 7.01 -8.90
N LEU A 7 4.68 6.32 -7.86
CA LEU A 7 3.99 5.13 -7.40
C LEU A 7 2.78 5.53 -6.56
N GLY A 8 1.63 4.99 -6.93
CA GLY A 8 0.45 5.10 -6.09
C GLY A 8 -0.36 3.80 -6.11
N ILE A 9 -0.97 3.50 -4.97
CA ILE A 9 -1.66 2.23 -4.80
C ILE A 9 -3.13 2.41 -5.16
N GLU A 10 -3.80 1.28 -5.34
CA GLU A 10 -5.22 1.30 -5.62
C GLU A 10 -6.03 1.57 -4.35
N THR A 11 -6.31 2.84 -4.12
CA THR A 11 -7.06 3.25 -2.95
C THR A 11 -8.56 3.29 -3.27
N MET A 12 -9.36 2.97 -2.25
CA MET A 12 -10.74 2.61 -2.47
C MET A 12 -11.44 3.64 -3.36
N GLY A 13 -12.18 3.13 -4.34
CA GLY A 13 -12.83 4.00 -5.31
C GLY A 13 -12.49 3.58 -6.73
N GLY A 14 -11.43 2.79 -6.85
CA GLY A 14 -10.91 2.43 -8.15
C GLY A 14 -10.00 3.53 -8.71
N VAL A 15 -9.34 4.21 -7.80
CA VAL A 15 -8.54 5.38 -8.16
C VAL A 15 -7.25 5.39 -7.34
N MET A 16 -6.15 5.59 -8.04
CA MET A 16 -4.84 5.48 -7.42
C MET A 16 -4.51 6.71 -6.59
N THR A 17 -3.65 6.51 -5.59
CA THR A 17 -3.13 7.62 -4.82
C THR A 17 -1.60 7.51 -4.71
N THR A 18 -0.93 8.47 -5.35
CA THR A 18 0.47 8.71 -5.06
C THR A 18 0.64 9.22 -3.62
N LEU A 19 0.48 8.30 -2.69
CA LEU A 19 0.59 8.64 -1.28
C LEU A 19 2.06 8.89 -0.93
N ILE A 20 2.93 8.37 -1.78
CA ILE A 20 4.36 8.54 -1.58
C ILE A 20 5.03 8.80 -2.94
N ALA A 21 6.12 9.56 -2.88
CA ALA A 21 6.67 10.17 -4.09
C ALA A 21 8.20 10.08 -4.05
N LYS A 22 8.80 10.36 -5.20
CA LYS A 22 10.24 10.22 -5.33
C LYS A 22 10.93 11.39 -4.64
N ASN A 23 10.12 12.35 -4.21
CA ASN A 23 10.59 13.39 -3.32
C ASN A 23 9.77 13.36 -2.03
N THR A 24 9.84 12.22 -1.35
CA THR A 24 9.42 12.15 0.03
C THR A 24 10.61 11.86 0.95
N THR A 25 11.57 12.78 0.92
CA THR A 25 12.73 12.67 1.78
C THR A 25 13.59 11.46 1.37
N ILE A 26 13.11 10.28 1.73
CA ILE A 26 13.77 9.05 1.34
C ILE A 26 15.19 9.03 1.90
N PRO A 27 15.32 8.42 3.11
CA PRO A 27 14.32 7.48 3.59
C PRO A 27 13.06 8.22 4.06
N THR A 28 11.99 7.44 4.22
CA THR A 28 10.97 7.78 5.19
C THR A 28 10.09 6.56 5.48
N LYS A 29 9.10 6.77 6.34
CA LYS A 29 8.17 5.71 6.68
C LYS A 29 6.77 6.31 6.80
N HIS A 30 5.86 5.76 6.01
CA HIS A 30 4.47 6.22 6.01
C HIS A 30 3.54 5.05 6.28
N SER A 31 2.36 5.38 6.80
CA SER A 31 1.30 4.40 6.92
C SER A 31 -0.06 5.09 6.80
N GLN A 32 -0.21 5.86 5.73
CA GLN A 32 -1.42 6.63 5.54
C GLN A 32 -2.64 5.72 5.49
N VAL A 33 -3.79 6.30 5.81
CA VAL A 33 -5.01 5.53 5.90
C VAL A 33 -5.24 4.77 4.59
N PHE A 34 -5.58 3.50 4.73
CA PHE A 34 -5.81 2.65 3.57
C PHE A 34 -6.95 1.66 3.84
N SER A 35 -8.17 2.14 3.69
CA SER A 35 -9.34 1.30 3.87
C SER A 35 -9.30 0.13 2.89
N THR A 36 -9.80 -1.01 3.35
CA THR A 36 -9.72 -2.23 2.57
C THR A 36 -10.82 -2.24 1.50
N ALA A 37 -10.39 -2.40 0.25
CA ALA A 37 -11.27 -2.17 -0.87
C ALA A 37 -12.20 -3.36 -1.05
N GLU A 38 -11.95 -4.38 -0.25
CA GLU A 38 -12.89 -5.49 -0.13
C GLU A 38 -13.36 -5.62 1.32
N ASP A 39 -14.31 -4.77 1.68
CA ASP A 39 -14.66 -4.59 3.08
C ASP A 39 -15.33 -5.85 3.61
N ASN A 40 -15.96 -6.58 2.69
CA ASN A 40 -16.68 -7.78 3.06
C ASN A 40 -15.69 -8.88 3.43
N GLN A 41 -14.50 -8.78 2.85
CA GLN A 41 -13.45 -9.75 3.09
C GLN A 41 -12.56 -9.30 4.25
N SER A 42 -12.27 -10.24 5.13
CA SER A 42 -11.46 -9.94 6.31
C SER A 42 -9.97 -9.96 5.95
N ALA A 43 -9.60 -9.04 5.07
CA ALA A 43 -8.23 -8.98 4.59
C ALA A 43 -7.97 -7.59 4.00
N VAL A 44 -6.70 -7.35 3.68
CA VAL A 44 -6.31 -6.09 3.05
C VAL A 44 -5.49 -6.39 1.80
N THR A 45 -5.79 -5.65 0.74
CA THR A 45 -5.21 -5.92 -0.56
C THR A 45 -4.44 -4.70 -1.06
N ILE A 46 -3.13 -4.84 -1.10
CA ILE A 46 -2.28 -3.85 -1.74
C ILE A 46 -2.19 -4.15 -3.24
N HIS A 47 -2.36 -3.11 -4.04
CA HIS A 47 -2.08 -3.20 -5.46
C HIS A 47 -1.35 -1.94 -5.92
N VAL A 48 -0.06 -2.12 -6.21
CA VAL A 48 0.78 -1.01 -6.61
C VAL A 48 0.44 -0.60 -8.04
N LEU A 49 0.31 0.70 -8.23
CA LEU A 49 0.23 1.25 -9.58
C LEU A 49 1.33 2.30 -9.75
N GLN A 50 1.64 2.59 -11.02
CA GLN A 50 2.42 3.77 -11.34
C GLN A 50 2.15 4.19 -12.79
N GLY A 51 2.43 5.46 -13.06
CA GLY A 51 2.18 6.02 -14.38
C GLY A 51 1.75 7.47 -14.29
N GLU A 52 0.82 7.84 -15.16
CA GLU A 52 0.28 9.19 -15.15
C GLU A 52 -1.21 9.17 -15.52
N ARG A 53 -1.90 8.16 -15.01
CA ARG A 53 -3.34 8.13 -15.09
C ARG A 53 -3.94 7.74 -13.73
N LYS A 54 -4.70 8.66 -13.15
CA LYS A 54 -5.06 8.57 -11.75
C LYS A 54 -6.08 7.43 -11.57
N ARG A 55 -6.99 7.34 -12.52
CA ARG A 55 -7.93 6.24 -12.54
C ARG A 55 -7.20 4.91 -12.68
N ALA A 56 -7.37 4.06 -11.68
CA ALA A 56 -6.35 3.09 -11.32
C ALA A 56 -6.22 2.05 -12.43
N ALA A 57 -7.35 1.79 -13.08
CA ALA A 57 -7.44 0.69 -14.02
C ALA A 57 -6.81 1.11 -15.36
N ASP A 58 -6.55 2.41 -15.46
CA ASP A 58 -6.00 2.97 -16.69
C ASP A 58 -4.49 3.16 -16.53
N ASN A 59 -4.01 2.85 -15.34
CA ASN A 59 -2.60 3.03 -15.03
C ASN A 59 -1.90 1.68 -15.04
N LYS A 60 -0.58 1.73 -15.13
CA LYS A 60 0.21 0.52 -15.30
C LYS A 60 0.15 -0.30 -14.01
N SER A 61 -0.01 -1.61 -14.17
CA SER A 61 -0.02 -2.51 -13.05
C SER A 61 1.43 -2.76 -12.58
N LEU A 62 1.55 -3.07 -11.29
CA LEU A 62 2.85 -3.37 -10.72
C LEU A 62 2.66 -4.31 -9.52
N GLY A 63 1.96 -5.41 -9.77
CA GLY A 63 1.91 -6.49 -8.80
C GLY A 63 0.94 -6.15 -7.66
N GLN A 64 0.69 -7.15 -6.83
CA GLN A 64 -0.23 -6.98 -5.71
C GLN A 64 0.12 -7.95 -4.58
N PHE A 65 -0.34 -7.61 -3.39
CA PHE A 65 -0.04 -8.40 -2.21
C PHE A 65 -1.08 -8.16 -1.11
N ASN A 66 -1.49 -9.26 -0.48
CA ASN A 66 -2.61 -9.22 0.45
C ASN A 66 -2.32 -10.13 1.63
N LEU A 67 -2.94 -9.80 2.76
CA LEU A 67 -2.84 -10.64 3.94
C LEU A 67 -4.15 -10.55 4.73
N ASP A 68 -4.53 -11.68 5.32
CA ASP A 68 -5.85 -11.81 5.89
C ASP A 68 -5.79 -11.54 7.40
N GLY A 69 -6.96 -11.54 8.01
CA GLY A 69 -7.04 -11.54 9.46
C GLY A 69 -7.34 -10.14 10.01
N ILE A 70 -7.91 -9.32 9.14
CA ILE A 70 -8.23 -7.95 9.51
C ILE A 70 -9.64 -7.92 10.11
N ASN A 71 -9.92 -6.83 10.81
CA ASN A 71 -11.27 -6.57 11.28
C ASN A 71 -11.86 -5.39 10.51
N PRO A 72 -12.92 -5.70 9.72
CA PRO A 72 -13.74 -4.66 9.12
C PRO A 72 -14.66 -4.02 10.16
N ALA A 73 -14.64 -4.59 11.35
CA ALA A 73 -15.21 -3.92 12.51
C ALA A 73 -14.17 -3.88 13.63
N PRO A 74 -13.25 -2.90 13.52
CA PRO A 74 -12.13 -2.81 14.45
C PRO A 74 -12.58 -2.27 15.81
N ARG A 75 -13.39 -1.22 15.75
CA ARG A 75 -14.10 -0.76 16.93
C ARG A 75 -13.20 0.12 17.79
N GLY A 76 -11.96 -0.33 17.96
CA GLY A 76 -11.05 0.29 18.91
C GLY A 76 -9.90 -0.64 19.27
N MET A 77 -10.23 -1.92 19.38
CA MET A 77 -9.36 -2.86 20.06
C MET A 77 -8.02 -2.99 19.33
N PRO A 78 -8.12 -3.42 18.04
CA PRO A 78 -6.97 -3.97 17.34
C PRO A 78 -5.98 -2.87 16.95
N GLN A 79 -4.93 -3.30 16.25
CA GLN A 79 -3.99 -2.34 15.67
C GLN A 79 -3.54 -2.82 14.29
N ILE A 80 -3.52 -1.89 13.36
CA ILE A 80 -3.29 -2.22 11.96
C ILE A 80 -2.32 -1.21 11.35
N GLU A 81 -1.12 -1.69 11.06
CA GLU A 81 -0.22 -0.97 10.17
C GLU A 81 -0.30 -1.53 8.75
N VAL A 82 -0.57 -0.65 7.81
CA VAL A 82 -0.12 -0.86 6.44
C VAL A 82 1.01 0.12 6.13
N THR A 83 2.22 -0.28 6.52
CA THR A 83 3.39 0.57 6.33
C THR A 83 3.72 0.68 4.85
N PHE A 84 3.62 1.89 4.33
CA PHE A 84 4.22 2.22 3.05
C PHE A 84 5.62 2.81 3.23
N ASP A 85 6.59 1.91 3.27
CA ASP A 85 7.91 2.26 3.77
C ASP A 85 8.92 2.29 2.61
N ILE A 86 9.53 3.45 2.44
CA ILE A 86 10.42 3.66 1.31
C ILE A 86 11.87 3.64 1.80
N ASP A 87 12.65 2.74 1.19
CA ASP A 87 14.05 2.61 1.55
C ASP A 87 14.85 3.74 0.90
N ALA A 88 16.08 3.88 1.36
CA ALA A 88 16.96 4.91 0.83
C ALA A 88 17.22 4.65 -0.65
N ASP A 89 17.15 3.37 -1.01
CA ASP A 89 17.41 2.96 -2.38
C ASP A 89 16.26 3.41 -3.27
N GLY A 90 15.14 3.71 -2.64
CA GLY A 90 13.99 4.24 -3.35
C GLY A 90 13.01 3.13 -3.74
N ILE A 91 13.22 1.97 -3.13
CA ILE A 91 12.24 0.90 -3.21
C ILE A 91 11.12 1.17 -2.19
N LEU A 92 9.89 0.92 -2.63
CA LEU A 92 8.75 0.96 -1.73
C LEU A 92 8.57 -0.41 -1.10
N HIS A 93 9.10 -0.55 0.10
CA HIS A 93 8.79 -1.70 0.94
C HIS A 93 7.40 -1.52 1.56
N VAL A 94 6.41 -2.10 0.90
CA VAL A 94 5.03 -2.02 1.38
C VAL A 94 4.71 -3.28 2.18
N SER A 95 4.26 -3.06 3.40
CA SER A 95 4.04 -4.16 4.33
C SER A 95 2.75 -3.94 5.12
N ALA A 96 2.15 -5.03 5.54
CA ALA A 96 0.98 -4.97 6.39
C ALA A 96 1.13 -5.97 7.55
N LYS A 97 0.69 -5.53 8.72
CA LYS A 97 0.87 -6.32 9.92
C LYS A 97 -0.33 -6.09 10.86
N ASP A 98 -1.09 -7.16 11.05
CA ASP A 98 -2.27 -7.08 11.90
C ASP A 98 -1.92 -7.56 13.31
N LYS A 99 -2.16 -6.69 14.27
CA LYS A 99 -2.10 -7.08 15.67
C LYS A 99 -3.36 -7.89 16.02
N ASN A 100 -4.35 -7.78 15.15
CA ASN A 100 -5.60 -8.49 15.34
C ASN A 100 -5.34 -10.00 15.26
N SER A 101 -4.77 -10.40 14.14
CA SER A 101 -4.60 -11.82 13.86
C SER A 101 -3.15 -12.23 14.12
N GLY A 102 -2.27 -11.24 14.08
CA GLY A 102 -0.86 -11.48 14.35
C GLY A 102 -0.13 -11.87 13.06
N LYS A 103 -0.82 -11.70 11.95
CA LYS A 103 -0.22 -11.95 10.65
C LYS A 103 0.60 -10.74 10.23
N GLU A 104 1.59 -10.99 9.38
CA GLU A 104 2.29 -9.92 8.70
C GLU A 104 3.00 -10.45 7.45
N GLN A 105 3.23 -9.54 6.52
CA GLN A 105 4.06 -9.87 5.37
C GLN A 105 4.37 -8.60 4.57
N LYS A 106 5.12 -8.78 3.49
CA LYS A 106 5.88 -7.69 2.90
C LYS A 106 5.81 -7.80 1.38
N ILE A 107 5.98 -6.65 0.73
CA ILE A 107 6.14 -6.62 -0.71
C ILE A 107 7.06 -5.46 -1.10
N THR A 108 8.14 -5.80 -1.79
CA THR A 108 9.08 -4.78 -2.25
C THR A 108 8.88 -4.51 -3.75
N ILE A 109 8.76 -3.23 -4.05
CA ILE A 109 8.60 -2.81 -5.44
C ILE A 109 9.55 -1.64 -5.73
N LYS A 110 10.38 -1.82 -6.74
CA LYS A 110 11.21 -0.73 -7.23
C LYS A 110 10.32 0.32 -7.89
N ALA A 111 10.87 1.52 -7.99
CA ALA A 111 10.20 2.59 -8.72
C ALA A 111 11.24 3.59 -9.22
N SER A 112 10.97 4.12 -10.41
CA SER A 112 12.02 4.74 -11.21
C SER A 112 13.06 3.69 -11.61
N SER A 113 14.07 4.15 -12.34
CA SER A 113 15.05 3.25 -12.90
C SER A 113 14.37 2.12 -13.67
N GLY A 114 13.39 2.51 -14.47
CA GLY A 114 12.57 1.54 -15.17
C GLY A 114 11.27 2.17 -15.68
N LEU A 115 10.26 1.33 -15.85
CA LEU A 115 8.97 1.80 -16.32
C LEU A 115 7.87 0.91 -15.73
N LEU A 5 7.78 5.52 -11.95
CA LEU A 5 6.97 6.72 -11.87
C LEU A 5 6.44 6.90 -10.45
N SER A 6 5.68 7.97 -10.26
CA SER A 6 4.94 8.15 -9.02
C SER A 6 4.13 6.89 -8.71
N LEU A 7 4.52 6.21 -7.64
CA LEU A 7 3.84 5.00 -7.23
C LEU A 7 2.59 5.38 -6.42
N GLY A 8 1.49 4.73 -6.77
CA GLY A 8 0.31 4.75 -5.92
C GLY A 8 -0.52 3.47 -6.10
N ILE A 9 -1.35 3.20 -5.11
CA ILE A 9 -2.12 1.97 -5.09
C ILE A 9 -3.60 2.30 -5.35
N GLU A 10 -4.36 1.27 -5.66
CA GLU A 10 -5.79 1.42 -5.85
C GLU A 10 -6.51 1.51 -4.51
N THR A 11 -6.55 2.73 -3.98
CA THR A 11 -7.13 2.95 -2.67
C THR A 11 -8.66 3.00 -2.77
N MET A 12 -9.29 3.16 -1.61
CA MET A 12 -10.74 3.14 -1.55
C MET A 12 -11.36 3.93 -2.72
N GLY A 13 -12.16 3.22 -3.51
CA GLY A 13 -12.85 3.86 -4.61
C GLY A 13 -12.38 3.29 -5.95
N GLY A 14 -11.21 2.68 -5.92
CA GLY A 14 -10.60 2.16 -7.14
C GLY A 14 -9.80 3.25 -7.86
N VAL A 15 -9.08 4.03 -7.07
CA VAL A 15 -8.38 5.19 -7.61
C VAL A 15 -6.91 5.14 -7.15
N MET A 16 -6.04 5.49 -8.08
CA MET A 16 -4.61 5.47 -7.79
C MET A 16 -4.21 6.65 -6.90
N THR A 17 -3.93 6.34 -5.64
CA THR A 17 -3.44 7.34 -4.72
C THR A 17 -1.91 7.26 -4.62
N THR A 18 -1.26 8.28 -5.15
CA THR A 18 0.16 8.51 -4.85
C THR A 18 0.33 8.85 -3.37
N LEU A 19 0.38 7.80 -2.55
CA LEU A 19 0.74 7.97 -1.16
C LEU A 19 2.21 8.38 -1.05
N ILE A 20 3.07 7.59 -1.69
CA ILE A 20 4.48 7.89 -1.72
C ILE A 20 4.80 8.66 -2.99
N ALA A 21 5.57 9.73 -2.82
CA ALA A 21 5.95 10.57 -3.95
C ALA A 21 7.27 10.07 -4.54
N LYS A 22 7.49 10.42 -5.80
CA LYS A 22 8.77 10.16 -6.43
C LYS A 22 9.87 10.87 -5.63
N ASN A 23 10.71 10.07 -4.99
CA ASN A 23 11.73 10.62 -4.10
C ASN A 23 11.05 11.37 -2.95
N THR A 24 10.31 10.62 -2.15
CA THR A 24 9.83 11.13 -0.88
C THR A 24 10.98 11.29 0.11
N THR A 25 11.91 12.17 -0.26
CA THR A 25 12.94 12.59 0.68
C THR A 25 13.44 11.40 1.49
N ILE A 26 14.12 10.49 0.79
CA ILE A 26 14.40 9.18 1.34
C ILE A 26 15.47 9.31 2.43
N PRO A 27 15.58 8.24 3.26
CA PRO A 27 14.46 7.33 3.46
C PRO A 27 13.39 7.97 4.35
N THR A 28 12.21 7.36 4.34
CA THR A 28 11.14 7.79 5.22
C THR A 28 10.05 6.73 5.28
N LYS A 29 9.21 6.83 6.31
CA LYS A 29 8.08 5.93 6.46
C LYS A 29 6.78 6.74 6.41
N HIS A 30 5.77 6.14 5.81
CA HIS A 30 4.42 6.64 5.93
C HIS A 30 3.48 5.49 6.29
N SER A 31 2.84 5.63 7.44
CA SER A 31 1.76 4.73 7.82
C SER A 31 0.41 5.32 7.38
N GLN A 32 -0.32 4.52 6.62
CA GLN A 32 -1.61 4.95 6.12
C GLN A 32 -2.46 3.73 5.75
N VAL A 33 -3.75 3.82 6.10
CA VAL A 33 -4.67 2.72 5.83
C VAL A 33 -5.72 3.20 4.83
N PHE A 34 -5.86 2.41 3.77
CA PHE A 34 -6.92 2.66 2.80
C PHE A 34 -7.15 1.43 1.92
N SER A 35 -7.09 0.26 2.55
CA SER A 35 -7.18 -0.99 1.82
C SER A 35 -8.16 -1.93 2.52
N THR A 36 -9.11 -1.33 3.21
CA THR A 36 -10.22 -2.09 3.76
C THR A 36 -11.55 -1.45 3.36
N ALA A 37 -11.80 -1.44 2.05
CA ALA A 37 -12.98 -0.77 1.52
C ALA A 37 -14.22 -1.62 1.82
N GLU A 38 -14.10 -2.91 1.54
CA GLU A 38 -15.19 -3.83 1.79
C GLU A 38 -15.05 -4.46 3.17
N ASP A 39 -16.02 -4.19 4.03
CA ASP A 39 -15.92 -4.58 5.42
C ASP A 39 -16.00 -6.10 5.52
N ASN A 40 -16.79 -6.69 4.64
CA ASN A 40 -16.95 -8.13 4.60
C ASN A 40 -15.60 -8.77 4.30
N GLN A 41 -14.88 -8.16 3.37
CA GLN A 41 -13.60 -8.70 2.94
C GLN A 41 -12.60 -8.69 4.10
N SER A 42 -12.41 -9.86 4.69
CA SER A 42 -11.51 -9.99 5.82
C SER A 42 -10.06 -10.08 5.35
N ALA A 43 -9.63 -9.03 4.65
CA ALA A 43 -8.31 -9.03 4.04
C ALA A 43 -7.89 -7.59 3.74
N VAL A 44 -6.65 -7.45 3.32
CA VAL A 44 -6.28 -6.33 2.46
C VAL A 44 -5.87 -6.87 1.09
N THR A 45 -6.15 -6.06 0.07
CA THR A 45 -5.83 -6.43 -1.30
C THR A 45 -5.24 -5.25 -2.05
N ILE A 46 -3.92 -5.21 -2.09
CA ILE A 46 -3.21 -4.08 -2.68
C ILE A 46 -2.75 -4.46 -4.10
N HIS A 47 -3.07 -3.60 -5.04
CA HIS A 47 -2.32 -3.55 -6.28
C HIS A 47 -1.50 -2.26 -6.35
N VAL A 48 -0.19 -2.44 -6.47
CA VAL A 48 0.70 -1.32 -6.70
C VAL A 48 0.59 -0.88 -8.16
N LEU A 49 0.39 0.43 -8.33
CA LEU A 49 0.38 1.00 -9.65
C LEU A 49 1.37 2.16 -9.71
N GLN A 50 1.71 2.57 -10.93
CA GLN A 50 2.41 3.82 -11.14
C GLN A 50 1.97 4.46 -12.46
N GLY A 51 1.82 5.78 -12.41
CA GLY A 51 1.22 6.50 -13.52
C GLY A 51 0.76 7.89 -13.08
N GLU A 52 -0.19 8.43 -13.83
CA GLU A 52 -0.62 9.80 -13.63
C GLU A 52 -2.02 10.01 -14.23
N ARG A 53 -2.85 8.99 -14.08
CA ARG A 53 -4.13 8.96 -14.76
C ARG A 53 -5.28 8.91 -13.75
N LYS A 54 -4.92 9.14 -12.48
CA LYS A 54 -5.91 9.20 -11.43
C LYS A 54 -6.52 7.80 -11.22
N ARG A 55 -7.40 7.44 -12.14
CA ARG A 55 -8.11 6.17 -12.02
C ARG A 55 -7.13 5.00 -12.15
N ALA A 56 -7.35 3.99 -11.32
CA ALA A 56 -6.38 2.92 -11.17
C ALA A 56 -6.47 1.99 -12.38
N ALA A 57 -7.63 2.00 -13.01
CA ALA A 57 -7.93 1.02 -14.04
C ALA A 57 -7.19 1.40 -15.33
N ASP A 58 -6.62 2.59 -15.31
CA ASP A 58 -5.89 3.08 -16.48
C ASP A 58 -4.39 3.04 -16.18
N ASN A 59 -4.07 2.58 -14.98
CA ASN A 59 -2.76 2.86 -14.40
C ASN A 59 -1.93 1.58 -14.36
N LYS A 60 -0.63 1.75 -14.50
CA LYS A 60 0.26 0.63 -14.79
C LYS A 60 0.56 -0.12 -13.49
N SER A 61 0.02 -1.32 -13.40
CA SER A 61 0.37 -2.22 -12.30
C SER A 61 1.72 -2.89 -12.60
N LEU A 62 2.45 -3.16 -11.52
CA LEU A 62 3.70 -3.88 -11.64
C LEU A 62 3.97 -4.64 -10.34
N GLY A 63 2.89 -4.88 -9.60
CA GLY A 63 3.01 -5.38 -8.25
C GLY A 63 1.64 -5.57 -7.61
N GLN A 64 1.54 -6.57 -6.75
CA GLN A 64 0.31 -6.83 -6.02
C GLN A 64 0.57 -7.78 -4.85
N PHE A 65 -0.22 -7.61 -3.80
CA PHE A 65 -0.15 -8.53 -2.67
C PHE A 65 -1.39 -8.36 -1.77
N ASN A 66 -1.62 -9.37 -0.96
CA ASN A 66 -2.76 -9.37 -0.06
C ASN A 66 -2.33 -9.85 1.33
N LEU A 67 -3.23 -9.70 2.28
CA LEU A 67 -3.16 -10.47 3.51
C LEU A 67 -4.57 -10.84 3.96
N ASP A 68 -4.94 -12.09 3.70
CA ASP A 68 -6.27 -12.56 4.00
C ASP A 68 -6.27 -13.27 5.35
N GLY A 69 -7.41 -13.20 6.02
CA GLY A 69 -7.51 -13.69 7.38
C GLY A 69 -7.00 -12.65 8.38
N ILE A 70 -7.10 -11.40 7.98
CA ILE A 70 -6.64 -10.30 8.82
C ILE A 70 -7.64 -10.09 9.96
N ASN A 71 -7.11 -9.74 11.12
CA ASN A 71 -7.88 -9.78 12.35
C ASN A 71 -7.34 -8.74 13.32
N PRO A 72 -7.74 -7.45 13.10
CA PRO A 72 -7.70 -6.46 14.15
C PRO A 72 -8.83 -6.68 15.17
N ALA A 73 -8.43 -6.97 16.39
CA ALA A 73 -9.40 -7.16 17.47
C ALA A 73 -9.87 -5.79 17.97
N PRO A 74 -11.04 -5.82 18.67
CA PRO A 74 -11.40 -4.73 19.56
C PRO A 74 -10.58 -4.79 20.86
N ARG A 75 -10.54 -5.98 21.44
CA ARG A 75 -9.98 -6.15 22.76
C ARG A 75 -8.51 -5.77 22.76
N GLY A 76 -8.18 -4.78 23.59
CA GLY A 76 -6.79 -4.36 23.74
C GLY A 76 -6.51 -3.09 22.94
N MET A 77 -7.48 -2.73 22.10
CA MET A 77 -7.30 -1.60 21.20
C MET A 77 -5.97 -1.68 20.46
N PRO A 78 -5.83 -2.77 19.64
CA PRO A 78 -4.74 -2.86 18.70
C PRO A 78 -4.97 -1.93 17.50
N GLN A 79 -4.03 -1.97 16.57
CA GLN A 79 -4.14 -1.19 15.35
C GLN A 79 -3.72 -2.01 14.14
N ILE A 80 -4.27 -1.64 12.99
CA ILE A 80 -3.73 -2.11 11.72
C ILE A 80 -2.80 -1.05 11.14
N GLU A 81 -1.70 -1.51 10.56
CA GLU A 81 -0.74 -0.61 9.95
C GLU A 81 -0.26 -1.17 8.62
N VAL A 82 -0.79 -0.62 7.54
CA VAL A 82 -0.31 -0.93 6.20
C VAL A 82 0.81 0.04 5.84
N THR A 83 2.04 -0.41 6.04
CA THR A 83 3.19 0.47 5.97
C THR A 83 3.50 0.82 4.51
N PHE A 84 3.85 2.08 4.29
CA PHE A 84 4.56 2.46 3.08
C PHE A 84 5.95 3.01 3.40
N ASP A 85 6.92 2.11 3.41
CA ASP A 85 8.25 2.45 3.88
C ASP A 85 9.22 2.46 2.70
N ILE A 86 9.81 3.62 2.46
CA ILE A 86 10.65 3.81 1.30
C ILE A 86 12.12 3.88 1.73
N ASP A 87 12.92 3.01 1.15
CA ASP A 87 14.26 2.78 1.64
C ASP A 87 15.24 3.69 0.89
N ALA A 88 16.46 3.76 1.41
CA ALA A 88 17.50 4.55 0.78
C ALA A 88 17.80 3.98 -0.60
N ASP A 89 17.70 2.65 -0.70
CA ASP A 89 18.02 1.97 -1.94
C ASP A 89 16.99 2.34 -3.00
N GLY A 90 15.86 2.86 -2.54
CA GLY A 90 14.87 3.43 -3.43
C GLY A 90 13.79 2.41 -3.79
N ILE A 91 13.72 1.37 -2.96
CA ILE A 91 12.60 0.45 -3.03
C ILE A 91 11.52 0.86 -2.01
N LEU A 92 10.28 0.75 -2.45
CA LEU A 92 9.16 0.87 -1.52
C LEU A 92 8.84 -0.51 -0.96
N HIS A 93 9.05 -0.64 0.34
CA HIS A 93 8.55 -1.79 1.08
C HIS A 93 7.11 -1.51 1.55
N VAL A 94 6.19 -2.29 1.00
CA VAL A 94 4.81 -2.22 1.45
C VAL A 94 4.45 -3.52 2.17
N SER A 95 3.86 -3.37 3.35
CA SER A 95 3.63 -4.51 4.23
C SER A 95 2.38 -4.26 5.08
N ALA A 96 1.52 -5.26 5.11
CA ALA A 96 0.31 -5.18 5.92
C ALA A 96 0.60 -5.75 7.31
N LYS A 97 0.78 -4.84 8.25
CA LYS A 97 1.20 -5.23 9.59
C LYS A 97 -0.02 -5.25 10.52
N ASP A 98 -0.42 -6.45 10.88
CA ASP A 98 -1.50 -6.61 11.85
C ASP A 98 -0.89 -6.82 13.25
N LYS A 99 -1.17 -5.87 14.13
CA LYS A 99 -0.52 -5.83 15.42
C LYS A 99 -1.14 -6.89 16.34
N ASN A 100 -2.38 -7.23 16.04
CA ASN A 100 -3.14 -8.12 16.90
C ASN A 100 -2.82 -9.57 16.54
N SER A 101 -2.88 -9.86 15.26
CA SER A 101 -2.53 -11.19 14.77
C SER A 101 -1.01 -11.39 14.81
N GLY A 102 -0.30 -10.28 14.64
CA GLY A 102 1.14 -10.30 14.77
C GLY A 102 1.82 -10.66 13.44
N LYS A 103 0.99 -10.92 12.44
CA LYS A 103 1.49 -11.26 11.13
C LYS A 103 1.87 -9.98 10.39
N GLU A 104 2.87 -10.10 9.53
CA GLU A 104 3.16 -9.06 8.56
C GLU A 104 3.50 -9.67 7.19
N GLN A 105 2.69 -9.31 6.21
CA GLN A 105 2.89 -9.81 4.86
C GLN A 105 3.54 -8.73 3.98
N LYS A 106 4.64 -9.13 3.35
CA LYS A 106 5.55 -8.16 2.77
C LYS A 106 5.34 -8.13 1.26
N ILE A 107 5.62 -6.97 0.68
CA ILE A 107 5.83 -6.87 -0.76
C ILE A 107 6.80 -5.73 -1.06
N THR A 108 7.88 -6.07 -1.75
CA THR A 108 8.84 -5.07 -2.17
C THR A 108 8.60 -4.66 -3.62
N ILE A 109 8.50 -3.35 -3.83
CA ILE A 109 8.39 -2.81 -5.18
C ILE A 109 9.32 -1.60 -5.32
N LYS A 110 10.00 -1.55 -6.45
CA LYS A 110 10.88 -0.44 -6.74
C LYS A 110 10.08 0.86 -6.72
N ALA A 111 10.81 1.97 -6.58
CA ALA A 111 10.22 3.29 -6.73
C ALA A 111 11.13 4.16 -7.58
N SER A 112 10.54 5.17 -8.19
CA SER A 112 11.30 6.17 -8.91
C SER A 112 11.81 5.59 -10.23
N SER A 113 11.32 6.17 -11.33
CA SER A 113 11.81 5.80 -12.64
C SER A 113 11.56 4.32 -12.90
N GLY A 114 12.19 3.81 -13.95
CA GLY A 114 12.02 2.43 -14.33
C GLY A 114 10.55 2.12 -14.64
N LEU A 115 9.89 3.10 -15.23
CA LEU A 115 8.44 3.06 -15.36
C LEU A 115 8.07 2.14 -16.52
N LEU A 5 9.28 6.04 -11.66
CA LEU A 5 8.03 6.76 -11.73
C LEU A 5 7.40 6.84 -10.35
N SER A 6 6.44 7.74 -10.21
CA SER A 6 5.72 7.89 -8.95
C SER A 6 4.84 6.65 -8.71
N LEU A 7 5.08 6.00 -7.59
CA LEU A 7 4.28 4.85 -7.20
C LEU A 7 3.05 5.33 -6.42
N GLY A 8 1.91 4.75 -6.78
CA GLY A 8 0.69 4.98 -6.02
C GLY A 8 -0.18 3.71 -6.00
N ILE A 9 -0.83 3.51 -4.86
CA ILE A 9 -1.56 2.28 -4.63
C ILE A 9 -3.03 2.48 -5.01
N GLU A 10 -3.66 1.40 -5.43
CA GLU A 10 -5.11 1.38 -5.58
C GLU A 10 -5.80 1.20 -4.22
N THR A 11 -6.54 2.21 -3.83
CA THR A 11 -7.47 2.07 -2.72
C THR A 11 -8.91 2.20 -3.21
N MET A 12 -9.85 1.86 -2.32
CA MET A 12 -11.24 1.76 -2.71
C MET A 12 -11.70 3.02 -3.45
N GLY A 13 -12.48 2.78 -4.50
CA GLY A 13 -12.82 3.85 -5.43
C GLY A 13 -12.22 3.59 -6.81
N GLY A 14 -11.28 2.66 -6.85
CA GLY A 14 -10.56 2.38 -8.08
C GLY A 14 -9.65 3.54 -8.48
N VAL A 15 -8.97 4.08 -7.47
CA VAL A 15 -8.28 5.36 -7.64
C VAL A 15 -6.84 5.20 -7.15
N MET A 16 -5.92 5.77 -7.93
CA MET A 16 -4.51 5.68 -7.59
C MET A 16 -4.14 6.70 -6.51
N THR A 17 -4.06 6.21 -5.29
CA THR A 17 -3.56 7.01 -4.18
C THR A 17 -2.04 7.16 -4.27
N THR A 18 -1.62 8.19 -4.99
CA THR A 18 -0.21 8.54 -5.04
C THR A 18 0.25 9.11 -3.69
N LEU A 19 0.43 8.20 -2.74
CA LEU A 19 0.82 8.60 -1.39
C LEU A 19 2.34 8.81 -1.35
N ILE A 20 2.98 8.49 -2.46
CA ILE A 20 4.39 8.78 -2.62
C ILE A 20 4.66 9.22 -4.06
N ALA A 21 5.66 10.07 -4.21
CA ALA A 21 6.04 10.57 -5.53
C ALA A 21 7.47 10.15 -5.84
N LYS A 22 7.80 10.19 -7.12
CA LYS A 22 9.13 9.80 -7.57
C LYS A 22 10.18 10.55 -6.72
N ASN A 23 9.86 11.80 -6.42
CA ASN A 23 10.79 12.65 -5.69
C ASN A 23 10.25 12.92 -4.28
N THR A 24 10.09 11.84 -3.53
CA THR A 24 9.77 11.95 -2.12
C THR A 24 11.04 11.96 -1.27
N THR A 25 12.00 12.77 -1.71
CA THR A 25 13.28 12.84 -1.03
C THR A 25 13.98 11.48 -1.03
N ILE A 26 13.51 10.60 -0.17
CA ILE A 26 14.12 9.29 -0.02
C ILE A 26 15.52 9.45 0.56
N PRO A 27 15.82 8.61 1.59
CA PRO A 27 14.82 7.68 2.09
C PRO A 27 13.76 8.40 2.94
N THR A 28 12.62 7.74 3.06
CA THR A 28 11.56 8.25 3.92
C THR A 28 10.52 7.18 4.19
N LYS A 29 9.63 7.47 5.13
CA LYS A 29 8.68 6.48 5.59
C LYS A 29 7.29 7.12 5.70
N HIS A 30 6.32 6.44 5.13
CA HIS A 30 4.92 6.82 5.32
C HIS A 30 4.13 5.61 5.80
N SER A 31 3.06 5.90 6.53
CA SER A 31 2.18 4.85 7.02
C SER A 31 0.85 5.46 7.46
N GLN A 32 -0.10 4.58 7.75
CA GLN A 32 -1.36 5.00 8.33
C GLN A 32 -2.14 5.87 7.35
N VAL A 33 -3.36 6.22 7.74
CA VAL A 33 -4.35 6.64 6.78
C VAL A 33 -4.56 5.54 5.74
N PHE A 34 -4.49 4.30 6.21
CA PHE A 34 -4.83 3.17 5.38
C PHE A 34 -5.42 2.03 6.22
N SER A 35 -6.28 1.24 5.59
CA SER A 35 -7.11 0.29 6.31
C SER A 35 -7.92 -0.55 5.33
N THR A 36 -8.66 -1.49 5.89
CA THR A 36 -9.47 -2.38 5.07
C THR A 36 -10.74 -1.68 4.60
N ALA A 37 -10.56 -0.78 3.64
CA ALA A 37 -11.65 -0.41 2.75
C ALA A 37 -11.91 -1.55 1.76
N GLU A 38 -12.59 -2.57 2.26
CA GLU A 38 -12.57 -3.87 1.61
C GLU A 38 -13.87 -4.62 1.90
N ASP A 39 -14.47 -5.14 0.83
CA ASP A 39 -15.77 -5.76 0.93
C ASP A 39 -15.68 -6.97 1.86
N ASN A 40 -14.52 -7.61 1.86
CA ASN A 40 -14.30 -8.77 2.70
C ASN A 40 -14.25 -8.33 4.16
N GLN A 41 -13.65 -7.17 4.38
CA GLN A 41 -13.50 -6.64 5.72
C GLN A 41 -12.85 -7.68 6.63
N SER A 42 -11.74 -8.23 6.16
CA SER A 42 -11.04 -9.26 6.90
C SER A 42 -9.59 -9.35 6.41
N ALA A 43 -9.44 -9.47 5.10
CA ALA A 43 -8.13 -9.46 4.49
C ALA A 43 -7.90 -8.11 3.80
N VAL A 44 -6.65 -7.86 3.44
CA VAL A 44 -6.26 -6.56 2.92
C VAL A 44 -5.44 -6.75 1.65
N THR A 45 -5.97 -6.21 0.56
CA THR A 45 -5.24 -6.18 -0.70
C THR A 45 -4.64 -4.79 -0.92
N ILE A 46 -3.38 -4.78 -1.35
CA ILE A 46 -2.80 -3.60 -1.95
C ILE A 46 -2.39 -3.91 -3.39
N HIS A 47 -2.84 -3.07 -4.30
CA HIS A 47 -2.42 -3.16 -5.69
C HIS A 47 -1.54 -1.95 -6.03
N VAL A 48 -0.25 -2.23 -6.21
CA VAL A 48 0.69 -1.20 -6.58
C VAL A 48 0.39 -0.73 -8.01
N LEU A 49 0.34 0.59 -8.16
CA LEU A 49 0.34 1.19 -9.48
C LEU A 49 1.54 2.12 -9.61
N GLN A 50 1.81 2.53 -10.84
CA GLN A 50 2.88 3.48 -11.11
C GLN A 50 2.55 4.31 -12.35
N GLY A 51 2.85 5.60 -12.25
CA GLY A 51 2.60 6.51 -13.36
C GLY A 51 2.40 7.94 -12.86
N GLU A 52 1.36 8.58 -13.39
CA GLU A 52 1.17 10.00 -13.16
C GLU A 52 -0.28 10.40 -13.44
N ARG A 53 -1.20 9.53 -13.02
CA ARG A 53 -2.61 9.76 -13.25
C ARG A 53 -3.39 9.62 -11.93
N LYS A 54 -4.59 10.20 -11.94
CA LYS A 54 -5.42 10.19 -10.75
C LYS A 54 -6.13 8.84 -10.64
N ARG A 55 -6.86 8.50 -11.68
CA ARG A 55 -7.62 7.28 -11.70
C ARG A 55 -6.75 6.10 -12.15
N ALA A 56 -7.03 4.93 -11.60
CA ALA A 56 -6.06 3.85 -11.60
C ALA A 56 -6.10 3.14 -12.95
N ALA A 57 -7.17 3.41 -13.68
CA ALA A 57 -7.46 2.64 -14.89
C ALA A 57 -6.55 3.13 -16.02
N ASP A 58 -5.86 4.23 -15.76
CA ASP A 58 -4.97 4.81 -16.74
C ASP A 58 -3.52 4.68 -16.26
N ASN A 59 -3.34 3.88 -15.22
CA ASN A 59 -2.08 3.84 -14.51
C ASN A 59 -1.49 2.42 -14.63
N LYS A 60 -0.16 2.37 -14.64
CA LYS A 60 0.53 1.13 -14.97
C LYS A 60 0.59 0.24 -13.72
N SER A 61 0.46 -1.06 -13.95
CA SER A 61 0.37 -2.01 -12.86
C SER A 61 1.78 -2.32 -12.34
N LEU A 62 1.82 -2.85 -11.13
CA LEU A 62 3.01 -3.53 -10.65
C LEU A 62 2.62 -4.61 -9.65
N GLY A 63 1.64 -5.41 -10.06
CA GLY A 63 1.22 -6.55 -9.26
C GLY A 63 0.62 -6.09 -7.93
N GLN A 64 0.45 -7.05 -7.03
CA GLN A 64 -0.32 -6.81 -5.82
C GLN A 64 0.12 -7.78 -4.71
N PHE A 65 -0.26 -7.44 -3.49
CA PHE A 65 -0.15 -8.38 -2.39
C PHE A 65 -1.38 -8.33 -1.50
N ASN A 66 -1.76 -9.51 -1.00
CA ASN A 66 -2.92 -9.61 -0.13
C ASN A 66 -2.65 -10.70 0.92
N LEU A 67 -3.03 -10.39 2.15
CA LEU A 67 -2.99 -11.39 3.21
C LEU A 67 -4.13 -11.12 4.20
N ASP A 68 -4.63 -12.20 4.79
CA ASP A 68 -5.64 -12.09 5.82
C ASP A 68 -4.97 -11.73 7.15
N GLY A 69 -5.78 -11.27 8.09
CA GLY A 69 -5.28 -10.97 9.43
C GLY A 69 -6.28 -10.09 10.18
N ILE A 70 -6.78 -9.08 9.48
CA ILE A 70 -7.57 -8.04 10.12
C ILE A 70 -8.93 -8.62 10.52
N ASN A 71 -9.42 -8.15 11.66
CA ASN A 71 -10.72 -8.58 12.14
C ASN A 71 -11.78 -7.55 11.74
N PRO A 72 -13.01 -8.06 11.47
CA PRO A 72 -14.17 -7.18 11.36
C PRO A 72 -14.62 -6.69 12.74
N ALA A 73 -14.93 -7.65 13.60
CA ALA A 73 -15.42 -7.33 14.93
C ALA A 73 -14.24 -6.97 15.82
N PRO A 74 -14.54 -6.12 16.85
CA PRO A 74 -13.53 -5.73 17.82
C PRO A 74 -13.24 -6.88 18.80
N ARG A 75 -12.95 -8.04 18.23
CA ARG A 75 -13.03 -9.28 18.99
C ARG A 75 -11.96 -9.30 20.09
N GLY A 76 -10.81 -8.76 19.76
CA GLY A 76 -9.71 -8.69 20.70
C GLY A 76 -9.05 -7.31 20.68
N MET A 77 -9.88 -6.29 20.59
CA MET A 77 -9.39 -4.92 20.52
C MET A 77 -8.25 -4.80 19.51
N PRO A 78 -8.58 -5.11 18.23
CA PRO A 78 -7.56 -5.37 17.23
C PRO A 78 -6.87 -4.07 16.79
N GLN A 79 -5.87 -4.23 15.94
CA GLN A 79 -5.10 -3.09 15.46
C GLN A 79 -4.31 -3.46 14.21
N ILE A 80 -4.04 -2.45 13.40
CA ILE A 80 -3.46 -2.68 12.08
C ILE A 80 -2.69 -1.43 11.65
N GLU A 81 -1.53 -1.66 11.08
CA GLU A 81 -0.91 -0.68 10.20
C GLU A 81 -0.56 -1.32 8.85
N VAL A 82 -0.81 -0.57 7.79
CA VAL A 82 -0.18 -0.86 6.51
C VAL A 82 0.89 0.21 6.22
N THR A 83 2.13 -0.25 6.18
CA THR A 83 3.25 0.66 5.98
C THR A 83 3.50 0.87 4.48
N PHE A 84 3.95 2.08 4.15
CA PHE A 84 4.37 2.38 2.80
C PHE A 84 5.64 3.22 2.79
N ASP A 85 6.77 2.53 2.79
CA ASP A 85 8.02 3.13 3.25
C ASP A 85 9.14 2.81 2.26
N ILE A 86 9.77 3.88 1.77
CA ILE A 86 10.69 3.74 0.66
C ILE A 86 12.13 3.75 1.18
N ASP A 87 12.90 2.80 0.69
CA ASP A 87 14.26 2.62 1.18
C ASP A 87 15.22 3.47 0.35
N ALA A 88 16.46 3.52 0.79
CA ALA A 88 17.45 4.40 0.18
C ALA A 88 17.64 4.00 -1.28
N ASP A 89 17.55 2.70 -1.53
CA ASP A 89 17.79 2.17 -2.86
C ASP A 89 16.65 2.60 -3.79
N GLY A 90 15.56 3.02 -3.18
CA GLY A 90 14.46 3.61 -3.92
C GLY A 90 13.40 2.56 -4.26
N ILE A 91 13.44 1.47 -3.50
CA ILE A 91 12.36 0.49 -3.54
C ILE A 91 11.33 0.81 -2.47
N LEU A 92 10.06 0.77 -2.88
CA LEU A 92 8.97 0.90 -1.93
C LEU A 92 8.71 -0.45 -1.26
N HIS A 93 9.03 -0.52 0.02
CA HIS A 93 8.55 -1.60 0.86
C HIS A 93 7.11 -1.30 1.32
N VAL A 94 6.21 -2.20 0.95
CA VAL A 94 4.84 -2.11 1.43
C VAL A 94 4.50 -3.39 2.19
N SER A 95 3.89 -3.20 3.35
CA SER A 95 3.67 -4.30 4.27
C SER A 95 2.45 -4.02 5.16
N ALA A 96 1.85 -5.08 5.64
CA ALA A 96 0.82 -4.96 6.67
C ALA A 96 1.21 -5.79 7.89
N LYS A 97 0.92 -5.25 9.06
CA LYS A 97 1.24 -5.92 10.30
C LYS A 97 0.01 -5.91 11.22
N ASP A 98 -0.56 -7.09 11.42
CA ASP A 98 -1.81 -7.21 12.14
C ASP A 98 -1.51 -7.56 13.60
N LYS A 99 -2.05 -6.74 14.50
CA LYS A 99 -2.03 -7.07 15.91
C LYS A 99 -3.02 -8.20 16.18
N ASN A 100 -4.06 -8.24 15.35
CA ASN A 100 -5.18 -9.13 15.59
C ASN A 100 -4.71 -10.58 15.51
N SER A 101 -4.12 -10.91 14.36
CA SER A 101 -3.79 -12.30 14.07
C SER A 101 -2.30 -12.55 14.35
N GLY A 102 -1.58 -11.45 14.54
CA GLY A 102 -0.15 -11.53 14.76
C GLY A 102 0.60 -11.72 13.43
N LYS A 103 -0.14 -11.56 12.35
CA LYS A 103 0.42 -11.77 11.02
C LYS A 103 1.28 -10.56 10.64
N GLU A 104 2.21 -10.80 9.72
CA GLU A 104 2.83 -9.72 9.00
C GLU A 104 3.20 -10.16 7.58
N GLN A 105 2.83 -9.34 6.62
CA GLN A 105 3.10 -9.64 5.22
C GLN A 105 3.76 -8.44 4.53
N LYS A 106 4.74 -8.75 3.69
CA LYS A 106 5.61 -7.72 3.16
C LYS A 106 5.78 -7.93 1.65
N ILE A 107 5.92 -6.81 0.96
CA ILE A 107 6.09 -6.85 -0.50
C ILE A 107 6.98 -5.68 -0.93
N THR A 108 7.97 -6.02 -1.74
CA THR A 108 8.94 -5.03 -2.19
C THR A 108 8.77 -4.76 -3.69
N ILE A 109 8.61 -3.48 -4.01
CA ILE A 109 8.39 -3.07 -5.39
C ILE A 109 9.20 -1.82 -5.68
N LYS A 110 9.89 -1.86 -6.81
CA LYS A 110 10.70 -0.72 -7.24
C LYS A 110 9.78 0.31 -7.89
N ALA A 111 10.05 1.58 -7.57
CA ALA A 111 9.21 2.66 -8.05
C ALA A 111 9.69 3.10 -9.44
N SER A 112 9.59 2.17 -10.38
CA SER A 112 10.09 2.41 -11.72
C SER A 112 9.66 1.28 -12.65
N SER A 113 9.33 1.65 -13.88
CA SER A 113 9.13 0.66 -14.93
C SER A 113 9.20 1.35 -16.30
N GLY A 114 8.32 2.33 -16.49
CA GLY A 114 8.27 3.05 -17.74
C GLY A 114 6.83 3.17 -18.25
N LEU A 115 6.45 4.39 -18.60
CA LEU A 115 5.11 4.64 -19.08
C LEU A 115 5.13 5.83 -20.05
N LEU A 5 8.66 4.90 -12.51
CA LEU A 5 7.75 6.01 -12.28
C LEU A 5 7.27 5.95 -10.82
N SER A 6 6.42 6.91 -10.48
CA SER A 6 5.93 7.03 -9.11
C SER A 6 5.19 5.75 -8.71
N LEU A 7 5.39 5.35 -7.46
CA LEU A 7 4.79 4.13 -6.96
C LEU A 7 3.57 4.48 -6.10
N GLY A 8 2.42 4.02 -6.55
CA GLY A 8 1.18 4.26 -5.83
C GLY A 8 0.45 2.95 -5.56
N ILE A 9 -0.71 3.08 -4.90
CA ILE A 9 -1.58 1.93 -4.69
C ILE A 9 -3.01 2.32 -5.07
N GLU A 10 -3.83 1.30 -5.25
CA GLU A 10 -5.26 1.50 -5.42
C GLU A 10 -5.92 1.79 -4.08
N THR A 11 -6.66 2.89 -4.03
CA THR A 11 -7.26 3.34 -2.79
C THR A 11 -8.75 3.64 -2.99
N MET A 12 -9.46 3.73 -1.88
CA MET A 12 -10.92 3.66 -1.92
C MET A 12 -11.49 4.66 -2.92
N GLY A 13 -12.28 4.14 -3.84
CA GLY A 13 -12.82 4.94 -4.93
C GLY A 13 -12.58 4.27 -6.28
N GLY A 14 -11.59 3.38 -6.30
CA GLY A 14 -11.16 2.77 -7.55
C GLY A 14 -10.12 3.64 -8.26
N VAL A 15 -9.32 4.32 -7.46
CA VAL A 15 -8.45 5.36 -7.97
C VAL A 15 -7.07 5.24 -7.33
N MET A 16 -6.05 5.58 -8.11
CA MET A 16 -4.69 5.54 -7.62
C MET A 16 -4.45 6.61 -6.55
N THR A 17 -3.51 6.32 -5.67
CA THR A 17 -2.94 7.35 -4.82
C THR A 17 -1.41 7.35 -4.92
N THR A 18 -0.87 8.52 -5.25
CA THR A 18 0.57 8.71 -5.19
C THR A 18 1.05 8.68 -3.74
N LEU A 19 1.07 7.47 -3.19
CA LEU A 19 1.47 7.29 -1.80
C LEU A 19 2.94 7.69 -1.64
N ILE A 20 3.73 7.33 -2.65
CA ILE A 20 5.10 7.81 -2.73
C ILE A 20 5.33 8.42 -4.11
N ALA A 21 6.27 9.35 -4.16
CA ALA A 21 6.66 9.97 -5.41
C ALA A 21 8.17 9.81 -5.61
N LYS A 22 8.61 10.12 -6.82
CA LYS A 22 10.00 9.91 -7.18
C LYS A 22 10.89 10.64 -6.18
N ASN A 23 10.48 11.86 -5.84
CA ASN A 23 11.26 12.69 -4.93
C ASN A 23 10.42 13.04 -3.70
N THR A 24 10.02 11.99 -2.99
CA THR A 24 9.45 12.17 -1.67
C THR A 24 10.55 12.44 -0.64
N THR A 25 11.39 13.41 -0.98
CA THR A 25 12.70 13.51 -0.35
C THR A 25 13.44 12.18 -0.45
N ILE A 26 13.04 11.25 0.39
CA ILE A 26 13.71 9.96 0.47
C ILE A 26 15.13 10.16 1.02
N PRO A 27 15.48 9.33 2.04
CA PRO A 27 14.54 8.34 2.55
C PRO A 27 13.44 9.00 3.39
N THR A 28 12.33 8.29 3.51
CA THR A 28 11.24 8.75 4.36
C THR A 28 10.31 7.58 4.70
N LYS A 29 9.46 7.81 5.69
CA LYS A 29 8.77 6.71 6.36
C LYS A 29 7.36 7.16 6.73
N HIS A 30 6.38 6.37 6.31
CA HIS A 30 4.99 6.74 6.46
C HIS A 30 4.13 5.48 6.59
N SER A 31 2.93 5.67 7.12
CA SER A 31 1.96 4.59 7.18
C SER A 31 0.55 5.15 6.99
N GLN A 32 -0.06 5.51 8.11
CA GLN A 32 -1.44 5.98 8.09
C GLN A 32 -2.34 4.96 7.42
N VAL A 33 -2.07 3.69 7.71
CA VAL A 33 -3.07 2.65 7.55
C VAL A 33 -3.46 2.54 6.08
N PHE A 34 -4.22 1.49 5.78
CA PHE A 34 -4.81 1.36 4.46
C PHE A 34 -6.08 0.51 4.51
N SER A 35 -7.11 0.99 3.81
CA SER A 35 -8.45 0.48 4.02
C SER A 35 -8.53 -0.97 3.54
N THR A 36 -9.07 -1.82 4.40
CA THR A 36 -9.48 -3.15 4.00
C THR A 36 -10.84 -3.10 3.28
N ALA A 37 -10.83 -2.50 2.10
CA ALA A 37 -12.07 -2.23 1.39
C ALA A 37 -12.44 -3.46 0.56
N GLU A 38 -12.86 -4.51 1.26
CA GLU A 38 -13.32 -5.71 0.60
C GLU A 38 -14.29 -6.47 1.51
N ASP A 39 -15.57 -6.39 1.15
CA ASP A 39 -16.62 -6.89 2.01
C ASP A 39 -16.66 -8.42 1.90
N ASN A 40 -16.14 -8.91 0.79
CA ASN A 40 -16.22 -10.34 0.49
C ASN A 40 -15.39 -11.11 1.53
N GLN A 41 -14.36 -10.45 2.04
CA GLN A 41 -13.38 -11.12 2.87
C GLN A 41 -12.57 -10.09 3.65
N SER A 42 -12.38 -10.38 4.94
CA SER A 42 -11.56 -9.54 5.79
C SER A 42 -10.09 -9.72 5.41
N ALA A 43 -9.73 -9.14 4.27
CA ALA A 43 -8.36 -9.24 3.78
C ALA A 43 -7.97 -7.93 3.09
N VAL A 44 -6.82 -7.43 3.48
CA VAL A 44 -6.25 -6.27 2.79
C VAL A 44 -5.58 -6.72 1.51
N THR A 45 -5.81 -5.96 0.45
CA THR A 45 -5.26 -6.28 -0.85
C THR A 45 -4.63 -5.04 -1.49
N ILE A 46 -3.32 -5.12 -1.68
CA ILE A 46 -2.60 -4.04 -2.36
C ILE A 46 -2.49 -4.38 -3.86
N HIS A 47 -3.34 -3.74 -4.64
CA HIS A 47 -3.11 -3.64 -6.07
C HIS A 47 -2.09 -2.53 -6.36
N VAL A 48 -0.87 -2.95 -6.63
CA VAL A 48 0.26 -2.05 -6.57
C VAL A 48 0.45 -1.38 -7.93
N LEU A 49 0.57 -0.07 -7.91
CA LEU A 49 0.51 0.72 -9.13
C LEU A 49 1.86 1.41 -9.36
N GLN A 50 2.26 1.46 -10.62
CA GLN A 50 3.20 2.47 -11.07
C GLN A 50 2.52 3.43 -12.04
N GLY A 51 2.73 4.71 -11.79
CA GLY A 51 2.14 5.74 -12.63
C GLY A 51 1.17 6.61 -11.84
N GLU A 52 0.67 7.65 -12.50
CA GLU A 52 -0.25 8.58 -11.86
C GLU A 52 -1.38 8.94 -12.81
N ARG A 53 -2.01 7.90 -13.34
CA ARG A 53 -2.98 8.08 -14.40
C ARG A 53 -4.41 8.00 -13.85
N LYS A 54 -4.60 8.62 -12.69
CA LYS A 54 -5.93 8.72 -12.10
C LYS A 54 -6.43 7.32 -11.76
N ARG A 55 -7.10 6.71 -12.74
CA ARG A 55 -7.84 5.49 -12.48
C ARG A 55 -6.89 4.32 -12.28
N ALA A 56 -7.17 3.54 -11.24
CA ALA A 56 -6.19 2.60 -10.72
C ALA A 56 -5.85 1.57 -11.79
N ALA A 57 -6.87 1.21 -12.55
CA ALA A 57 -6.75 0.12 -13.51
C ALA A 57 -6.07 0.63 -14.79
N ASP A 58 -5.92 1.95 -14.84
CA ASP A 58 -5.34 2.59 -16.01
C ASP A 58 -3.92 3.05 -15.69
N ASN A 59 -3.47 2.69 -14.49
CA ASN A 59 -2.08 2.87 -14.14
C ASN A 59 -1.31 1.60 -14.54
N LYS A 60 0.01 1.76 -14.60
CA LYS A 60 0.87 0.65 -14.98
C LYS A 60 1.08 -0.27 -13.77
N SER A 61 0.12 -1.17 -13.58
CA SER A 61 0.18 -2.11 -12.48
C SER A 61 1.33 -3.11 -12.71
N LEU A 62 1.80 -3.68 -11.61
CA LEU A 62 2.86 -4.65 -11.67
C LEU A 62 2.67 -5.70 -10.57
N GLY A 63 1.43 -6.17 -10.46
CA GLY A 63 1.12 -7.27 -9.57
C GLY A 63 0.38 -6.77 -8.33
N GLN A 64 0.40 -7.59 -7.29
CA GLN A 64 -0.39 -7.33 -6.11
C GLN A 64 0.10 -8.18 -4.94
N PHE A 65 -0.27 -7.74 -3.74
CA PHE A 65 0.02 -8.52 -2.54
C PHE A 65 -1.07 -8.30 -1.48
N ASN A 66 -1.44 -9.39 -0.83
CA ASN A 66 -2.58 -9.38 0.07
C ASN A 66 -2.15 -9.98 1.42
N LEU A 67 -2.98 -9.71 2.42
CA LEU A 67 -2.78 -10.31 3.73
C LEU A 67 -4.14 -10.55 4.39
N ASP A 68 -4.42 -11.82 4.67
CA ASP A 68 -5.78 -12.25 4.93
C ASP A 68 -6.02 -12.31 6.44
N GLY A 69 -7.28 -12.09 6.81
CA GLY A 69 -7.71 -12.40 8.16
C GLY A 69 -7.51 -11.20 9.09
N ILE A 70 -7.89 -10.03 8.59
CA ILE A 70 -7.77 -8.81 9.35
C ILE A 70 -9.07 -8.53 10.10
N ASN A 71 -9.17 -9.11 11.29
CA ASN A 71 -10.41 -9.06 12.05
C ASN A 71 -10.77 -7.59 12.33
N PRO A 72 -12.02 -7.23 11.95
CA PRO A 72 -12.57 -5.94 12.31
C PRO A 72 -12.96 -5.92 13.79
N ALA A 73 -11.95 -5.97 14.65
CA ALA A 73 -12.19 -5.92 16.08
C ALA A 73 -10.88 -5.58 16.79
N PRO A 74 -10.52 -4.27 16.77
CA PRO A 74 -9.30 -3.80 17.39
C PRO A 74 -9.43 -3.77 18.91
N ARG A 75 -9.45 -4.95 19.51
CA ARG A 75 -9.66 -5.07 20.94
C ARG A 75 -8.44 -4.52 21.69
N GLY A 76 -8.54 -3.26 22.09
CA GLY A 76 -7.46 -2.62 22.81
C GLY A 76 -6.52 -1.88 21.87
N MET A 77 -7.01 -1.65 20.66
CA MET A 77 -6.27 -0.87 19.69
C MET A 77 -4.86 -1.42 19.49
N PRO A 78 -4.81 -2.69 18.99
CA PRO A 78 -3.64 -3.16 18.26
C PRO A 78 -3.60 -2.56 16.85
N GLN A 79 -4.71 -2.73 16.14
CA GLN A 79 -4.89 -2.09 14.85
C GLN A 79 -4.06 -2.80 13.79
N ILE A 80 -4.53 -2.72 12.55
CA ILE A 80 -3.68 -3.01 11.40
C ILE A 80 -2.79 -1.80 11.12
N GLU A 81 -1.52 -2.10 10.86
CA GLU A 81 -0.60 -1.09 10.37
C GLU A 81 -0.05 -1.49 9.00
N VAL A 82 -0.61 -0.87 7.97
CA VAL A 82 -0.02 -0.96 6.64
C VAL A 82 0.96 0.20 6.45
N THR A 83 2.21 -0.16 6.22
CA THR A 83 3.27 0.84 6.11
C THR A 83 3.55 1.15 4.64
N PHE A 84 3.88 2.42 4.39
CA PHE A 84 4.44 2.81 3.11
C PHE A 84 5.76 3.58 3.30
N ASP A 85 6.85 2.82 3.37
CA ASP A 85 8.10 3.38 3.84
C ASP A 85 9.19 3.11 2.79
N ILE A 86 9.83 4.20 2.37
CA ILE A 86 10.73 4.13 1.23
C ILE A 86 12.17 4.41 1.72
N ASP A 87 13.06 3.51 1.35
CA ASP A 87 14.43 3.58 1.82
C ASP A 87 15.28 4.32 0.78
N ALA A 88 16.56 4.44 1.10
CA ALA A 88 17.45 5.28 0.30
C ALA A 88 17.54 4.71 -1.12
N ASP A 89 17.36 3.40 -1.21
CA ASP A 89 17.51 2.73 -2.49
C ASP A 89 16.38 3.15 -3.42
N GLY A 90 15.34 3.71 -2.82
CA GLY A 90 14.21 4.22 -3.59
C GLY A 90 13.18 3.11 -3.86
N ILE A 91 13.22 2.10 -3.02
CA ILE A 91 12.22 1.06 -3.05
C ILE A 91 11.14 1.36 -2.02
N LEU A 92 9.90 1.33 -2.47
CA LEU A 92 8.76 1.39 -1.56
C LEU A 92 8.52 0.01 -0.96
N HIS A 93 8.61 -0.06 0.35
CA HIS A 93 8.25 -1.27 1.08
C HIS A 93 6.78 -1.18 1.51
N VAL A 94 5.93 -1.90 0.80
CA VAL A 94 4.52 -1.89 1.10
C VAL A 94 4.15 -3.19 1.83
N SER A 95 3.73 -3.03 3.08
CA SER A 95 3.69 -4.14 4.01
C SER A 95 2.52 -3.98 4.97
N ALA A 96 1.92 -5.11 5.32
CA ALA A 96 0.74 -5.09 6.18
C ALA A 96 0.91 -6.11 7.30
N LYS A 97 0.71 -5.64 8.52
CA LYS A 97 1.11 -6.42 9.69
C LYS A 97 0.08 -6.19 10.80
N ASP A 98 -0.66 -7.26 11.09
CA ASP A 98 -1.70 -7.19 12.11
C ASP A 98 -1.05 -7.33 13.49
N LYS A 99 -1.22 -6.29 14.29
CA LYS A 99 -0.69 -6.31 15.66
C LYS A 99 -1.60 -7.18 16.53
N ASN A 100 -2.79 -7.45 16.01
CA ASN A 100 -3.74 -8.29 16.72
C ASN A 100 -3.38 -9.76 16.49
N SER A 101 -3.24 -10.11 15.22
CA SER A 101 -3.17 -11.50 14.83
C SER A 101 -1.71 -11.96 14.79
N GLY A 102 -0.83 -11.01 14.60
CA GLY A 102 0.60 -11.30 14.56
C GLY A 102 1.05 -11.68 13.15
N LYS A 103 0.15 -11.47 12.20
CA LYS A 103 0.48 -11.69 10.80
C LYS A 103 1.45 -10.60 10.33
N GLU A 104 2.25 -10.96 9.33
CA GLU A 104 3.00 -9.97 8.59
C GLU A 104 3.31 -10.48 7.18
N GLN A 105 3.08 -9.61 6.21
CA GLN A 105 3.63 -9.83 4.88
C GLN A 105 4.08 -8.49 4.26
N LYS A 106 4.98 -8.60 3.31
CA LYS A 106 5.66 -7.42 2.79
C LYS A 106 5.87 -7.59 1.28
N ILE A 107 5.82 -6.46 0.58
CA ILE A 107 6.10 -6.44 -0.84
C ILE A 107 6.99 -5.24 -1.17
N THR A 108 8.09 -5.52 -1.84
CA THR A 108 9.04 -4.48 -2.21
C THR A 108 8.96 -4.18 -3.70
N ILE A 109 8.81 -2.90 -4.01
CA ILE A 109 8.71 -2.46 -5.39
C ILE A 109 9.56 -1.21 -5.59
N LYS A 110 10.28 -1.18 -6.70
CA LYS A 110 11.07 -0.02 -7.06
C LYS A 110 10.14 1.17 -7.32
N ALA A 111 10.54 2.33 -6.81
CA ALA A 111 9.83 3.56 -7.08
C ALA A 111 10.61 4.37 -8.11
N SER A 112 10.95 3.71 -9.20
CA SER A 112 11.71 4.36 -10.27
C SER A 112 11.66 3.52 -11.54
N SER A 113 11.97 2.24 -11.38
CA SER A 113 11.85 1.30 -12.48
C SER A 113 11.11 0.04 -12.01
N GLY A 114 9.87 0.24 -11.61
CA GLY A 114 9.04 -0.87 -11.17
C GLY A 114 8.76 -1.84 -12.31
N LEU A 115 8.17 -1.32 -13.37
CA LEU A 115 7.90 -2.11 -14.55
C LEU A 115 7.77 -1.18 -15.77
N LEU A 5 8.71 6.23 -12.96
CA LEU A 5 7.40 6.80 -12.72
C LEU A 5 6.97 6.47 -11.29
N SER A 6 5.92 7.15 -10.85
CA SER A 6 5.59 7.20 -9.43
C SER A 6 4.92 5.90 -9.00
N LEU A 7 5.36 5.38 -7.87
CA LEU A 7 4.76 4.18 -7.30
C LEU A 7 3.55 4.57 -6.47
N GLY A 8 2.43 3.92 -6.75
CA GLY A 8 1.22 4.12 -5.98
C GLY A 8 0.45 2.81 -5.80
N ILE A 9 -0.64 2.90 -5.05
CA ILE A 9 -1.55 1.77 -4.94
C ILE A 9 -2.97 2.23 -5.31
N GLU A 10 -3.86 1.25 -5.42
CA GLU A 10 -5.28 1.54 -5.45
C GLU A 10 -5.80 1.79 -4.03
N THR A 11 -6.62 2.82 -3.90
CA THR A 11 -7.32 3.07 -2.65
C THR A 11 -8.81 3.34 -2.94
N MET A 12 -9.56 3.48 -1.86
CA MET A 12 -11.02 3.49 -1.96
C MET A 12 -11.48 4.44 -3.07
N GLY A 13 -12.46 3.97 -3.83
CA GLY A 13 -13.06 4.80 -4.85
C GLY A 13 -12.64 4.35 -6.25
N GLY A 14 -11.76 3.36 -6.28
CA GLY A 14 -11.18 2.90 -7.53
C GLY A 14 -10.25 3.96 -8.13
N VAL A 15 -9.57 4.67 -7.25
CA VAL A 15 -8.70 5.76 -7.68
C VAL A 15 -7.40 5.70 -6.87
N MET A 16 -6.29 5.73 -7.59
CA MET A 16 -5.01 5.33 -7.04
C MET A 16 -4.34 6.49 -6.31
N THR A 17 -3.54 6.14 -5.32
CA THR A 17 -2.82 7.14 -4.54
C THR A 17 -1.34 7.17 -4.95
N THR A 18 -0.94 8.27 -5.55
CA THR A 18 0.47 8.60 -5.65
C THR A 18 1.05 8.89 -4.28
N LEU A 19 1.19 7.84 -3.49
CA LEU A 19 1.65 7.99 -2.11
C LEU A 19 3.12 8.38 -2.10
N ILE A 20 3.83 7.95 -3.13
CA ILE A 20 5.24 8.28 -3.28
C ILE A 20 5.45 8.95 -4.64
N ALA A 21 6.28 10.01 -4.62
CA ALA A 21 6.62 10.70 -5.84
C ALA A 21 8.07 10.39 -6.21
N LYS A 22 8.41 10.70 -7.45
CA LYS A 22 9.78 10.60 -7.90
C LYS A 22 10.68 11.42 -6.97
N ASN A 23 11.54 10.70 -6.25
CA ASN A 23 12.43 11.35 -5.30
C ASN A 23 11.60 12.02 -4.20
N THR A 24 10.85 11.18 -3.49
CA THR A 24 10.21 11.62 -2.26
C THR A 24 11.26 11.80 -1.15
N THR A 25 12.17 12.72 -1.38
CA THR A 25 13.15 13.08 -0.36
C THR A 25 13.52 11.84 0.46
N ILE A 26 14.05 10.84 -0.24
CA ILE A 26 14.34 9.56 0.38
C ILE A 26 15.49 9.73 1.37
N PRO A 27 15.60 8.75 2.31
CA PRO A 27 14.49 7.86 2.57
C PRO A 27 13.40 8.55 3.39
N THR A 28 12.23 7.93 3.39
CA THR A 28 11.11 8.45 4.16
C THR A 28 10.04 7.37 4.36
N LYS A 29 9.08 7.69 5.21
CA LYS A 29 8.14 6.69 5.68
C LYS A 29 6.75 7.30 5.78
N HIS A 30 5.76 6.54 5.32
CA HIS A 30 4.37 6.90 5.54
C HIS A 30 3.62 5.71 6.12
N SER A 31 2.49 6.01 6.75
CA SER A 31 1.61 4.96 7.25
C SER A 31 0.23 5.54 7.56
N GLN A 32 -0.74 4.65 7.65
CA GLN A 32 -2.08 5.04 8.06
C GLN A 32 -2.67 6.05 7.07
N VAL A 33 -3.76 6.67 7.49
CA VAL A 33 -4.44 7.65 6.65
C VAL A 33 -5.14 6.93 5.49
N PHE A 34 -4.34 6.20 4.72
CA PHE A 34 -4.87 5.10 3.94
C PHE A 34 -4.05 3.83 4.17
N SER A 35 -4.75 2.71 4.18
CA SER A 35 -4.16 1.46 4.62
C SER A 35 -5.12 0.30 4.33
N THR A 36 -6.27 0.34 4.98
CA THR A 36 -7.29 -0.68 4.78
C THR A 36 -8.66 -0.04 4.60
N ALA A 37 -8.67 1.06 3.85
CA ALA A 37 -9.91 1.63 3.37
C ALA A 37 -10.45 0.77 2.22
N GLU A 38 -11.03 -0.35 2.58
CA GLU A 38 -11.26 -1.43 1.63
C GLU A 38 -12.48 -2.24 2.03
N ASP A 39 -13.40 -2.39 1.08
CA ASP A 39 -14.75 -2.81 1.40
C ASP A 39 -14.74 -4.29 1.79
N ASN A 40 -13.66 -4.96 1.39
CA ASN A 40 -13.52 -6.38 1.69
C ASN A 40 -13.73 -6.60 3.20
N GLN A 41 -13.07 -5.77 3.97
CA GLN A 41 -13.14 -5.89 5.43
C GLN A 41 -12.96 -7.34 5.84
N SER A 42 -11.83 -7.91 5.43
CA SER A 42 -11.48 -9.26 5.83
C SER A 42 -9.99 -9.52 5.57
N ALA A 43 -9.58 -9.22 4.35
CA ALA A 43 -8.17 -9.19 4.02
C ALA A 43 -7.84 -7.92 3.22
N VAL A 44 -6.64 -7.42 3.44
CA VAL A 44 -6.18 -6.23 2.72
C VAL A 44 -5.48 -6.68 1.43
N THR A 45 -5.85 -6.02 0.34
CA THR A 45 -5.32 -6.36 -0.96
C THR A 45 -4.67 -5.13 -1.61
N ILE A 46 -3.35 -5.05 -1.48
CA ILE A 46 -2.60 -4.01 -2.16
C ILE A 46 -2.39 -4.40 -3.62
N HIS A 47 -2.78 -3.49 -4.51
CA HIS A 47 -2.45 -3.63 -5.91
C HIS A 47 -1.57 -2.44 -6.34
N VAL A 48 -0.33 -2.77 -6.69
CA VAL A 48 0.67 -1.74 -6.95
C VAL A 48 0.54 -1.26 -8.39
N LEU A 49 0.50 0.05 -8.56
CA LEU A 49 0.53 0.65 -9.88
C LEU A 49 1.69 1.63 -9.97
N GLN A 50 2.32 1.65 -11.14
CA GLN A 50 3.32 2.66 -11.43
C GLN A 50 2.84 3.59 -12.54
N GLY A 51 2.83 4.87 -12.24
CA GLY A 51 2.28 5.86 -13.16
C GLY A 51 2.24 7.25 -12.51
N GLU A 52 1.05 7.84 -12.55
CA GLU A 52 0.89 9.21 -12.10
C GLU A 52 -0.60 9.53 -11.94
N ARG A 53 -1.18 9.01 -10.86
CA ARG A 53 -2.40 9.59 -10.32
C ARG A 53 -3.58 9.29 -11.24
N LYS A 54 -4.70 9.94 -10.96
CA LYS A 54 -5.92 9.69 -11.70
C LYS A 54 -6.43 8.27 -11.37
N ARG A 55 -7.27 7.77 -12.25
CA ARG A 55 -7.97 6.51 -11.99
C ARG A 55 -6.97 5.35 -11.99
N ALA A 56 -7.23 4.40 -11.11
CA ALA A 56 -6.32 3.28 -10.92
C ALA A 56 -6.31 2.41 -12.18
N ALA A 57 -7.36 2.55 -12.97
CA ALA A 57 -7.54 1.73 -14.15
C ALA A 57 -6.67 2.29 -15.28
N ASP A 58 -6.16 3.49 -15.07
CA ASP A 58 -5.42 4.18 -16.10
C ASP A 58 -3.92 3.94 -15.89
N ASN A 59 -3.60 3.36 -14.74
CA ASN A 59 -2.23 3.32 -14.29
C ASN A 59 -1.75 1.87 -14.24
N LYS A 60 -0.45 1.69 -14.43
CA LYS A 60 0.08 0.41 -14.88
C LYS A 60 0.35 -0.47 -13.67
N SER A 61 -0.47 -1.51 -13.55
CA SER A 61 -0.24 -2.54 -12.55
C SER A 61 0.97 -3.39 -12.95
N LEU A 62 1.73 -3.81 -11.95
CA LEU A 62 2.80 -4.77 -12.16
C LEU A 62 3.02 -5.57 -10.87
N GLY A 63 2.06 -5.46 -9.97
CA GLY A 63 2.32 -5.74 -8.57
C GLY A 63 1.01 -5.99 -7.81
N GLN A 64 1.03 -7.01 -6.97
CA GLN A 64 -0.08 -7.27 -6.07
C GLN A 64 0.38 -8.08 -4.87
N PHE A 65 -0.15 -7.71 -3.71
CA PHE A 65 0.11 -8.48 -2.50
C PHE A 65 -0.98 -8.22 -1.46
N ASN A 66 -1.28 -9.27 -0.70
CA ASN A 66 -2.44 -9.27 0.18
C ASN A 66 -2.08 -9.91 1.52
N LEU A 67 -2.89 -9.61 2.52
CA LEU A 67 -2.70 -10.18 3.83
C LEU A 67 -4.02 -10.15 4.60
N ASP A 68 -4.25 -11.21 5.36
CA ASP A 68 -5.58 -11.46 5.91
C ASP A 68 -5.60 -11.06 7.39
N GLY A 69 -6.77 -10.65 7.85
CA GLY A 69 -6.93 -10.26 9.24
C GLY A 69 -7.29 -8.77 9.35
N ILE A 70 -8.05 -8.31 8.36
CA ILE A 70 -8.75 -7.04 8.48
C ILE A 70 -10.08 -7.27 9.19
N ASN A 71 -10.01 -7.40 10.51
CA ASN A 71 -11.14 -7.91 11.28
C ASN A 71 -12.27 -6.88 11.25
N PRO A 72 -13.46 -7.37 10.81
CA PRO A 72 -14.67 -6.56 10.90
C PRO A 72 -15.18 -6.50 12.34
N ALA A 73 -15.00 -7.59 13.06
CA ALA A 73 -15.58 -7.74 14.38
C ALA A 73 -14.69 -7.03 15.41
N PRO A 74 -15.32 -6.64 16.54
CA PRO A 74 -14.56 -6.20 17.70
C PRO A 74 -13.92 -7.40 18.42
N ARG A 75 -14.51 -8.57 18.19
CA ARG A 75 -13.95 -9.80 18.73
C ARG A 75 -12.55 -10.04 18.16
N GLY A 76 -11.56 -10.00 19.05
CA GLY A 76 -10.17 -10.03 18.64
C GLY A 76 -9.42 -8.81 19.18
N MET A 77 -10.17 -7.80 19.55
CA MET A 77 -9.58 -6.56 20.01
C MET A 77 -8.49 -6.07 19.05
N PRO A 78 -8.93 -5.81 17.79
CA PRO A 78 -8.03 -5.90 16.65
C PRO A 78 -7.07 -4.71 16.61
N GLN A 79 -6.04 -4.85 15.79
CA GLN A 79 -5.14 -3.74 15.53
C GLN A 79 -4.40 -3.95 14.21
N ILE A 80 -4.43 -2.92 13.37
CA ILE A 80 -4.01 -3.04 11.99
C ILE A 80 -3.19 -1.82 11.60
N GLU A 81 -2.10 -2.07 10.89
CA GLU A 81 -1.38 -1.00 10.22
C GLU A 81 -0.81 -1.50 8.89
N VAL A 82 -0.84 -0.62 7.90
CA VAL A 82 -0.20 -0.90 6.63
C VAL A 82 0.81 0.19 6.31
N THR A 83 2.08 -0.18 6.40
CA THR A 83 3.15 0.79 6.28
C THR A 83 3.55 0.98 4.82
N PHE A 84 3.92 2.21 4.48
CA PHE A 84 4.45 2.50 3.17
C PHE A 84 5.77 3.26 3.26
N ASP A 85 6.86 2.50 3.32
CA ASP A 85 8.14 3.06 3.69
C ASP A 85 9.14 2.81 2.56
N ILE A 86 9.72 3.91 2.06
CA ILE A 86 10.68 3.82 0.98
C ILE A 86 12.09 3.99 1.54
N ASP A 87 12.95 3.06 1.16
CA ASP A 87 14.29 3.01 1.72
C ASP A 87 15.26 3.74 0.79
N ALA A 88 16.52 3.77 1.20
CA ALA A 88 17.52 4.57 0.52
C ALA A 88 17.68 4.05 -0.91
N ASP A 89 17.46 2.75 -1.07
CA ASP A 89 17.67 2.11 -2.35
C ASP A 89 16.61 2.62 -3.35
N GLY A 90 15.56 3.21 -2.80
CA GLY A 90 14.53 3.81 -3.62
C GLY A 90 13.47 2.77 -4.02
N ILE A 91 13.42 1.70 -3.25
CA ILE A 91 12.31 0.75 -3.35
C ILE A 91 11.28 1.08 -2.28
N LEU A 92 10.02 0.99 -2.69
CA LEU A 92 8.92 1.12 -1.74
C LEU A 92 8.63 -0.24 -1.11
N HIS A 93 8.78 -0.29 0.21
CA HIS A 93 8.33 -1.43 0.97
C HIS A 93 6.90 -1.20 1.46
N VAL A 94 5.98 -1.96 0.87
CA VAL A 94 4.57 -1.87 1.26
C VAL A 94 4.19 -3.11 2.07
N SER A 95 3.84 -2.86 3.32
CA SER A 95 3.81 -3.93 4.32
C SER A 95 2.56 -3.82 5.18
N ALA A 96 1.98 -4.97 5.47
CA ALA A 96 0.78 -5.02 6.30
C ALA A 96 1.04 -5.92 7.52
N LYS A 97 0.45 -5.54 8.63
CA LYS A 97 0.69 -6.24 9.88
C LYS A 97 -0.62 -6.33 10.67
N ASP A 98 -1.21 -7.52 10.64
CA ASP A 98 -2.46 -7.76 11.34
C ASP A 98 -2.18 -8.37 12.71
N LYS A 99 -2.70 -7.72 13.74
CA LYS A 99 -2.71 -8.29 15.06
C LYS A 99 -3.69 -9.48 15.08
N ASN A 100 -4.75 -9.35 14.30
CA ASN A 100 -5.89 -10.24 14.42
C ASN A 100 -5.50 -11.64 13.95
N SER A 101 -4.85 -11.68 12.80
CA SER A 101 -4.38 -12.94 12.25
C SER A 101 -2.95 -13.22 12.74
N GLY A 102 -2.29 -12.16 13.17
CA GLY A 102 -0.96 -12.30 13.74
C GLY A 102 0.11 -12.25 12.65
N LYS A 103 -0.35 -12.03 11.42
CA LYS A 103 0.54 -12.08 10.26
C LYS A 103 1.27 -10.74 10.14
N GLU A 104 2.46 -10.81 9.58
CA GLU A 104 3.08 -9.64 8.97
C GLU A 104 3.87 -10.04 7.72
N GLN A 105 3.86 -9.15 6.74
CA GLN A 105 4.53 -9.42 5.48
C GLN A 105 4.75 -8.12 4.70
N LYS A 106 5.62 -8.20 3.72
CA LYS A 106 6.05 -7.01 3.00
C LYS A 106 6.17 -7.34 1.50
N ILE A 107 5.89 -6.33 0.69
CA ILE A 107 6.14 -6.44 -0.74
C ILE A 107 7.01 -5.26 -1.18
N THR A 108 8.00 -5.57 -1.99
CA THR A 108 9.02 -4.58 -2.32
C THR A 108 9.00 -4.27 -3.83
N ILE A 109 8.78 -3.01 -4.14
CA ILE A 109 8.61 -2.58 -5.51
C ILE A 109 9.47 -1.34 -5.76
N LYS A 110 10.32 -1.43 -6.77
CA LYS A 110 11.20 -0.31 -7.11
C LYS A 110 10.35 0.91 -7.45
N ALA A 111 10.89 2.07 -7.10
CA ALA A 111 10.29 3.32 -7.50
C ALA A 111 11.28 4.11 -8.38
N SER A 112 11.03 4.06 -9.68
CA SER A 112 11.93 4.68 -10.63
C SER A 112 11.82 6.21 -10.54
N SER A 113 12.61 6.77 -9.63
CA SER A 113 12.69 8.21 -9.50
C SER A 113 13.54 8.79 -10.63
N GLY A 114 12.99 8.76 -11.83
CA GLY A 114 13.61 9.42 -12.97
C GLY A 114 12.60 9.66 -14.09
N LEU A 115 12.50 8.69 -14.98
CA LEU A 115 11.53 8.75 -16.06
C LEU A 115 10.16 8.34 -15.54
N LEU A 5 8.12 4.68 -12.13
CA LEU A 5 7.30 5.88 -12.18
C LEU A 5 6.74 6.17 -10.80
N SER A 6 5.98 7.26 -10.71
CA SER A 6 5.30 7.59 -9.48
C SER A 6 4.65 6.34 -8.88
N LEU A 7 5.15 5.97 -7.71
CA LEU A 7 4.78 4.69 -7.11
C LEU A 7 3.62 4.90 -6.13
N GLY A 8 2.51 4.22 -6.43
CA GLY A 8 1.32 4.36 -5.61
C GLY A 8 0.65 3.00 -5.39
N ILE A 9 -0.52 3.04 -4.79
CA ILE A 9 -1.37 1.87 -4.70
C ILE A 9 -2.77 2.21 -5.21
N GLU A 10 -3.59 1.17 -5.31
CA GLU A 10 -5.03 1.36 -5.39
C GLU A 10 -5.61 1.62 -4.00
N THR A 11 -6.25 2.77 -3.87
CA THR A 11 -6.98 3.09 -2.66
C THR A 11 -8.49 3.13 -2.93
N MET A 12 -9.25 3.29 -1.87
CA MET A 12 -10.67 3.00 -1.91
C MET A 12 -11.33 3.69 -3.11
N GLY A 13 -12.29 2.99 -3.70
CA GLY A 13 -13.01 3.52 -4.85
C GLY A 13 -12.35 3.09 -6.15
N GLY A 14 -11.29 2.30 -6.02
CA GLY A 14 -10.54 1.85 -7.17
C GLY A 14 -9.83 3.02 -7.86
N VAL A 15 -9.15 3.81 -7.05
CA VAL A 15 -8.51 5.03 -7.54
C VAL A 15 -7.07 5.08 -7.02
N MET A 16 -6.17 5.47 -7.90
CA MET A 16 -4.75 5.42 -7.60
C MET A 16 -4.38 6.49 -6.56
N THR A 17 -3.38 6.16 -5.76
CA THR A 17 -2.75 7.15 -4.91
C THR A 17 -1.24 6.91 -4.84
N THR A 18 -0.49 7.91 -5.28
CA THR A 18 0.89 8.06 -4.83
C THR A 18 0.93 8.71 -3.44
N LEU A 19 1.47 7.95 -2.49
CA LEU A 19 1.43 8.36 -1.10
C LEU A 19 2.85 8.61 -0.60
N ILE A 20 3.79 8.44 -1.50
CA ILE A 20 5.01 9.24 -1.49
C ILE A 20 5.63 9.25 -2.89
N ALA A 21 6.33 10.34 -3.18
CA ALA A 21 6.78 10.59 -4.53
C ALA A 21 8.18 9.99 -4.72
N LYS A 22 8.61 9.99 -5.97
CA LYS A 22 9.94 9.50 -6.30
C LYS A 22 10.92 9.94 -5.22
N ASN A 23 11.69 8.98 -4.74
CA ASN A 23 12.76 9.28 -3.79
C ASN A 23 12.17 9.43 -2.39
N THR A 24 11.30 10.42 -2.26
CA THR A 24 10.96 10.94 -0.94
C THR A 24 12.21 10.96 -0.05
N THR A 25 13.20 11.72 -0.50
CA THR A 25 14.21 12.24 0.41
C THR A 25 14.61 11.18 1.44
N ILE A 26 15.41 10.22 0.99
CA ILE A 26 15.58 8.98 1.73
C ILE A 26 16.30 9.27 3.04
N PRO A 27 16.40 8.21 3.89
CA PRO A 27 15.29 7.29 4.07
C PRO A 27 14.19 7.92 4.92
N THR A 28 13.03 7.27 4.91
CA THR A 28 11.89 7.75 5.68
C THR A 28 10.81 6.67 5.76
N LYS A 29 9.95 6.82 6.76
CA LYS A 29 8.93 5.83 7.02
C LYS A 29 7.58 6.52 7.20
N HIS A 30 6.57 5.96 6.56
CA HIS A 30 5.21 6.45 6.72
C HIS A 30 4.24 5.28 6.86
N SER A 31 3.06 5.59 7.35
CA SER A 31 2.11 4.55 7.74
C SER A 31 0.67 5.01 7.44
N GLN A 32 0.22 5.96 8.24
CA GLN A 32 -1.15 6.41 8.16
C GLN A 32 -1.30 7.49 7.09
N VAL A 33 -1.03 7.09 5.85
CA VAL A 33 -0.99 8.05 4.76
C VAL A 33 -2.38 8.14 4.12
N PHE A 34 -3.15 7.09 4.30
CA PHE A 34 -4.60 7.18 4.22
C PHE A 34 -5.28 6.10 5.04
N SER A 35 -4.69 5.84 6.21
CA SER A 35 -5.24 4.83 7.11
C SER A 35 -5.30 3.47 6.41
N THR A 36 -6.06 2.57 7.02
CA THR A 36 -6.39 1.31 6.36
C THR A 36 -7.51 1.52 5.35
N ALA A 37 -7.17 2.19 4.25
CA ALA A 37 -8.13 2.42 3.19
C ALA A 37 -8.45 1.09 2.49
N GLU A 38 -9.62 0.57 2.80
CA GLU A 38 -9.94 -0.80 2.46
C GLU A 38 -11.46 -0.99 2.39
N ASP A 39 -11.96 -0.96 1.15
CA ASP A 39 -13.38 -1.10 0.93
C ASP A 39 -13.83 -2.51 1.31
N ASN A 40 -12.90 -3.45 1.19
CA ASN A 40 -13.20 -4.85 1.41
C ASN A 40 -13.65 -5.05 2.86
N GLN A 41 -12.97 -4.35 3.76
CA GLN A 41 -13.11 -4.63 5.18
C GLN A 41 -13.05 -6.13 5.44
N SER A 42 -11.84 -6.67 5.28
CA SER A 42 -11.67 -8.11 5.28
C SER A 42 -10.22 -8.47 4.95
N ALA A 43 -9.69 -7.79 3.94
CA ALA A 43 -8.36 -8.10 3.44
C ALA A 43 -7.81 -6.90 2.68
N VAL A 44 -6.60 -6.51 3.05
CA VAL A 44 -5.93 -5.40 2.39
C VAL A 44 -5.37 -5.86 1.05
N THR A 45 -6.18 -5.71 0.02
CA THR A 45 -5.76 -6.05 -1.32
C THR A 45 -5.06 -4.86 -1.98
N ILE A 46 -3.75 -4.80 -1.80
CA ILE A 46 -2.95 -3.76 -2.41
C ILE A 46 -2.65 -4.15 -3.87
N HIS A 47 -3.39 -3.53 -4.77
CA HIS A 47 -2.97 -3.45 -6.17
C HIS A 47 -1.96 -2.32 -6.32
N VAL A 48 -0.72 -2.71 -6.58
CA VAL A 48 0.39 -1.77 -6.50
C VAL A 48 0.63 -1.15 -7.87
N LEU A 49 0.60 0.18 -7.90
CA LEU A 49 0.51 0.91 -9.15
C LEU A 49 1.80 1.73 -9.35
N GLN A 50 2.14 1.93 -10.61
CA GLN A 50 2.85 3.13 -11.01
C GLN A 50 2.21 3.74 -12.26
N GLY A 51 2.58 4.98 -12.54
CA GLY A 51 1.87 5.76 -13.54
C GLY A 51 0.71 6.54 -12.91
N GLU A 52 -0.04 7.22 -13.77
CA GLU A 52 -1.21 7.94 -13.33
C GLU A 52 -2.28 7.95 -14.42
N ARG A 53 -3.49 7.62 -14.02
CA ARG A 53 -4.65 7.85 -14.87
C ARG A 53 -5.89 8.15 -14.01
N LYS A 54 -5.62 8.57 -12.78
CA LYS A 54 -6.67 8.68 -11.78
C LYS A 54 -7.14 7.28 -11.40
N ARG A 55 -7.83 6.64 -12.34
CA ARG A 55 -8.44 5.35 -12.08
C ARG A 55 -7.38 4.25 -12.04
N ALA A 56 -7.48 3.40 -11.03
CA ALA A 56 -6.42 2.46 -10.73
C ALA A 56 -6.29 1.45 -11.87
N ALA A 57 -7.44 1.08 -12.43
CA ALA A 57 -7.54 -0.11 -13.25
C ALA A 57 -6.99 0.20 -14.65
N ASP A 58 -6.74 1.48 -14.88
CA ASP A 58 -6.20 1.91 -16.16
C ASP A 58 -4.73 2.30 -15.99
N ASN A 59 -4.25 2.16 -14.76
CA ASN A 59 -2.91 2.60 -14.43
C ASN A 59 -1.93 1.44 -14.60
N LYS A 60 -0.66 1.80 -14.71
CA LYS A 60 0.36 0.82 -15.08
C LYS A 60 0.74 0.00 -13.85
N SER A 61 -0.07 -1.01 -13.56
CA SER A 61 0.20 -1.89 -12.44
C SER A 61 1.51 -2.66 -12.68
N LEU A 62 2.07 -3.15 -11.59
CA LEU A 62 3.25 -3.99 -11.67
C LEU A 62 3.16 -5.09 -10.62
N GLY A 63 1.94 -5.55 -10.39
CA GLY A 63 1.71 -6.66 -9.49
C GLY A 63 0.68 -6.31 -8.41
N GLN A 64 0.61 -7.16 -7.41
CA GLN A 64 -0.27 -6.91 -6.27
C GLN A 64 0.16 -7.75 -5.07
N PHE A 65 -0.29 -7.34 -3.90
CA PHE A 65 -0.15 -8.16 -2.71
C PHE A 65 -1.34 -7.97 -1.76
N ASN A 66 -1.66 -9.04 -1.05
CA ASN A 66 -2.86 -9.06 -0.23
C ASN A 66 -2.54 -9.71 1.12
N LEU A 67 -3.29 -9.29 2.13
CA LEU A 67 -3.24 -9.95 3.42
C LEU A 67 -4.65 -10.02 4.00
N ASP A 68 -5.05 -11.23 4.38
CA ASP A 68 -6.42 -11.49 4.74
C ASP A 68 -6.57 -11.52 6.27
N GLY A 69 -7.80 -11.35 6.71
CA GLY A 69 -8.10 -11.49 8.13
C GLY A 69 -7.95 -10.16 8.85
N ILE A 70 -8.21 -9.08 8.12
CA ILE A 70 -7.96 -7.75 8.63
C ILE A 70 -9.30 -7.02 8.82
N ASN A 71 -9.41 -6.33 9.95
CA ASN A 71 -10.67 -5.75 10.35
C ASN A 71 -10.47 -4.27 10.68
N PRO A 72 -10.60 -3.42 9.63
CA PRO A 72 -10.74 -1.99 9.84
C PRO A 72 -12.15 -1.65 10.32
N ALA A 73 -12.24 -1.41 11.63
CA ALA A 73 -13.52 -1.09 12.24
C ALA A 73 -13.30 -0.13 13.40
N PRO A 74 -14.39 0.57 13.79
CA PRO A 74 -14.43 1.26 15.07
C PRO A 74 -14.61 0.27 16.23
N ARG A 75 -15.55 -0.65 16.04
CA ARG A 75 -15.81 -1.67 17.03
C ARG A 75 -14.59 -2.57 17.20
N GLY A 76 -13.81 -2.28 18.24
CA GLY A 76 -12.59 -3.03 18.49
C GLY A 76 -11.41 -2.09 18.74
N MET A 77 -11.49 -0.92 18.12
CA MET A 77 -10.40 0.03 18.18
C MET A 77 -9.05 -0.66 17.90
N PRO A 78 -8.94 -1.21 16.67
CA PRO A 78 -7.79 -2.03 16.32
C PRO A 78 -6.55 -1.17 16.09
N GLN A 79 -5.44 -1.84 15.81
CA GLN A 79 -4.23 -1.15 15.40
C GLN A 79 -3.51 -1.94 14.30
N ILE A 80 -3.37 -1.29 13.16
CA ILE A 80 -3.06 -2.00 11.93
C ILE A 80 -2.21 -1.10 11.03
N GLU A 81 -0.98 -1.55 10.79
CA GLU A 81 -0.19 -1.03 9.70
C GLU A 81 -0.72 -1.53 8.36
N VAL A 82 -0.94 -0.58 7.45
CA VAL A 82 -0.48 -0.73 6.09
C VAL A 82 0.76 0.13 5.86
N THR A 83 1.91 -0.49 5.95
CA THR A 83 3.17 0.23 5.95
C THR A 83 3.42 0.87 4.58
N PHE A 84 4.01 2.05 4.62
CA PHE A 84 4.53 2.67 3.40
C PHE A 84 5.89 3.33 3.66
N ASP A 85 6.93 2.53 3.48
CA ASP A 85 8.25 2.91 3.97
C ASP A 85 9.24 2.91 2.81
N ILE A 86 9.87 4.06 2.61
CA ILE A 86 10.88 4.19 1.56
C ILE A 86 12.24 3.79 2.13
N ASP A 87 12.85 2.82 1.47
CA ASP A 87 14.09 2.24 1.97
C ASP A 87 15.27 3.05 1.45
N ALA A 88 16.43 2.79 2.05
CA ALA A 88 17.63 3.53 1.71
C ALA A 88 18.00 3.25 0.24
N ASP A 89 17.65 2.05 -0.20
CA ASP A 89 17.98 1.64 -1.56
C ASP A 89 17.10 2.39 -2.55
N GLY A 90 16.03 2.97 -2.02
CA GLY A 90 15.07 3.68 -2.86
C GLY A 90 13.90 2.77 -3.27
N ILE A 91 13.70 1.73 -2.47
CA ILE A 91 12.60 0.81 -2.71
C ILE A 91 11.37 1.29 -1.92
N LEU A 92 10.23 1.18 -2.56
CA LEU A 92 8.96 1.32 -1.86
C LEU A 92 8.60 0.00 -1.18
N HIS A 93 8.78 -0.03 0.14
CA HIS A 93 8.29 -1.14 0.93
C HIS A 93 6.82 -0.89 1.29
N VAL A 94 5.96 -1.75 0.76
CA VAL A 94 4.56 -1.75 1.13
C VAL A 94 4.21 -3.08 1.78
N SER A 95 3.51 -3.00 2.90
CA SER A 95 3.22 -4.18 3.69
C SER A 95 2.01 -3.93 4.58
N ALA A 96 1.53 -5.00 5.21
CA ALA A 96 0.49 -4.88 6.22
C ALA A 96 0.87 -5.76 7.42
N LYS A 97 0.64 -5.21 8.61
CA LYS A 97 1.12 -5.86 9.82
C LYS A 97 0.07 -5.71 10.93
N ASP A 98 -0.67 -6.79 11.14
CA ASP A 98 -1.68 -6.80 12.19
C ASP A 98 -0.99 -6.91 13.56
N LYS A 99 -1.18 -5.88 14.36
CA LYS A 99 -0.44 -5.74 15.61
C LYS A 99 -0.93 -6.80 16.60
N ASN A 100 -2.21 -7.10 16.50
CA ASN A 100 -2.84 -8.01 17.45
C ASN A 100 -2.47 -9.46 17.08
N SER A 101 -2.63 -9.77 15.81
CA SER A 101 -2.53 -11.15 15.37
C SER A 101 -1.07 -11.54 15.14
N GLY A 102 -0.27 -10.53 14.81
CA GLY A 102 1.13 -10.74 14.51
C GLY A 102 1.32 -11.11 13.04
N LYS A 103 0.25 -10.97 12.28
CA LYS A 103 0.29 -11.29 10.86
C LYS A 103 1.15 -10.24 10.14
N GLU A 104 1.84 -10.70 9.10
CA GLU A 104 2.86 -9.89 8.47
C GLU A 104 3.13 -10.38 7.05
N GLN A 105 2.72 -9.57 6.08
CA GLN A 105 3.01 -9.85 4.69
C GLN A 105 3.39 -8.57 3.95
N LYS A 106 4.39 -8.69 3.10
CA LYS A 106 5.15 -7.53 2.66
C LYS A 106 5.42 -7.64 1.16
N ILE A 107 5.64 -6.48 0.55
CA ILE A 107 5.95 -6.43 -0.87
C ILE A 107 6.90 -5.27 -1.14
N THR A 108 7.99 -5.60 -1.83
CA THR A 108 8.99 -4.60 -2.14
C THR A 108 8.98 -4.29 -3.65
N ILE A 109 8.87 -3.00 -3.95
CA ILE A 109 8.83 -2.56 -5.33
C ILE A 109 9.81 -1.40 -5.52
N LYS A 110 10.81 -1.64 -6.35
CA LYS A 110 11.80 -0.62 -6.65
C LYS A 110 11.11 0.60 -7.26
N ALA A 111 11.64 1.77 -6.93
CA ALA A 111 11.17 3.00 -7.53
C ALA A 111 11.53 3.03 -9.02
N SER A 112 10.76 2.27 -9.79
CA SER A 112 11.18 1.89 -11.12
C SER A 112 11.07 3.08 -12.07
N SER A 113 11.32 2.81 -13.35
CA SER A 113 11.21 3.83 -14.36
C SER A 113 10.84 3.21 -15.71
N GLY A 114 10.19 4.01 -16.54
CA GLY A 114 9.75 3.54 -17.84
C GLY A 114 8.80 4.54 -18.49
N LEU A 115 8.28 4.15 -19.64
CA LEU A 115 7.31 4.98 -20.35
C LEU A 115 5.90 4.56 -19.97
N LEU A 5 9.14 8.60 -9.27
CA LEU A 5 7.90 8.76 -10.01
C LEU A 5 6.71 8.52 -9.07
N SER A 6 5.58 9.11 -9.45
CA SER A 6 4.36 8.92 -8.69
C SER A 6 3.94 7.45 -8.70
N LEU A 7 4.47 6.71 -7.75
CA LEU A 7 3.91 5.40 -7.42
C LEU A 7 2.73 5.58 -6.46
N GLY A 8 1.68 4.83 -6.72
CA GLY A 8 0.50 4.86 -5.86
C GLY A 8 -0.08 3.47 -5.70
N ILE A 9 -1.10 3.37 -4.84
CA ILE A 9 -1.78 2.11 -4.61
C ILE A 9 -3.28 2.30 -4.83
N GLU A 10 -3.95 1.19 -5.11
CA GLU A 10 -5.40 1.19 -5.18
C GLU A 10 -6.00 1.15 -3.77
N THR A 11 -6.46 2.31 -3.33
CA THR A 11 -7.35 2.36 -2.18
C THR A 11 -8.77 2.73 -2.62
N MET A 12 -9.63 2.92 -1.63
CA MET A 12 -11.06 2.89 -1.86
C MET A 12 -11.37 2.53 -3.32
N GLY A 13 -11.44 1.24 -3.57
CA GLY A 13 -12.26 0.73 -4.67
C GLY A 13 -11.47 0.71 -5.98
N GLY A 14 -11.22 1.90 -6.51
CA GLY A 14 -10.60 2.03 -7.82
C GLY A 14 -10.06 3.44 -8.03
N VAL A 15 -9.42 3.96 -7.00
CA VAL A 15 -8.77 5.25 -7.09
C VAL A 15 -7.37 5.16 -6.48
N MET A 16 -6.41 5.74 -7.20
CA MET A 16 -5.03 5.70 -6.75
C MET A 16 -4.79 6.69 -5.61
N THR A 17 -4.03 6.23 -4.63
CA THR A 17 -3.50 7.12 -3.61
C THR A 17 -1.99 7.27 -3.75
N THR A 18 -1.56 8.51 -3.92
CA THR A 18 -0.14 8.83 -3.85
C THR A 18 0.42 8.45 -2.48
N LEU A 19 1.08 7.31 -2.44
CA LEU A 19 1.57 6.76 -1.18
C LEU A 19 2.80 7.56 -0.74
N ILE A 20 3.50 8.11 -1.72
CA ILE A 20 4.68 8.91 -1.44
C ILE A 20 4.80 10.01 -2.49
N ALA A 21 5.42 11.11 -2.07
CA ALA A 21 5.71 12.19 -2.99
C ALA A 21 7.20 12.14 -3.38
N LYS A 22 7.49 12.71 -4.53
CA LYS A 22 8.83 12.61 -5.10
C LYS A 22 9.82 13.26 -4.14
N ASN A 23 9.34 14.24 -3.41
CA ASN A 23 10.17 14.92 -2.42
C ASN A 23 9.65 14.59 -1.02
N THR A 24 9.69 13.30 -0.70
CA THR A 24 9.50 12.86 0.68
C THR A 24 10.84 12.59 1.34
N THR A 25 11.87 13.26 0.82
CA THR A 25 13.18 13.22 1.44
C THR A 25 13.71 11.79 1.46
N ILE A 26 14.03 11.29 0.28
CA ILE A 26 14.58 9.95 0.15
C ILE A 26 15.96 9.90 0.80
N PRO A 27 16.28 8.71 1.36
CA PRO A 27 15.27 7.71 1.64
C PRO A 27 14.43 8.10 2.87
N THR A 28 13.30 7.42 3.01
CA THR A 28 12.24 7.91 3.88
C THR A 28 11.38 6.75 4.37
N LYS A 29 10.71 6.98 5.48
CA LYS A 29 9.94 5.92 6.12
C LYS A 29 8.67 6.52 6.73
N HIS A 30 7.55 5.87 6.45
CA HIS A 30 6.27 6.31 6.98
C HIS A 30 5.41 5.10 7.32
N SER A 31 4.78 5.17 8.48
CA SER A 31 3.83 4.14 8.88
C SER A 31 2.83 4.70 9.88
N GLN A 32 1.71 4.00 10.01
CA GLN A 32 0.68 4.42 10.95
C GLN A 32 0.16 5.81 10.60
N VAL A 33 0.20 6.12 9.31
CA VAL A 33 -0.27 7.40 8.83
C VAL A 33 -1.12 7.18 7.56
N PHE A 34 -1.59 5.96 7.42
CA PHE A 34 -2.28 5.57 6.19
C PHE A 34 -3.38 4.55 6.49
N SER A 35 -4.60 5.05 6.55
CA SER A 35 -5.73 4.21 6.92
C SER A 35 -6.14 3.34 5.73
N THR A 36 -6.60 2.14 6.05
CA THR A 36 -7.08 1.21 5.04
C THR A 36 -8.50 1.58 4.60
N ALA A 37 -8.60 2.69 3.87
CA ALA A 37 -9.84 3.05 3.23
C ALA A 37 -10.12 2.08 2.07
N GLU A 38 -10.98 1.11 2.36
CA GLU A 38 -11.26 0.07 1.39
C GLU A 38 -12.68 -0.46 1.59
N ASP A 39 -13.39 -0.61 0.48
CA ASP A 39 -14.79 -0.98 0.53
C ASP A 39 -14.91 -2.45 0.95
N ASN A 40 -13.80 -3.16 0.82
CA ASN A 40 -13.77 -4.57 1.15
C ASN A 40 -14.19 -4.76 2.61
N GLN A 41 -13.69 -3.86 3.45
CA GLN A 41 -14.08 -3.84 4.84
C GLN A 41 -13.96 -5.24 5.44
N SER A 42 -12.82 -5.86 5.20
CA SER A 42 -12.56 -7.19 5.72
C SER A 42 -11.07 -7.55 5.55
N ALA A 43 -10.57 -7.28 4.37
CA ALA A 43 -9.14 -7.39 4.12
C ALA A 43 -8.61 -6.04 3.63
N VAL A 44 -7.32 -6.01 3.36
CA VAL A 44 -6.73 -4.92 2.59
C VAL A 44 -5.96 -5.50 1.40
N THR A 45 -6.22 -4.92 0.24
CA THR A 45 -5.74 -5.48 -1.00
C THR A 45 -5.11 -4.41 -1.88
N ILE A 46 -3.78 -4.36 -1.84
CA ILE A 46 -3.04 -3.37 -2.60
C ILE A 46 -2.82 -3.90 -4.02
N HIS A 47 -3.23 -3.08 -4.99
CA HIS A 47 -2.57 -3.07 -6.28
C HIS A 47 -1.55 -1.92 -6.32
N VAL A 48 -0.30 -2.29 -6.54
CA VAL A 48 0.74 -1.30 -6.78
C VAL A 48 0.69 -0.86 -8.24
N LEU A 49 0.48 0.44 -8.43
CA LEU A 49 0.42 1.00 -9.76
C LEU A 49 1.17 2.34 -9.79
N GLN A 50 1.97 2.50 -10.83
CA GLN A 50 2.60 3.78 -11.09
C GLN A 50 2.01 4.41 -12.36
N GLY A 51 2.24 5.72 -12.50
CA GLY A 51 1.76 6.44 -13.66
C GLY A 51 0.81 7.57 -13.25
N GLU A 52 0.70 8.55 -14.12
CA GLU A 52 -0.07 9.75 -13.81
C GLU A 52 -1.55 9.52 -14.11
N ARG A 53 -2.16 8.64 -13.33
CA ARG A 53 -3.60 8.46 -13.39
C ARG A 53 -4.18 8.42 -11.96
N LYS A 54 -5.22 9.23 -11.77
CA LYS A 54 -5.90 9.27 -10.49
C LYS A 54 -6.77 8.01 -10.35
N ARG A 55 -7.28 7.55 -11.49
CA ARG A 55 -8.01 6.29 -11.52
C ARG A 55 -7.02 5.12 -11.51
N ALA A 56 -7.23 4.22 -10.56
CA ALA A 56 -6.24 3.17 -10.29
C ALA A 56 -6.08 2.29 -11.53
N ALA A 57 -7.22 1.90 -12.09
CA ALA A 57 -7.22 0.87 -13.12
C ALA A 57 -7.13 1.54 -14.50
N ASP A 58 -6.35 2.61 -14.55
CA ASP A 58 -5.93 3.17 -15.82
C ASP A 58 -4.40 3.13 -15.90
N ASN A 59 -3.80 2.60 -14.85
CA ASN A 59 -2.43 2.96 -14.52
C ASN A 59 -1.55 1.72 -14.59
N LYS A 60 -0.24 1.95 -14.61
CA LYS A 60 0.71 0.89 -14.85
C LYS A 60 0.88 0.07 -13.57
N SER A 61 0.14 -1.02 -13.49
CA SER A 61 0.34 -2.00 -12.43
C SER A 61 1.74 -2.60 -12.55
N LEU A 62 2.31 -2.90 -11.39
CA LEU A 62 3.59 -3.59 -11.33
C LEU A 62 3.70 -4.36 -10.02
N GLY A 63 2.58 -4.92 -9.60
CA GLY A 63 2.58 -5.84 -8.48
C GLY A 63 1.33 -5.64 -7.61
N GLN A 64 1.15 -6.56 -6.68
CA GLN A 64 -0.02 -6.53 -5.81
C GLN A 64 0.19 -7.45 -4.61
N PHE A 65 -0.55 -7.16 -3.55
CA PHE A 65 -0.50 -7.99 -2.35
C PHE A 65 -1.70 -7.70 -1.44
N ASN A 66 -1.97 -8.65 -0.56
CA ASN A 66 -3.16 -8.58 0.28
C ASN A 66 -2.78 -8.96 1.71
N LEU A 67 -3.58 -8.49 2.66
CA LEU A 67 -3.53 -9.00 4.01
C LEU A 67 -4.95 -9.01 4.60
N ASP A 68 -5.41 -10.21 4.91
CA ASP A 68 -6.76 -10.38 5.42
C ASP A 68 -6.73 -10.39 6.94
N GLY A 69 -7.41 -9.42 7.53
CA GLY A 69 -7.53 -9.33 8.98
C GLY A 69 -7.96 -7.94 9.42
N ILE A 70 -9.00 -7.44 8.76
CA ILE A 70 -9.48 -6.09 9.04
C ILE A 70 -10.99 -6.14 9.28
N ASN A 71 -11.37 -6.79 10.37
CA ASN A 71 -12.77 -7.08 10.63
C ASN A 71 -13.43 -5.87 11.28
N PRO A 72 -14.65 -5.55 10.78
CA PRO A 72 -15.49 -4.56 11.44
C PRO A 72 -16.11 -5.11 12.72
N ALA A 73 -15.30 -5.17 13.77
CA ALA A 73 -15.76 -5.64 15.06
C ALA A 73 -15.24 -4.70 16.16
N PRO A 74 -15.90 -4.79 17.34
CA PRO A 74 -15.77 -3.74 18.34
C PRO A 74 -14.42 -3.82 19.05
N ARG A 75 -14.25 -2.97 20.06
CA ARG A 75 -13.16 -3.13 21.00
C ARG A 75 -11.86 -2.62 20.38
N GLY A 76 -11.47 -3.26 19.29
CA GLY A 76 -10.39 -2.74 18.46
C GLY A 76 -9.82 -3.83 17.56
N MET A 77 -10.73 -4.57 16.94
CA MET A 77 -10.32 -5.71 16.12
C MET A 77 -9.41 -5.28 14.98
N PRO A 78 -9.89 -4.26 14.21
CA PRO A 78 -9.24 -3.90 12.96
C PRO A 78 -7.95 -3.12 13.23
N GLN A 79 -7.01 -3.80 13.87
CA GLN A 79 -5.90 -3.11 14.52
C GLN A 79 -4.70 -3.04 13.57
N ILE A 80 -4.97 -2.53 12.37
CA ILE A 80 -4.01 -2.63 11.30
C ILE A 80 -3.00 -1.49 11.40
N GLU A 81 -1.76 -1.79 11.03
CA GLU A 81 -0.85 -0.76 10.56
C GLU A 81 -0.27 -1.15 9.20
N VAL A 82 -0.26 -0.18 8.29
CA VAL A 82 0.29 -0.40 6.96
C VAL A 82 1.47 0.55 6.74
N THR A 83 2.58 -0.04 6.32
CA THR A 83 3.81 0.72 6.13
C THR A 83 3.96 1.11 4.65
N PHE A 84 4.52 2.28 4.43
CA PHE A 84 4.88 2.72 3.09
C PHE A 84 6.21 3.46 3.09
N ASP A 85 7.28 2.70 2.92
CA ASP A 85 8.58 3.13 3.40
C ASP A 85 9.64 2.82 2.34
N ILE A 86 10.36 3.85 1.95
CA ILE A 86 11.44 3.70 0.97
C ILE A 86 12.73 3.32 1.69
N ASP A 87 13.30 2.20 1.27
CA ASP A 87 14.60 1.79 1.77
C ASP A 87 15.69 2.42 0.90
N ALA A 88 16.92 2.23 1.34
CA ALA A 88 18.04 2.98 0.78
C ALA A 88 18.18 2.63 -0.70
N ASP A 89 17.78 1.41 -1.04
CA ASP A 89 18.00 0.89 -2.38
C ASP A 89 17.10 1.64 -3.37
N GLY A 90 16.09 2.29 -2.82
CA GLY A 90 15.14 3.01 -3.64
C GLY A 90 13.98 2.11 -4.06
N ILE A 91 13.78 1.05 -3.28
CA ILE A 91 12.60 0.22 -3.43
C ILE A 91 11.51 0.68 -2.45
N LEU A 92 10.29 0.68 -2.94
CA LEU A 92 9.14 0.79 -2.06
C LEU A 92 8.90 -0.54 -1.36
N HIS A 93 9.08 -0.52 -0.04
CA HIS A 93 8.50 -1.54 0.80
C HIS A 93 7.07 -1.14 1.19
N VAL A 94 6.13 -1.99 0.83
CA VAL A 94 4.76 -1.83 1.29
C VAL A 94 4.31 -3.13 1.97
N SER A 95 3.74 -2.97 3.16
CA SER A 95 3.41 -4.11 3.98
C SER A 95 2.25 -3.75 4.92
N ALA A 96 1.35 -4.73 5.11
CA ALA A 96 0.28 -4.57 6.06
C ALA A 96 0.43 -5.61 7.17
N LYS A 97 0.20 -5.17 8.39
CA LYS A 97 0.36 -6.03 9.56
C LYS A 97 -0.73 -5.69 10.59
N ASP A 98 -1.24 -6.74 11.20
CA ASP A 98 -2.20 -6.57 12.29
C ASP A 98 -1.44 -6.56 13.63
N LYS A 99 -1.68 -5.51 14.40
CA LYS A 99 -0.91 -5.28 15.62
C LYS A 99 -1.31 -6.33 16.66
N ASN A 100 -2.44 -6.97 16.41
CA ASN A 100 -2.98 -7.94 17.35
C ASN A 100 -2.02 -9.12 17.46
N SER A 101 -1.74 -9.74 16.32
CA SER A 101 -0.87 -10.90 16.29
C SER A 101 0.58 -10.47 16.01
N GLY A 102 0.70 -9.36 15.30
CA GLY A 102 2.01 -8.83 14.94
C GLY A 102 2.51 -9.46 13.64
N LYS A 103 1.66 -10.27 13.04
CA LYS A 103 2.01 -10.93 11.79
C LYS A 103 1.78 -9.97 10.62
N GLU A 104 2.42 -10.27 9.51
CA GLU A 104 2.70 -9.26 8.50
C GLU A 104 2.75 -9.90 7.11
N GLN A 105 2.34 -9.14 6.13
CA GLN A 105 2.54 -9.52 4.73
C GLN A 105 3.08 -8.34 3.92
N LYS A 106 4.06 -8.64 3.08
CA LYS A 106 5.01 -7.64 2.65
C LYS A 106 5.21 -7.75 1.13
N ILE A 107 5.45 -6.61 0.51
CA ILE A 107 5.69 -6.57 -0.92
C ILE A 107 6.71 -5.48 -1.23
N THR A 108 7.68 -5.85 -2.06
CA THR A 108 8.76 -4.93 -2.41
C THR A 108 8.73 -4.62 -3.90
N ILE A 109 8.69 -3.34 -4.21
CA ILE A 109 8.55 -2.89 -5.58
C ILE A 109 9.56 -1.77 -5.87
N LYS A 110 10.39 -2.00 -6.86
CA LYS A 110 11.40 -1.02 -7.25
C LYS A 110 10.70 0.29 -7.59
N ALA A 111 11.23 1.38 -7.04
CA ALA A 111 10.62 2.68 -7.19
C ALA A 111 11.71 3.74 -7.34
N SER A 112 12.66 3.45 -8.21
CA SER A 112 13.69 4.41 -8.56
C SER A 112 14.21 4.13 -9.97
N SER A 113 14.32 5.20 -10.74
CA SER A 113 14.68 5.06 -12.14
C SER A 113 13.77 4.06 -12.83
N GLY A 114 12.58 4.52 -13.17
CA GLY A 114 11.61 3.68 -13.85
C GLY A 114 10.32 4.45 -14.17
N LEU A 115 9.50 3.85 -15.00
CA LEU A 115 8.29 4.50 -15.47
C LEU A 115 7.33 3.46 -16.04
N LEU A 5 7.94 5.83 -12.47
CA LEU A 5 7.18 7.06 -12.37
C LEU A 5 6.17 6.92 -11.22
N SER A 6 6.66 7.14 -10.01
CA SER A 6 5.82 7.03 -8.83
C SER A 6 5.44 5.58 -8.60
N LEU A 7 4.85 5.32 -7.43
CA LEU A 7 4.26 4.03 -7.16
C LEU A 7 3.07 4.20 -6.21
N GLY A 8 1.95 4.65 -6.79
CA GLY A 8 0.78 4.98 -5.99
C GLY A 8 -0.11 3.75 -5.78
N ILE A 9 -0.85 3.78 -4.68
CA ILE A 9 -1.52 2.59 -4.21
C ILE A 9 -3.00 2.67 -4.58
N GLU A 10 -3.59 1.50 -4.77
CA GLU A 10 -5.03 1.41 -5.02
C GLU A 10 -5.80 1.53 -3.71
N THR A 11 -6.30 2.74 -3.46
CA THR A 11 -7.06 2.99 -2.25
C THR A 11 -8.56 2.88 -2.54
N MET A 12 -9.35 3.10 -1.50
CA MET A 12 -10.75 2.73 -1.53
C MET A 12 -11.41 3.20 -2.84
N GLY A 13 -12.07 2.26 -3.49
CA GLY A 13 -12.94 2.59 -4.60
C GLY A 13 -12.18 2.54 -5.93
N GLY A 14 -11.14 1.73 -5.93
CA GLY A 14 -10.40 1.47 -7.16
C GLY A 14 -9.72 2.75 -7.67
N VAL A 15 -9.28 3.56 -6.73
CA VAL A 15 -8.72 4.86 -7.06
C VAL A 15 -7.25 4.89 -6.67
N MET A 16 -6.44 5.49 -7.53
CA MET A 16 -5.03 5.67 -7.24
C MET A 16 -4.82 6.82 -6.25
N THR A 17 -4.07 6.51 -5.20
CA THR A 17 -3.47 7.55 -4.38
C THR A 17 -1.96 7.56 -4.54
N THR A 18 -1.47 8.68 -5.09
CA THR A 18 -0.03 8.89 -5.18
C THR A 18 0.56 9.19 -3.80
N LEU A 19 0.54 8.16 -2.96
CA LEU A 19 0.99 8.33 -1.58
C LEU A 19 2.51 8.45 -1.55
N ILE A 20 3.14 7.87 -2.56
CA ILE A 20 4.57 8.01 -2.73
C ILE A 20 4.86 8.60 -4.10
N ALA A 21 5.79 9.55 -4.11
CA ALA A 21 6.17 10.21 -5.35
C ALA A 21 7.58 9.75 -5.75
N LYS A 22 7.93 10.05 -6.99
CA LYS A 22 9.28 9.82 -7.46
C LYS A 22 10.25 10.70 -6.68
N ASN A 23 11.14 10.05 -5.95
CA ASN A 23 12.00 10.76 -5.01
C ASN A 23 11.13 11.57 -4.05
N THR A 24 10.27 10.87 -3.32
CA THR A 24 9.45 11.49 -2.31
C THR A 24 10.32 12.32 -1.36
N THR A 25 11.17 11.62 -0.62
CA THR A 25 12.17 12.28 0.20
C THR A 25 13.29 11.29 0.55
N ILE A 26 12.90 10.03 0.71
CA ILE A 26 13.75 8.93 0.30
C ILE A 26 15.16 9.14 0.86
N PRO A 27 15.31 8.78 2.17
CA PRO A 27 14.36 7.92 2.83
C PRO A 27 13.07 8.69 3.16
N THR A 28 11.96 7.97 3.11
CA THR A 28 10.81 8.32 3.93
C THR A 28 9.84 7.15 4.02
N LYS A 29 8.71 7.39 4.66
CA LYS A 29 7.67 6.39 4.77
C LYS A 29 6.36 7.06 5.18
N HIS A 30 5.26 6.36 4.91
CA HIS A 30 3.99 6.70 5.52
C HIS A 30 3.34 5.44 6.12
N SER A 31 2.42 5.67 7.02
CA SER A 31 1.72 4.57 7.68
C SER A 31 0.25 4.92 7.87
N GLN A 32 -0.59 3.91 7.70
CA GLN A 32 -2.03 4.11 7.80
C GLN A 32 -2.50 5.10 6.74
N VAL A 33 -3.70 5.62 6.95
CA VAL A 33 -4.47 6.19 5.87
C VAL A 33 -4.61 5.15 4.75
N PHE A 34 -4.98 3.95 5.15
CA PHE A 34 -5.46 2.95 4.20
C PHE A 34 -6.46 2.00 4.85
N SER A 35 -7.43 1.58 4.06
CA SER A 35 -8.48 0.70 4.56
C SER A 35 -9.23 0.07 3.38
N THR A 36 -10.02 -0.95 3.72
CA THR A 36 -10.69 -1.74 2.70
C THR A 36 -12.07 -1.17 2.38
N ALA A 37 -12.44 -1.27 1.12
CA ALA A 37 -13.67 -0.65 0.65
C ALA A 37 -14.86 -1.51 1.06
N GLU A 38 -14.86 -2.73 0.56
CA GLU A 38 -15.94 -3.67 0.87
C GLU A 38 -15.62 -4.46 2.13
N ASP A 39 -16.63 -4.65 2.95
CA ASP A 39 -16.48 -5.41 4.18
C ASP A 39 -16.25 -6.89 3.82
N ASN A 40 -16.81 -7.29 2.69
CA ASN A 40 -16.59 -8.63 2.19
C ASN A 40 -15.10 -8.85 1.94
N GLN A 41 -14.47 -7.82 1.39
CA GLN A 41 -13.05 -7.88 1.11
C GLN A 41 -12.26 -7.45 2.35
N SER A 42 -12.16 -8.37 3.30
CA SER A 42 -11.65 -8.04 4.62
C SER A 42 -10.12 -8.09 4.61
N ALA A 43 -9.54 -7.53 3.56
CA ALA A 43 -8.17 -7.86 3.20
C ALA A 43 -7.54 -6.66 2.50
N VAL A 44 -6.32 -6.35 2.93
CA VAL A 44 -5.56 -5.29 2.30
C VAL A 44 -4.90 -5.81 1.02
N THR A 45 -5.63 -5.68 -0.08
CA THR A 45 -5.02 -5.77 -1.39
C THR A 45 -4.41 -4.43 -1.81
N ILE A 46 -3.08 -4.37 -1.74
CA ILE A 46 -2.36 -3.26 -2.33
C ILE A 46 -1.73 -3.72 -3.66
N HIS A 47 -2.38 -3.33 -4.74
CA HIS A 47 -1.67 -2.97 -5.95
C HIS A 47 -0.90 -1.67 -5.71
N VAL A 48 0.31 -1.64 -6.25
CA VAL A 48 1.02 -0.39 -6.44
C VAL A 48 1.13 -0.09 -7.94
N LEU A 49 0.98 1.18 -8.27
CA LEU A 49 0.68 1.57 -9.63
C LEU A 49 1.69 2.63 -10.09
N GLN A 50 2.44 2.28 -11.12
CA GLN A 50 3.33 3.23 -11.77
C GLN A 50 2.58 4.01 -12.84
N GLY A 51 2.75 5.31 -12.81
CA GLY A 51 2.07 6.19 -13.77
C GLY A 51 1.59 7.48 -13.09
N GLU A 52 0.57 8.07 -13.69
CA GLU A 52 -0.12 9.18 -13.06
C GLU A 52 -1.53 9.30 -13.61
N ARG A 53 -2.46 8.62 -12.94
CA ARG A 53 -3.87 8.82 -13.20
C ARG A 53 -4.65 8.85 -11.89
N LYS A 54 -5.91 9.26 -12.00
CA LYS A 54 -6.81 9.24 -10.85
C LYS A 54 -7.28 7.80 -10.60
N ARG A 55 -7.76 7.18 -11.67
CA ARG A 55 -8.34 5.86 -11.55
C ARG A 55 -7.26 4.79 -11.67
N ALA A 56 -7.36 3.78 -10.81
CA ALA A 56 -6.26 2.86 -10.60
C ALA A 56 -6.13 1.96 -11.84
N ALA A 57 -7.28 1.70 -12.46
CA ALA A 57 -7.36 0.65 -13.47
C ALA A 57 -6.74 1.15 -14.78
N ASP A 58 -6.45 2.45 -14.80
CA ASP A 58 -5.81 3.06 -15.95
C ASP A 58 -4.30 3.15 -15.71
N ASN A 59 -3.90 2.80 -14.50
CA ASN A 59 -2.56 3.09 -14.04
C ASN A 59 -1.78 1.78 -13.90
N LYS A 60 -0.49 1.86 -14.20
CA LYS A 60 0.24 0.69 -14.65
C LYS A 60 0.77 -0.08 -13.43
N SER A 61 0.01 -1.09 -13.04
CA SER A 61 0.41 -1.93 -11.93
C SER A 61 1.70 -2.68 -12.27
N LEU A 62 2.41 -3.08 -11.23
CA LEU A 62 3.54 -3.98 -11.39
C LEU A 62 3.55 -4.99 -10.23
N GLY A 63 2.36 -5.29 -9.74
CA GLY A 63 2.21 -6.38 -8.77
C GLY A 63 1.38 -5.92 -7.57
N GLN A 64 1.10 -6.86 -6.69
CA GLN A 64 0.26 -6.60 -5.54
C GLN A 64 0.53 -7.62 -4.43
N PHE A 65 -0.02 -7.33 -3.26
CA PHE A 65 -0.07 -8.32 -2.20
C PHE A 65 -1.34 -8.17 -1.37
N ASN A 66 -1.83 -9.31 -0.88
CA ASN A 66 -3.11 -9.34 -0.21
C ASN A 66 -2.96 -10.05 1.14
N LEU A 67 -3.54 -9.44 2.16
CA LEU A 67 -3.46 -9.99 3.51
C LEU A 67 -4.80 -9.82 4.20
N ASP A 68 -5.36 -10.94 4.64
CA ASP A 68 -6.75 -10.98 5.05
C ASP A 68 -6.83 -10.92 6.58
N GLY A 69 -7.50 -9.88 7.07
CA GLY A 69 -7.83 -9.80 8.48
C GLY A 69 -7.97 -8.35 8.93
N ILE A 70 -8.80 -7.61 8.21
CA ILE A 70 -9.03 -6.21 8.52
C ILE A 70 -9.87 -6.11 9.80
N ASN A 71 -9.75 -4.97 10.46
CA ASN A 71 -10.65 -4.64 11.55
C ASN A 71 -11.51 -3.44 11.16
N PRO A 72 -12.73 -3.75 10.66
CA PRO A 72 -13.62 -2.73 10.15
C PRO A 72 -14.26 -1.95 11.31
N ALA A 73 -13.49 -1.00 11.84
CA ALA A 73 -14.00 -0.15 12.91
C ALA A 73 -13.21 1.16 12.90
N PRO A 74 -13.82 2.20 13.54
CA PRO A 74 -13.06 3.36 13.97
C PRO A 74 -12.23 3.04 15.22
N ARG A 75 -12.90 2.44 16.19
CA ARG A 75 -12.21 1.88 17.34
C ARG A 75 -11.34 0.70 16.90
N GLY A 76 -10.05 0.97 16.76
CA GLY A 76 -9.13 -0.01 16.24
C GLY A 76 -8.73 0.31 14.79
N MET A 77 -8.88 1.58 14.45
CA MET A 77 -8.17 2.12 13.30
C MET A 77 -6.67 1.86 13.40
N PRO A 78 -6.13 2.09 14.62
CA PRO A 78 -4.92 1.41 15.04
C PRO A 78 -5.22 -0.05 15.42
N GLN A 79 -5.26 -0.89 14.39
CA GLN A 79 -5.27 -2.33 14.61
C GLN A 79 -4.85 -3.06 13.33
N ILE A 80 -5.31 -2.54 12.21
CA ILE A 80 -4.56 -2.63 10.97
C ILE A 80 -3.45 -1.58 10.98
N GLU A 81 -2.32 -1.94 10.40
CA GLU A 81 -1.24 -0.99 10.18
C GLU A 81 -0.55 -1.27 8.85
N VAL A 82 -0.84 -0.41 7.88
CA VAL A 82 -0.27 -0.57 6.55
C VAL A 82 0.83 0.47 6.33
N THR A 83 2.03 -0.02 6.11
CA THR A 83 3.18 0.85 5.92
C THR A 83 3.53 0.95 4.43
N PHE A 84 4.00 2.12 4.04
CA PHE A 84 4.56 2.31 2.71
C PHE A 84 5.90 3.03 2.79
N ASP A 85 6.96 2.24 2.94
CA ASP A 85 8.25 2.78 3.30
C ASP A 85 9.21 2.68 2.11
N ILE A 86 9.71 3.83 1.69
CA ILE A 86 10.46 3.91 0.45
C ILE A 86 11.95 4.10 0.77
N ASP A 87 12.76 3.22 0.20
CA ASP A 87 14.14 3.09 0.62
C ASP A 87 15.04 3.83 -0.36
N ALA A 88 16.29 3.99 0.03
CA ALA A 88 17.22 4.80 -0.75
C ALA A 88 17.43 4.16 -2.12
N ASP A 89 17.27 2.84 -2.16
CA ASP A 89 17.52 2.09 -3.37
C ASP A 89 16.47 2.44 -4.42
N GLY A 90 15.37 3.03 -3.93
CA GLY A 90 14.29 3.43 -4.82
C GLY A 90 13.21 2.36 -4.88
N ILE A 91 13.33 1.38 -3.98
CA ILE A 91 12.27 0.42 -3.77
C ILE A 91 11.22 1.02 -2.82
N LEU A 92 9.96 0.79 -3.16
CA LEU A 92 8.89 0.89 -2.19
C LEU A 92 8.65 -0.50 -1.57
N HIS A 93 9.09 -0.64 -0.33
CA HIS A 93 8.59 -1.72 0.52
C HIS A 93 7.18 -1.37 1.00
N VAL A 94 6.25 -2.27 0.71
CA VAL A 94 4.90 -2.16 1.23
C VAL A 94 4.60 -3.38 2.10
N SER A 95 3.95 -3.12 3.22
CA SER A 95 3.67 -4.17 4.19
C SER A 95 2.41 -3.83 5.00
N ALA A 96 1.77 -4.86 5.50
CA ALA A 96 0.70 -4.67 6.46
C ALA A 96 0.91 -5.60 7.66
N LYS A 97 0.65 -5.06 8.84
CA LYS A 97 0.71 -5.87 10.05
C LYS A 97 -0.64 -5.77 10.78
N ASP A 98 -1.33 -6.90 10.83
CA ASP A 98 -2.66 -6.94 11.40
C ASP A 98 -2.58 -7.38 12.86
N LYS A 99 -2.79 -6.43 13.75
CA LYS A 99 -2.82 -6.71 15.18
C LYS A 99 -4.13 -7.43 15.52
N ASN A 100 -5.07 -7.36 14.59
CA ASN A 100 -6.33 -8.08 14.73
C ASN A 100 -6.05 -9.58 14.70
N SER A 101 -5.40 -10.01 13.62
CA SER A 101 -5.30 -11.43 13.31
C SER A 101 -3.92 -11.96 13.69
N GLY A 102 -3.02 -11.03 13.98
CA GLY A 102 -1.65 -11.39 14.32
C GLY A 102 -0.82 -11.63 13.05
N LYS A 103 -1.41 -11.26 11.92
CA LYS A 103 -0.78 -11.53 10.63
C LYS A 103 0.28 -10.47 10.35
N GLU A 104 1.18 -10.81 9.44
CA GLU A 104 1.91 -9.79 8.70
C GLU A 104 2.22 -10.28 7.28
N GLN A 105 2.49 -9.33 6.40
CA GLN A 105 2.96 -9.64 5.07
C GLN A 105 3.70 -8.45 4.47
N LYS A 106 4.59 -8.75 3.54
CA LYS A 106 5.49 -7.74 3.01
C LYS A 106 5.65 -7.95 1.51
N ILE A 107 5.85 -6.85 0.80
CA ILE A 107 5.99 -6.89 -0.65
C ILE A 107 6.89 -5.74 -1.11
N THR A 108 7.96 -6.12 -1.79
CA THR A 108 8.90 -5.13 -2.30
C THR A 108 8.74 -4.97 -3.81
N ILE A 109 8.52 -3.73 -4.22
CA ILE A 109 8.37 -3.42 -5.63
C ILE A 109 9.28 -2.25 -6.00
N LYS A 110 9.84 -2.33 -7.19
CA LYS A 110 11.11 -1.67 -7.47
C LYS A 110 10.86 -0.36 -8.21
N ALA A 111 10.27 -0.49 -9.40
CA ALA A 111 9.76 0.67 -10.10
C ALA A 111 10.86 1.74 -10.18
N SER A 112 12.06 1.29 -10.52
CA SER A 112 13.21 2.17 -10.51
C SER A 112 14.22 1.73 -11.58
N SER A 113 15.05 2.68 -12.00
CA SER A 113 15.98 2.43 -13.07
C SER A 113 15.24 1.92 -14.31
N GLY A 114 14.23 2.68 -14.71
CA GLY A 114 13.42 2.30 -15.86
C GLY A 114 12.54 3.47 -16.31
N LEU A 115 11.71 3.93 -15.40
CA LEU A 115 10.85 5.08 -15.66
C LEU A 115 11.11 6.14 -14.59
N LEU A 5 9.47 5.56 -10.97
CA LEU A 5 8.33 6.28 -11.53
C LEU A 5 7.30 6.54 -10.42
N SER A 6 6.41 7.48 -10.70
CA SER A 6 5.30 7.74 -9.80
C SER A 6 4.54 6.45 -9.50
N LEU A 7 4.27 6.23 -8.22
CA LEU A 7 3.59 5.01 -7.80
C LEU A 7 2.51 5.38 -6.77
N GLY A 8 1.35 4.76 -6.95
CA GLY A 8 0.35 4.71 -5.89
C GLY A 8 -0.12 3.28 -5.67
N ILE A 9 -1.04 3.13 -4.72
CA ILE A 9 -1.72 1.87 -4.53
C ILE A 9 -3.24 2.09 -4.59
N GLU A 10 -3.95 1.02 -4.92
CA GLU A 10 -5.38 1.13 -5.16
C GLU A 10 -6.14 1.17 -3.83
N THR A 11 -6.56 2.37 -3.46
CA THR A 11 -7.33 2.55 -2.24
C THR A 11 -8.82 2.70 -2.56
N MET A 12 -9.61 2.86 -1.52
CA MET A 12 -11.05 2.93 -1.67
C MET A 12 -11.44 3.93 -2.76
N GLY A 13 -12.32 3.49 -3.64
CA GLY A 13 -12.71 4.29 -4.78
C GLY A 13 -12.09 3.77 -6.07
N GLY A 14 -11.09 2.91 -5.90
CA GLY A 14 -10.36 2.38 -7.03
C GLY A 14 -9.40 3.43 -7.61
N VAL A 15 -8.59 3.99 -6.72
CA VAL A 15 -7.83 5.18 -7.04
C VAL A 15 -6.38 5.00 -6.58
N MET A 16 -5.45 5.34 -7.46
CA MET A 16 -4.05 5.07 -7.22
C MET A 16 -3.44 6.16 -6.33
N THR A 17 -3.60 5.98 -5.03
CA THR A 17 -3.13 6.97 -4.07
C THR A 17 -1.60 7.01 -4.07
N THR A 18 -1.06 8.00 -4.76
CA THR A 18 0.34 8.36 -4.61
C THR A 18 0.62 8.82 -3.18
N LEU A 19 0.82 7.84 -2.31
CA LEU A 19 0.99 8.13 -0.90
C LEU A 19 2.29 8.92 -0.69
N ILE A 20 3.30 8.53 -1.45
CA ILE A 20 4.54 9.29 -1.48
C ILE A 20 5.04 9.39 -2.91
N ALA A 21 5.75 10.47 -3.19
CA ALA A 21 6.26 10.71 -4.53
C ALA A 21 7.63 10.03 -4.68
N LYS A 22 8.04 9.86 -5.93
CA LYS A 22 9.32 9.24 -6.22
C LYS A 22 10.43 10.00 -5.51
N ASN A 23 10.23 11.32 -5.44
CA ASN A 23 11.28 12.19 -4.92
C ASN A 23 11.04 12.42 -3.42
N THR A 24 10.86 11.32 -2.71
CA THR A 24 11.11 11.30 -1.28
C THR A 24 12.60 11.48 -0.99
N THR A 25 13.42 11.07 -1.96
CA THR A 25 14.85 11.27 -1.87
C THR A 25 15.42 10.48 -0.69
N ILE A 26 14.80 9.35 -0.42
CA ILE A 26 15.31 8.42 0.58
C ILE A 26 15.33 9.12 1.94
N PRO A 27 15.62 8.30 3.00
CA PRO A 27 14.64 7.35 3.49
C PRO A 27 13.54 8.05 4.29
N THR A 28 12.40 7.39 4.37
CA THR A 28 11.27 7.93 5.10
C THR A 28 10.18 6.87 5.27
N LYS A 29 9.70 6.74 6.50
CA LYS A 29 8.68 5.76 6.82
C LYS A 29 7.32 6.47 6.90
N HIS A 30 6.40 6.04 6.05
CA HIS A 30 5.01 6.40 6.21
C HIS A 30 4.18 5.13 6.49
N SER A 31 2.96 5.36 6.96
CA SER A 31 2.07 4.25 7.26
C SER A 31 0.63 4.76 7.36
N GLN A 32 -0.29 3.84 7.17
CA GLN A 32 -1.71 4.16 7.32
C GLN A 32 -2.10 5.26 6.33
N VAL A 33 -2.48 6.40 6.91
CA VAL A 33 -3.58 7.18 6.36
C VAL A 33 -4.73 6.25 6.01
N PHE A 34 -4.54 5.50 4.93
CA PHE A 34 -5.54 4.54 4.50
C PHE A 34 -5.05 3.11 4.72
N SER A 35 -5.95 2.17 4.49
CA SER A 35 -5.61 0.76 4.60
C SER A 35 -6.39 -0.05 3.55
N THR A 36 -7.70 -0.10 3.74
CA THR A 36 -8.50 -1.13 3.11
C THR A 36 -9.61 -0.51 2.26
N ALA A 37 -9.75 -1.04 1.05
CA ALA A 37 -10.78 -0.57 0.15
C ALA A 37 -12.10 -1.27 0.47
N GLU A 38 -11.98 -2.43 1.11
CA GLU A 38 -13.15 -3.17 1.55
C GLU A 38 -12.81 -4.05 2.75
N ASP A 39 -13.30 -3.64 3.90
CA ASP A 39 -12.89 -4.25 5.16
C ASP A 39 -13.58 -5.60 5.31
N ASN A 40 -14.72 -5.73 4.64
CA ASN A 40 -15.54 -6.91 4.80
C ASN A 40 -14.96 -8.06 3.98
N GLN A 41 -13.90 -7.74 3.25
CA GLN A 41 -13.12 -8.77 2.57
C GLN A 41 -12.17 -9.44 3.55
N SER A 42 -12.09 -8.87 4.75
CA SER A 42 -11.36 -9.49 5.83
C SER A 42 -9.86 -9.49 5.53
N ALA A 43 -9.49 -8.66 4.57
CA ALA A 43 -8.12 -8.64 4.09
C ALA A 43 -7.79 -7.25 3.55
N VAL A 44 -6.51 -7.04 3.26
CA VAL A 44 -6.09 -5.83 2.57
C VAL A 44 -5.27 -6.21 1.33
N THR A 45 -5.51 -5.48 0.26
CA THR A 45 -5.05 -5.90 -1.05
C THR A 45 -4.25 -4.78 -1.72
N ILE A 46 -2.93 -4.87 -1.57
CA ILE A 46 -2.05 -3.83 -2.07
C ILE A 46 -1.85 -4.02 -3.58
N HIS A 47 -2.49 -3.15 -4.35
CA HIS A 47 -2.33 -3.16 -5.79
C HIS A 47 -1.35 -2.05 -6.21
N VAL A 48 -0.11 -2.46 -6.43
CA VAL A 48 0.92 -1.51 -6.83
C VAL A 48 0.78 -1.22 -8.33
N LEU A 49 0.59 0.05 -8.64
CA LEU A 49 0.48 0.48 -10.02
C LEU A 49 1.36 1.71 -10.24
N GLN A 50 1.73 1.92 -11.50
CA GLN A 50 2.49 3.10 -11.86
C GLN A 50 1.97 3.67 -13.18
N GLY A 51 2.31 4.94 -13.41
CA GLY A 51 1.80 5.65 -14.57
C GLY A 51 0.93 6.83 -14.16
N GLU A 52 0.87 7.82 -15.04
CA GLU A 52 0.11 9.02 -14.77
C GLU A 52 -1.38 8.77 -15.02
N ARG A 53 -2.09 8.49 -13.94
CA ARG A 53 -3.53 8.35 -14.01
C ARG A 53 -4.19 8.87 -12.72
N LYS A 54 -5.50 8.98 -12.77
CA LYS A 54 -6.28 9.22 -11.56
C LYS A 54 -6.73 7.88 -10.98
N ARG A 55 -7.43 7.12 -11.81
CA ARG A 55 -8.04 5.88 -11.35
C ARG A 55 -7.07 4.71 -11.57
N ALA A 56 -7.08 3.78 -10.62
CA ALA A 56 -6.04 2.78 -10.55
C ALA A 56 -6.19 1.81 -11.73
N ALA A 57 -7.44 1.48 -12.03
CA ALA A 57 -7.73 0.35 -12.88
C ALA A 57 -7.46 0.73 -14.34
N ASP A 58 -7.17 2.00 -14.54
CA ASP A 58 -6.85 2.50 -15.87
C ASP A 58 -5.39 2.95 -15.90
N ASN A 59 -4.65 2.54 -14.88
CA ASN A 59 -3.23 2.85 -14.82
C ASN A 59 -2.42 1.56 -14.99
N LYS A 60 -1.16 1.74 -15.35
CA LYS A 60 -0.35 0.62 -15.79
C LYS A 60 0.01 -0.24 -14.59
N SER A 61 -0.21 -1.54 -14.74
CA SER A 61 -0.24 -2.44 -13.60
C SER A 61 1.20 -2.79 -13.18
N LEU A 62 1.32 -3.21 -11.93
CA LEU A 62 2.63 -3.52 -11.37
C LEU A 62 2.45 -4.44 -10.16
N GLY A 63 1.82 -5.57 -10.40
CA GLY A 63 1.77 -6.64 -9.41
C GLY A 63 0.98 -6.22 -8.19
N GLN A 64 0.85 -7.15 -7.25
CA GLN A 64 0.03 -6.92 -6.07
C GLN A 64 0.47 -7.85 -4.94
N PHE A 65 0.08 -7.48 -3.72
CA PHE A 65 0.26 -8.36 -2.58
C PHE A 65 -0.86 -8.15 -1.55
N ASN A 66 -1.29 -9.25 -0.97
CA ASN A 66 -2.47 -9.23 -0.12
C ASN A 66 -2.10 -9.77 1.26
N LEU A 67 -2.92 -9.41 2.24
CA LEU A 67 -2.69 -9.87 3.61
C LEU A 67 -4.05 -10.05 4.31
N ASP A 68 -4.27 -11.26 4.78
CA ASP A 68 -5.61 -11.65 5.21
C ASP A 68 -5.60 -11.89 6.73
N GLY A 69 -5.88 -10.83 7.46
CA GLY A 69 -6.09 -10.93 8.89
C GLY A 69 -6.81 -9.70 9.43
N ILE A 70 -7.72 -9.18 8.63
CA ILE A 70 -8.48 -8.00 9.01
C ILE A 70 -9.90 -8.41 9.40
N ASN A 71 -10.42 -7.75 10.42
CA ASN A 71 -11.76 -8.01 10.90
C ASN A 71 -12.77 -7.51 9.86
N PRO A 72 -13.90 -8.28 9.74
CA PRO A 72 -15.00 -7.85 8.89
C PRO A 72 -15.78 -6.71 9.54
N ALA A 73 -15.14 -5.55 9.61
CA ALA A 73 -15.75 -4.40 10.24
C ALA A 73 -15.01 -3.13 9.82
N PRO A 74 -15.77 -2.02 9.72
CA PRO A 74 -15.46 -0.98 8.74
C PRO A 74 -14.24 -0.16 9.19
N ARG A 75 -13.74 0.66 8.27
CA ARG A 75 -12.61 1.50 8.55
C ARG A 75 -12.77 2.17 9.92
N GLY A 76 -11.88 1.81 10.83
CA GLY A 76 -11.98 2.27 12.21
C GLY A 76 -11.75 1.13 13.19
N MET A 77 -12.41 0.00 12.92
CA MET A 77 -12.42 -1.10 13.85
C MET A 77 -11.03 -1.74 13.96
N PRO A 78 -10.52 -2.22 12.79
CA PRO A 78 -9.48 -3.23 12.80
C PRO A 78 -8.13 -2.64 13.19
N GLN A 79 -7.35 -3.43 13.90
CA GLN A 79 -6.10 -2.94 14.46
C GLN A 79 -4.97 -3.10 13.44
N ILE A 80 -4.89 -2.13 12.54
CA ILE A 80 -4.23 -2.34 11.27
C ILE A 80 -3.22 -1.22 11.02
N GLU A 81 -2.00 -1.63 10.66
CA GLU A 81 -1.05 -0.71 10.07
C GLU A 81 -0.61 -1.23 8.70
N VAL A 82 -0.78 -0.38 7.69
CA VAL A 82 -0.25 -0.67 6.37
C VAL A 82 0.95 0.24 6.10
N THR A 83 2.09 -0.39 5.89
CA THR A 83 3.35 0.35 5.78
C THR A 83 3.53 0.89 4.36
N PHE A 84 4.10 2.08 4.28
CA PHE A 84 4.57 2.60 3.01
C PHE A 84 5.90 3.35 3.19
N ASP A 85 6.98 2.60 3.04
CA ASP A 85 8.22 2.94 3.73
C ASP A 85 9.38 2.87 2.73
N ILE A 86 10.07 3.99 2.60
CA ILE A 86 11.19 4.07 1.67
C ILE A 86 12.46 3.59 2.37
N ASP A 87 13.02 2.52 1.82
CA ASP A 87 14.23 1.94 2.37
C ASP A 87 15.44 2.78 1.96
N ALA A 88 16.56 2.51 2.61
CA ALA A 88 17.78 3.24 2.33
C ALA A 88 18.20 3.01 0.89
N ASP A 89 17.83 1.85 0.37
CA ASP A 89 18.23 1.46 -0.98
C ASP A 89 17.42 2.28 -1.99
N GLY A 90 16.34 2.86 -1.52
CA GLY A 90 15.52 3.71 -2.35
C GLY A 90 14.36 2.93 -2.96
N ILE A 91 14.16 1.72 -2.44
CA ILE A 91 12.98 0.95 -2.76
C ILE A 91 11.84 1.33 -1.81
N LEU A 92 10.64 1.42 -2.37
CA LEU A 92 9.45 1.64 -1.56
C LEU A 92 8.90 0.29 -1.10
N HIS A 93 9.12 0.01 0.17
CA HIS A 93 8.60 -1.23 0.76
C HIS A 93 7.17 -1.00 1.26
N VAL A 94 6.30 -1.92 0.88
CA VAL A 94 4.94 -1.90 1.37
C VAL A 94 4.65 -3.19 2.14
N SER A 95 3.85 -3.05 3.19
CA SER A 95 3.51 -4.20 4.02
C SER A 95 2.19 -3.93 4.75
N ALA A 96 1.66 -4.99 5.34
CA ALA A 96 0.51 -4.85 6.24
C ALA A 96 0.67 -5.83 7.41
N LYS A 97 0.49 -5.29 8.61
CA LYS A 97 0.55 -6.12 9.80
C LYS A 97 -0.71 -5.87 10.65
N ASP A 98 -1.39 -6.96 10.97
CA ASP A 98 -2.57 -6.87 11.83
C ASP A 98 -2.16 -7.19 13.26
N LYS A 99 -2.47 -6.26 14.15
CA LYS A 99 -2.19 -6.45 15.56
C LYS A 99 -3.19 -7.46 16.15
N ASN A 100 -4.30 -7.63 15.43
CA ASN A 100 -5.34 -8.54 15.86
C ASN A 100 -4.91 -9.98 15.55
N SER A 101 -4.54 -10.19 14.29
CA SER A 101 -4.29 -11.54 13.80
C SER A 101 -2.84 -11.92 14.04
N GLY A 102 -1.99 -10.89 14.09
CA GLY A 102 -0.58 -11.10 14.39
C GLY A 102 0.21 -11.39 13.12
N LYS A 103 -0.44 -11.17 11.99
CA LYS A 103 0.20 -11.39 10.70
C LYS A 103 1.14 -10.22 10.40
N GLU A 104 2.18 -10.52 9.63
CA GLU A 104 2.75 -9.53 8.74
C GLU A 104 3.27 -10.19 7.46
N GLN A 105 2.93 -9.59 6.33
CA GLN A 105 3.61 -9.90 5.08
C GLN A 105 3.91 -8.62 4.31
N LYS A 106 4.85 -8.73 3.38
CA LYS A 106 5.61 -7.58 2.95
C LYS A 106 6.00 -7.75 1.47
N ILE A 107 6.13 -6.62 0.79
CA ILE A 107 6.39 -6.64 -0.63
C ILE A 107 7.30 -5.45 -0.99
N THR A 108 8.26 -5.73 -1.86
CA THR A 108 9.24 -4.71 -2.25
C THR A 108 9.12 -4.38 -3.73
N ILE A 109 8.95 -3.10 -4.01
CA ILE A 109 8.79 -2.65 -5.38
C ILE A 109 9.68 -1.43 -5.63
N LYS A 110 10.39 -1.46 -6.75
CA LYS A 110 11.38 -0.45 -7.04
C LYS A 110 10.72 0.72 -7.76
N ALA A 111 11.35 1.89 -7.63
CA ALA A 111 10.81 3.09 -8.23
C ALA A 111 11.46 3.32 -9.59
N SER A 112 11.26 2.37 -10.48
CA SER A 112 11.87 2.43 -11.80
C SER A 112 11.27 1.36 -12.71
N SER A 113 11.57 1.49 -13.99
CA SER A 113 11.05 0.53 -14.97
C SER A 113 9.53 0.67 -15.09
N GLY A 114 9.12 1.40 -16.12
CA GLY A 114 7.70 1.47 -16.46
C GLY A 114 7.12 0.06 -16.68
N LEU A 115 7.93 -0.78 -17.31
CA LEU A 115 7.50 -2.14 -17.59
C LEU A 115 7.65 -2.99 -16.33
N LEU A 5 8.96 5.94 -10.37
CA LEU A 5 7.89 6.91 -10.53
C LEU A 5 6.98 6.86 -9.31
N SER A 6 6.01 7.78 -9.28
CA SER A 6 5.16 7.92 -8.12
C SER A 6 4.47 6.59 -7.80
N LEU A 7 4.47 6.25 -6.52
CA LEU A 7 3.99 4.93 -6.09
C LEU A 7 2.69 5.09 -5.32
N GLY A 8 1.67 4.41 -5.79
CA GLY A 8 0.37 4.46 -5.15
C GLY A 8 -0.36 3.11 -5.27
N ILE A 9 -1.53 3.05 -4.65
CA ILE A 9 -2.39 1.89 -4.78
C ILE A 9 -3.79 2.35 -5.18
N GLU A 10 -4.58 1.40 -5.67
CA GLU A 10 -5.97 1.66 -5.99
C GLU A 10 -6.81 1.64 -4.70
N THR A 11 -6.92 2.80 -4.07
CA THR A 11 -7.70 2.93 -2.86
C THR A 11 -9.19 3.04 -3.20
N MET A 12 -10.00 2.84 -2.17
CA MET A 12 -11.44 2.68 -2.37
C MET A 12 -11.99 3.82 -3.23
N GLY A 13 -12.55 3.45 -4.36
CA GLY A 13 -12.93 4.42 -5.38
C GLY A 13 -12.33 4.06 -6.74
N GLY A 14 -11.23 3.32 -6.69
CA GLY A 14 -10.57 2.90 -7.91
C GLY A 14 -9.60 3.98 -8.42
N VAL A 15 -8.94 4.63 -7.46
CA VAL A 15 -8.12 5.78 -7.78
C VAL A 15 -6.71 5.58 -7.22
N MET A 16 -5.72 5.88 -8.06
CA MET A 16 -4.34 5.67 -7.68
C MET A 16 -3.88 6.74 -6.68
N THR A 17 -3.89 6.34 -5.41
CA THR A 17 -3.44 7.23 -4.36
C THR A 17 -1.91 7.14 -4.19
N THR A 18 -1.23 8.13 -4.74
CA THR A 18 0.13 8.41 -4.35
C THR A 18 0.18 8.88 -2.89
N LEU A 19 0.45 7.93 -2.00
CA LEU A 19 0.69 8.26 -0.61
C LEU A 19 2.16 8.70 -0.44
N ILE A 20 2.96 8.37 -1.43
CA ILE A 20 4.40 8.45 -1.29
C ILE A 20 5.03 8.74 -2.66
N ALA A 21 5.95 9.69 -2.67
CA ALA A 21 6.64 10.07 -3.89
C ALA A 21 7.96 9.32 -3.99
N LYS A 22 8.52 9.31 -5.18
CA LYS A 22 9.75 8.58 -5.44
C LYS A 22 10.85 9.07 -4.49
N ASN A 23 10.80 10.37 -4.21
CA ASN A 23 11.79 10.98 -3.35
C ASN A 23 11.10 11.61 -2.14
N THR A 24 10.43 10.75 -1.38
CA THR A 24 9.90 11.16 -0.09
C THR A 24 11.02 11.32 0.94
N THR A 25 11.92 12.26 0.65
CA THR A 25 12.97 12.60 1.58
C THR A 25 13.49 11.33 2.29
N ILE A 26 14.14 10.49 1.50
CA ILE A 26 14.41 9.13 1.94
C ILE A 26 15.50 9.13 3.02
N PRO A 27 15.61 7.98 3.72
CA PRO A 27 14.50 7.07 3.87
C PRO A 27 13.49 7.61 4.87
N THR A 28 12.28 7.08 4.79
CA THR A 28 11.22 7.46 5.73
C THR A 28 10.07 6.45 5.67
N LYS A 29 9.10 6.66 6.55
CA LYS A 29 7.94 5.80 6.59
C LYS A 29 6.67 6.66 6.52
N HIS A 30 5.80 6.28 5.59
CA HIS A 30 4.42 6.74 5.64
C HIS A 30 3.53 5.60 6.14
N SER A 31 3.33 5.58 7.45
CA SER A 31 2.32 4.72 8.04
C SER A 31 0.92 5.26 7.72
N GLN A 32 0.07 4.36 7.24
CA GLN A 32 -1.25 4.76 6.80
C GLN A 32 -2.18 3.54 6.75
N VAL A 33 -3.37 3.73 7.31
CA VAL A 33 -4.36 2.66 7.32
C VAL A 33 -5.22 2.76 6.05
N PHE A 34 -5.67 1.61 5.60
CA PHE A 34 -6.54 1.55 4.44
C PHE A 34 -7.69 0.57 4.67
N SER A 35 -8.88 1.00 4.28
CA SER A 35 -10.06 0.16 4.40
C SER A 35 -10.00 -0.96 3.36
N THR A 36 -10.30 -2.17 3.82
CA THR A 36 -10.21 -3.35 2.96
C THR A 36 -11.43 -3.44 2.06
N ALA A 37 -11.25 -3.01 0.82
CA ALA A 37 -12.36 -2.97 -0.13
C ALA A 37 -12.56 -4.37 -0.71
N GLU A 38 -12.95 -5.29 0.16
CA GLU A 38 -13.03 -6.68 -0.22
C GLU A 38 -13.78 -7.48 0.86
N ASP A 39 -15.08 -7.21 0.95
CA ASP A 39 -15.86 -7.68 2.08
C ASP A 39 -15.81 -9.22 2.13
N ASN A 40 -15.66 -9.79 0.95
CA ASN A 40 -15.66 -11.25 0.82
C ASN A 40 -14.45 -11.81 1.57
N GLN A 41 -13.37 -11.05 1.55
CA GLN A 41 -12.10 -11.52 2.10
C GLN A 41 -11.85 -10.89 3.46
N SER A 42 -11.59 -11.75 4.44
CA SER A 42 -11.07 -11.31 5.72
C SER A 42 -9.57 -11.03 5.59
N ALA A 43 -9.24 -10.06 4.78
CA ALA A 43 -7.86 -9.87 4.34
C ALA A 43 -7.68 -8.45 3.81
N VAL A 44 -6.45 -8.12 3.49
CA VAL A 44 -6.15 -6.86 2.82
C VAL A 44 -5.28 -7.12 1.60
N THR A 45 -5.79 -6.72 0.44
CA THR A 45 -5.07 -6.90 -0.80
C THR A 45 -4.48 -5.57 -1.27
N ILE A 46 -3.16 -5.53 -1.28
CA ILE A 46 -2.44 -4.43 -1.93
C ILE A 46 -2.42 -4.66 -3.44
N HIS A 47 -2.83 -3.65 -4.17
CA HIS A 47 -2.63 -3.63 -5.62
C HIS A 47 -1.89 -2.36 -6.02
N VAL A 48 -0.59 -2.52 -6.22
CA VAL A 48 0.27 -1.39 -6.51
C VAL A 48 0.00 -0.91 -7.95
N LEU A 49 0.01 0.40 -8.11
CA LEU A 49 0.21 0.99 -9.43
C LEU A 49 1.34 2.02 -9.36
N GLN A 50 2.14 2.07 -10.41
CA GLN A 50 3.18 3.07 -10.51
C GLN A 50 3.06 3.83 -11.84
N GLY A 51 3.21 5.13 -11.74
CA GLY A 51 3.01 6.00 -12.90
C GLY A 51 2.92 7.46 -12.47
N GLU A 52 2.13 8.21 -13.23
CA GLU A 52 1.83 9.59 -12.88
C GLU A 52 0.41 9.96 -13.32
N ARG A 53 -0.49 9.01 -13.17
CA ARG A 53 -1.89 9.24 -13.46
C ARG A 53 -2.75 9.02 -12.22
N LYS A 54 -3.82 9.79 -12.14
CA LYS A 54 -4.61 9.86 -10.91
C LYS A 54 -5.48 8.61 -10.81
N ARG A 55 -6.06 8.23 -11.94
CA ARG A 55 -6.94 7.08 -11.98
C ARG A 55 -6.12 5.79 -12.06
N ALA A 56 -6.62 4.76 -11.38
CA ALA A 56 -5.91 3.51 -11.30
C ALA A 56 -6.07 2.75 -12.62
N ALA A 57 -7.06 3.17 -13.40
CA ALA A 57 -7.33 2.55 -14.68
C ALA A 57 -6.33 3.08 -15.71
N ASP A 58 -5.64 4.14 -15.33
CA ASP A 58 -4.72 4.80 -16.23
C ASP A 58 -3.28 4.55 -15.78
N ASN A 59 -3.16 3.85 -14.66
CA ASN A 59 -1.90 3.77 -13.96
C ASN A 59 -1.45 2.30 -13.91
N LYS A 60 -0.14 2.12 -14.00
CA LYS A 60 0.40 0.87 -14.51
C LYS A 60 0.68 -0.08 -13.34
N SER A 61 0.06 -1.25 -13.41
CA SER A 61 0.02 -2.14 -12.26
C SER A 61 1.30 -2.98 -12.20
N LEU A 62 1.78 -3.19 -10.99
CA LEU A 62 2.96 -4.00 -10.78
C LEU A 62 2.54 -5.41 -10.37
N GLY A 63 1.28 -5.54 -10.00
CA GLY A 63 0.80 -6.75 -9.36
C GLY A 63 0.21 -6.45 -7.99
N GLN A 64 0.20 -7.47 -7.14
CA GLN A 64 -0.55 -7.40 -5.90
C GLN A 64 0.16 -8.22 -4.81
N PHE A 65 -0.20 -7.92 -3.57
CA PHE A 65 0.20 -8.76 -2.46
C PHE A 65 -0.82 -8.69 -1.32
N ASN A 66 -1.12 -9.86 -0.77
CA ASN A 66 -2.29 -9.99 0.09
C ASN A 66 -1.83 -10.46 1.48
N LEU A 67 -2.70 -10.24 2.46
CA LEU A 67 -2.41 -10.66 3.82
C LEU A 67 -3.72 -10.92 4.55
N ASP A 68 -3.86 -12.15 5.04
CA ASP A 68 -5.17 -12.64 5.47
C ASP A 68 -5.21 -12.67 7.00
N GLY A 69 -6.42 -12.62 7.52
CA GLY A 69 -6.62 -12.76 8.96
C GLY A 69 -6.91 -11.40 9.60
N ILE A 70 -7.26 -10.44 8.76
CA ILE A 70 -7.51 -9.10 9.24
C ILE A 70 -8.83 -9.07 10.01
N ASN A 71 -9.05 -7.96 10.71
CA ASN A 71 -10.30 -7.76 11.42
C ASN A 71 -11.47 -8.03 10.48
N PRO A 72 -12.62 -8.45 11.07
CA PRO A 72 -13.83 -8.68 10.30
C PRO A 72 -14.48 -7.35 9.90
N ALA A 73 -14.08 -6.31 10.59
CA ALA A 73 -14.57 -4.97 10.27
C ALA A 73 -13.54 -3.93 10.72
N PRO A 74 -12.47 -3.79 9.90
CA PRO A 74 -11.40 -2.85 10.23
C PRO A 74 -11.84 -1.42 9.95
N ARG A 75 -12.01 -1.12 8.68
CA ARG A 75 -12.44 0.21 8.27
C ARG A 75 -11.45 1.26 8.78
N GLY A 76 -10.20 0.84 8.93
CA GLY A 76 -9.12 1.77 9.18
C GLY A 76 -8.80 1.85 10.68
N MET A 77 -9.79 1.47 11.47
CA MET A 77 -9.77 1.80 12.89
C MET A 77 -8.52 1.23 13.57
N PRO A 78 -8.36 -0.11 13.43
CA PRO A 78 -7.39 -0.83 14.23
C PRO A 78 -5.96 -0.56 13.77
N GLN A 79 -5.02 -1.11 14.52
CA GLN A 79 -3.61 -0.94 14.21
C GLN A 79 -3.24 -1.76 12.96
N ILE A 80 -3.57 -1.21 11.80
CA ILE A 80 -3.27 -1.88 10.55
C ILE A 80 -2.12 -1.15 9.85
N GLU A 81 -0.91 -1.62 10.13
CA GLU A 81 0.26 -1.08 9.47
C GLU A 81 0.41 -1.68 8.07
N VAL A 82 -0.46 -1.23 7.18
CA VAL A 82 -0.21 -1.34 5.75
C VAL A 82 0.69 -0.17 5.32
N THR A 83 2.00 -0.41 5.36
CA THR A 83 2.95 0.69 5.41
C THR A 83 3.35 1.10 4.00
N PHE A 84 3.55 2.40 3.83
CA PHE A 84 4.25 2.91 2.65
C PHE A 84 5.65 3.41 3.02
N ASP A 85 6.60 2.49 3.00
CA ASP A 85 7.89 2.73 3.62
C ASP A 85 8.98 2.69 2.55
N ILE A 86 9.69 3.81 2.44
CA ILE A 86 10.67 3.96 1.37
C ILE A 86 12.07 3.72 1.95
N ASP A 87 12.81 2.84 1.30
CA ASP A 87 14.12 2.45 1.78
C ASP A 87 15.18 3.38 1.20
N ALA A 88 16.41 3.19 1.65
CA ALA A 88 17.51 4.04 1.22
C ALA A 88 17.71 3.88 -0.29
N ASP A 89 17.45 2.67 -0.76
CA ASP A 89 17.63 2.36 -2.17
C ASP A 89 16.53 3.04 -2.98
N GLY A 90 15.47 3.42 -2.28
CA GLY A 90 14.35 4.09 -2.91
C GLY A 90 13.25 3.09 -3.27
N ILE A 91 13.37 1.90 -2.70
CA ILE A 91 12.36 0.88 -2.88
C ILE A 91 11.20 1.13 -1.92
N LEU A 92 10.00 0.96 -2.44
CA LEU A 92 8.81 0.99 -1.60
C LEU A 92 8.62 -0.39 -0.96
N HIS A 93 8.98 -0.48 0.32
CA HIS A 93 8.64 -1.64 1.12
C HIS A 93 7.20 -1.51 1.63
N VAL A 94 6.29 -2.17 0.93
CA VAL A 94 4.88 -2.07 1.25
C VAL A 94 4.48 -3.25 2.14
N SER A 95 4.17 -2.94 3.39
CA SER A 95 3.92 -3.97 4.38
C SER A 95 2.41 -4.17 4.55
N ALA A 96 2.06 -5.27 5.20
CA ALA A 96 0.83 -5.33 5.96
C ALA A 96 1.07 -6.07 7.28
N LYS A 97 1.26 -5.28 8.34
CA LYS A 97 1.48 -5.85 9.65
C LYS A 97 0.22 -5.66 10.50
N ASP A 98 -0.52 -6.75 10.65
CA ASP A 98 -1.82 -6.70 11.29
C ASP A 98 -1.67 -7.06 12.77
N LYS A 99 -2.13 -6.15 13.62
CA LYS A 99 -2.21 -6.42 15.04
C LYS A 99 -3.21 -7.56 15.28
N ASN A 100 -4.23 -7.59 14.44
CA ASN A 100 -5.32 -8.53 14.62
C ASN A 100 -4.81 -9.95 14.41
N SER A 101 -4.08 -10.13 13.33
CA SER A 101 -3.66 -11.46 12.92
C SER A 101 -2.31 -11.81 13.56
N GLY A 102 -1.51 -10.78 13.77
CA GLY A 102 -0.18 -10.97 14.33
C GLY A 102 0.84 -11.24 13.23
N LYS A 103 0.38 -11.15 12.00
CA LYS A 103 1.23 -11.41 10.85
C LYS A 103 2.08 -10.16 10.56
N GLU A 104 3.18 -10.38 9.86
CA GLU A 104 3.73 -9.35 9.00
C GLU A 104 4.16 -9.96 7.66
N GLN A 105 3.37 -9.67 6.63
CA GLN A 105 3.78 -9.99 5.27
C GLN A 105 3.96 -8.71 4.46
N LYS A 106 4.96 -8.73 3.59
CA LYS A 106 5.49 -7.50 3.02
C LYS A 106 5.85 -7.74 1.55
N ILE A 107 5.85 -6.66 0.79
CA ILE A 107 6.25 -6.72 -0.60
C ILE A 107 7.23 -5.59 -0.90
N THR A 108 8.33 -5.95 -1.55
CA THR A 108 9.34 -4.97 -1.93
C THR A 108 9.14 -4.54 -3.38
N ILE A 109 8.95 -3.24 -3.56
CA ILE A 109 8.48 -2.73 -4.83
C ILE A 109 9.32 -1.50 -5.22
N LYS A 110 10.06 -1.64 -6.29
CA LYS A 110 11.03 -0.64 -6.67
C LYS A 110 10.32 0.55 -7.32
N ALA A 111 10.74 1.75 -6.94
CA ALA A 111 10.11 2.96 -7.42
C ALA A 111 10.76 3.38 -8.74
N SER A 112 10.69 2.49 -9.72
CA SER A 112 11.31 2.74 -11.01
C SER A 112 10.76 1.78 -12.05
N SER A 113 9.44 1.82 -12.21
CA SER A 113 8.75 0.88 -13.08
C SER A 113 7.31 1.33 -13.30
N GLY A 114 7.17 2.56 -13.77
CA GLY A 114 5.86 3.15 -13.95
C GLY A 114 5.73 3.85 -15.31
N LEU A 115 4.51 4.16 -15.67
CA LEU A 115 4.24 4.82 -16.94
C LEU A 115 2.83 5.41 -16.93
N LEU A 5 8.16 5.74 -12.22
CA LEU A 5 7.08 6.70 -12.19
C LEU A 5 6.37 6.65 -10.84
N SER A 6 5.39 7.52 -10.68
CA SER A 6 4.79 7.74 -9.38
C SER A 6 4.09 6.45 -8.91
N LEU A 7 4.67 5.83 -7.90
CA LEU A 7 4.12 4.60 -7.36
C LEU A 7 3.10 4.94 -6.28
N GLY A 8 1.95 4.28 -6.36
CA GLY A 8 1.00 4.28 -5.26
C GLY A 8 0.16 3.00 -5.26
N ILE A 9 -1.03 3.12 -4.69
CA ILE A 9 -1.94 1.98 -4.63
C ILE A 9 -3.33 2.43 -5.06
N GLU A 10 -4.16 1.45 -5.38
CA GLU A 10 -5.59 1.67 -5.48
C GLU A 10 -6.23 1.71 -4.09
N THR A 11 -6.66 2.90 -3.71
CA THR A 11 -7.40 3.06 -2.47
C THR A 11 -8.91 3.14 -2.75
N MET A 12 -9.69 2.70 -1.76
CA MET A 12 -11.04 2.25 -2.03
C MET A 12 -11.84 3.32 -2.76
N GLY A 13 -12.38 2.92 -3.91
CA GLY A 13 -12.94 3.88 -4.85
C GLY A 13 -12.47 3.58 -6.27
N GLY A 14 -11.38 2.84 -6.36
CA GLY A 14 -10.83 2.47 -7.65
C GLY A 14 -9.88 3.55 -8.18
N VAL A 15 -9.29 4.27 -7.24
CA VAL A 15 -8.55 5.47 -7.59
C VAL A 15 -7.11 5.35 -7.07
N MET A 16 -6.18 5.78 -7.91
CA MET A 16 -4.79 5.84 -7.50
C MET A 16 -4.58 6.94 -6.44
N THR A 17 -4.04 6.52 -5.31
CA THR A 17 -3.48 7.46 -4.36
C THR A 17 -1.95 7.32 -4.30
N THR A 18 -1.28 8.34 -4.80
CA THR A 18 0.17 8.44 -4.63
C THR A 18 0.50 8.68 -3.15
N LEU A 19 0.64 7.58 -2.43
CA LEU A 19 1.03 7.65 -1.03
C LEU A 19 2.25 8.56 -0.89
N ILE A 20 3.27 8.25 -1.68
CA ILE A 20 4.47 9.08 -1.71
C ILE A 20 5.06 9.04 -3.11
N ALA A 21 5.90 10.03 -3.40
CA ALA A 21 6.32 10.29 -4.76
C ALA A 21 7.56 9.45 -5.07
N LYS A 22 7.88 9.39 -6.35
CA LYS A 22 9.00 8.57 -6.81
C LYS A 22 10.28 9.03 -6.09
N ASN A 23 10.34 10.33 -5.84
CA ASN A 23 11.50 10.91 -5.19
C ASN A 23 11.05 11.60 -3.89
N THR A 24 10.49 10.79 -3.00
CA THR A 24 10.16 11.28 -1.66
C THR A 24 11.44 11.39 -0.82
N THR A 25 12.32 12.27 -1.27
CA THR A 25 13.46 12.68 -0.44
C THR A 25 13.94 11.50 0.41
N ILE A 26 14.64 10.58 -0.24
CA ILE A 26 14.88 9.27 0.33
C ILE A 26 15.92 9.39 1.43
N PRO A 27 16.07 8.28 2.22
CA PRO A 27 14.92 7.41 2.49
C PRO A 27 13.98 8.07 3.51
N THR A 28 12.78 7.50 3.59
CA THR A 28 11.77 8.04 4.49
C THR A 28 10.65 7.02 4.69
N LYS A 29 9.70 7.39 5.53
CA LYS A 29 8.66 6.46 5.94
C LYS A 29 7.31 7.19 5.94
N HIS A 30 6.35 6.57 5.27
CA HIS A 30 4.98 7.06 5.31
C HIS A 30 4.04 5.91 5.66
N SER A 31 2.82 6.27 6.02
CA SER A 31 1.82 5.29 6.41
C SER A 31 0.43 5.72 5.93
N GLN A 32 -0.01 6.86 6.43
CA GLN A 32 -1.32 7.38 6.08
C GLN A 32 -2.42 6.50 6.68
N VAL A 33 -3.60 7.08 6.81
CA VAL A 33 -4.81 6.29 6.91
C VAL A 33 -5.08 5.60 5.57
N PHE A 34 -5.28 4.30 5.64
CA PHE A 34 -5.63 3.53 4.46
C PHE A 34 -6.46 2.30 4.82
N SER A 35 -7.66 2.23 4.24
CA SER A 35 -8.68 1.33 4.73
C SER A 35 -8.33 -0.11 4.38
N THR A 36 -8.61 -0.99 5.33
CA THR A 36 -8.53 -2.43 5.06
C THR A 36 -9.81 -2.91 4.38
N ALA A 37 -9.76 -2.95 3.05
CA ALA A 37 -10.98 -2.93 2.27
C ALA A 37 -10.73 -3.67 0.94
N GLU A 38 -10.53 -4.97 1.04
CA GLU A 38 -10.51 -5.82 -0.13
C GLU A 38 -11.93 -6.12 -0.60
N ASP A 39 -12.47 -5.20 -1.38
CA ASP A 39 -13.85 -5.31 -1.83
C ASP A 39 -14.77 -5.50 -0.62
N ASN A 40 -15.04 -6.76 -0.33
CA ASN A 40 -16.12 -7.10 0.59
C ASN A 40 -15.57 -7.88 1.77
N GLN A 41 -14.27 -8.12 1.72
CA GLN A 41 -13.68 -9.20 2.49
C GLN A 41 -12.93 -8.65 3.71
N SER A 42 -12.75 -9.50 4.70
CA SER A 42 -11.99 -9.13 5.89
C SER A 42 -10.49 -9.15 5.57
N ALA A 43 -10.09 -8.24 4.71
CA ALA A 43 -8.74 -8.28 4.15
C ALA A 43 -8.36 -6.88 3.68
N VAL A 44 -7.07 -6.72 3.39
CA VAL A 44 -6.57 -5.45 2.90
C VAL A 44 -5.79 -5.69 1.61
N THR A 45 -6.10 -4.88 0.60
CA THR A 45 -5.61 -5.12 -0.74
C THR A 45 -4.65 -4.01 -1.17
N ILE A 46 -3.44 -4.42 -1.53
CA ILE A 46 -2.50 -3.52 -2.16
C ILE A 46 -2.36 -3.89 -3.64
N HIS A 47 -2.94 -3.05 -4.49
CA HIS A 47 -2.65 -3.09 -5.90
C HIS A 47 -1.60 -2.03 -6.25
N VAL A 48 -0.37 -2.48 -6.42
CA VAL A 48 0.71 -1.57 -6.72
C VAL A 48 0.64 -1.17 -8.20
N LEU A 49 0.50 0.14 -8.42
CA LEU A 49 0.52 0.67 -9.77
C LEU A 49 1.44 1.89 -9.83
N GLN A 50 1.94 2.16 -11.01
CA GLN A 50 2.64 3.41 -11.27
C GLN A 50 2.39 3.87 -12.70
N GLY A 51 2.30 5.19 -12.87
CA GLY A 51 2.01 5.76 -14.17
C GLY A 51 0.95 6.85 -14.06
N GLU A 52 -0.30 6.42 -14.05
CA GLU A 52 -1.41 7.36 -13.98
C GLU A 52 -1.62 7.82 -12.53
N ARG A 53 -2.75 8.46 -12.30
CA ARG A 53 -2.99 9.14 -11.04
C ARG A 53 -4.48 9.44 -10.87
N LYS A 54 -5.15 9.60 -12.00
CA LYS A 54 -6.57 9.33 -12.08
C LYS A 54 -6.82 7.86 -11.73
N ARG A 55 -7.91 7.33 -12.26
CA ARG A 55 -8.41 6.04 -11.82
C ARG A 55 -7.32 4.97 -11.98
N ALA A 56 -7.37 3.99 -11.08
CA ALA A 56 -6.28 3.04 -10.97
C ALA A 56 -6.30 2.08 -12.16
N ALA A 57 -7.46 2.04 -12.81
CA ALA A 57 -7.74 0.97 -13.76
C ALA A 57 -6.97 1.24 -15.06
N ASP A 58 -6.41 2.44 -15.14
CA ASP A 58 -5.64 2.82 -16.30
C ASP A 58 -4.17 3.00 -15.90
N ASN A 59 -3.86 2.55 -14.70
CA ASN A 59 -2.56 2.81 -14.11
C ASN A 59 -1.77 1.50 -14.02
N LYS A 60 -0.52 1.59 -14.42
CA LYS A 60 0.20 0.41 -14.89
C LYS A 60 0.67 -0.42 -13.69
N SER A 61 0.14 -1.62 -13.59
CA SER A 61 0.45 -2.49 -12.47
C SER A 61 1.90 -3.00 -12.60
N LEU A 62 2.45 -3.38 -11.47
CA LEU A 62 3.76 -4.00 -11.45
C LEU A 62 3.92 -4.86 -10.19
N GLY A 63 2.80 -5.48 -9.80
CA GLY A 63 2.80 -6.32 -8.62
C GLY A 63 1.58 -6.04 -7.75
N GLN A 64 1.31 -6.97 -6.84
CA GLN A 64 0.16 -6.85 -5.95
C GLN A 64 0.36 -7.71 -4.70
N PHE A 65 -0.39 -7.38 -3.67
CA PHE A 65 -0.33 -8.13 -2.43
C PHE A 65 -1.50 -7.77 -1.51
N ASN A 66 -2.05 -8.80 -0.87
CA ASN A 66 -3.15 -8.59 0.05
C ASN A 66 -2.88 -9.39 1.34
N LEU A 67 -3.51 -8.95 2.42
CA LEU A 67 -3.42 -9.66 3.68
C LEU A 67 -4.83 -9.97 4.19
N ASP A 68 -5.13 -11.26 4.28
CA ASP A 68 -6.46 -11.70 4.64
C ASP A 68 -6.49 -12.07 6.12
N GLY A 69 -7.62 -11.80 6.75
CA GLY A 69 -7.80 -12.14 8.15
C GLY A 69 -7.66 -10.91 9.04
N ILE A 70 -8.29 -9.83 8.60
CA ILE A 70 -8.28 -8.59 9.38
C ILE A 70 -9.67 -8.40 10.01
N ASN A 71 -9.74 -8.71 11.30
CA ASN A 71 -11.00 -8.66 12.01
C ASN A 71 -11.09 -7.34 12.78
N PRO A 72 -12.33 -6.98 13.18
CA PRO A 72 -12.54 -6.01 14.24
C PRO A 72 -12.25 -6.64 15.61
N ALA A 73 -11.74 -5.80 16.51
CA ALA A 73 -11.29 -6.28 17.80
C ALA A 73 -11.39 -5.15 18.83
N PRO A 74 -11.51 -5.55 20.12
CA PRO A 74 -11.37 -4.61 21.22
C PRO A 74 -9.90 -4.26 21.44
N ARG A 75 -9.12 -5.27 21.78
CA ARG A 75 -7.71 -5.06 22.09
C ARG A 75 -6.96 -4.61 20.85
N GLY A 76 -7.57 -4.86 19.69
CA GLY A 76 -6.99 -4.44 18.44
C GLY A 76 -7.86 -3.39 17.74
N MET A 77 -8.43 -2.52 18.56
CA MET A 77 -8.99 -1.28 18.06
C MET A 77 -7.98 -0.54 17.17
N PRO A 78 -6.71 -0.52 17.66
CA PRO A 78 -5.56 -0.50 16.76
C PRO A 78 -5.35 -1.89 16.13
N GLN A 79 -6.01 -2.11 15.01
CA GLN A 79 -5.98 -3.41 14.36
C GLN A 79 -4.68 -3.55 13.55
N ILE A 80 -4.38 -2.50 12.81
CA ILE A 80 -3.55 -2.64 11.62
C ILE A 80 -2.44 -1.59 11.64
N GLU A 81 -1.36 -1.89 10.94
CA GLU A 81 -0.51 -0.85 10.39
C GLU A 81 -0.03 -1.22 8.98
N VAL A 82 -0.28 -0.32 8.05
CA VAL A 82 0.13 -0.53 6.67
C VAL A 82 1.16 0.53 6.28
N THR A 83 2.37 0.06 6.00
CA THR A 83 3.48 0.96 5.75
C THR A 83 3.61 1.26 4.26
N PHE A 84 3.99 2.50 3.97
CA PHE A 84 4.54 2.82 2.66
C PHE A 84 5.85 3.59 2.80
N ASP A 85 6.94 2.86 2.86
CA ASP A 85 8.18 3.40 3.38
C ASP A 85 9.31 3.15 2.37
N ILE A 86 9.96 4.23 1.98
CA ILE A 86 10.99 4.15 0.97
C ILE A 86 12.30 3.71 1.61
N ASP A 87 12.88 2.65 1.04
CA ASP A 87 14.17 2.17 1.49
C ASP A 87 15.28 2.93 0.76
N ALA A 88 16.50 2.75 1.24
CA ALA A 88 17.61 3.55 0.78
C ALA A 88 17.84 3.30 -0.72
N ASP A 89 17.54 2.08 -1.13
CA ASP A 89 17.82 1.65 -2.49
C ASP A 89 16.86 2.37 -3.45
N GLY A 90 15.80 2.91 -2.89
CA GLY A 90 14.78 3.57 -3.68
C GLY A 90 13.65 2.60 -4.04
N ILE A 91 13.54 1.54 -3.25
CA ILE A 91 12.39 0.66 -3.33
C ILE A 91 11.33 1.12 -2.33
N LEU A 92 10.09 1.17 -2.80
CA LEU A 92 8.96 1.42 -1.92
C LEU A 92 8.53 0.12 -1.26
N HIS A 93 8.93 -0.04 0.00
CA HIS A 93 8.45 -1.15 0.80
C HIS A 93 7.01 -0.90 1.21
N VAL A 94 6.15 -1.84 0.86
CA VAL A 94 4.78 -1.84 1.34
C VAL A 94 4.52 -3.14 2.12
N SER A 95 3.89 -2.98 3.27
CA SER A 95 3.62 -4.12 4.14
C SER A 95 2.39 -3.84 5.00
N ALA A 96 1.72 -4.91 5.39
CA ALA A 96 0.68 -4.83 6.40
C ALA A 96 0.91 -5.92 7.46
N LYS A 97 0.64 -5.56 8.70
CA LYS A 97 0.85 -6.47 9.81
C LYS A 97 -0.25 -6.25 10.85
N ASP A 98 -0.92 -7.34 11.20
CA ASP A 98 -2.12 -7.25 12.01
C ASP A 98 -1.75 -7.48 13.48
N LYS A 99 -2.14 -6.53 14.30
CA LYS A 99 -1.65 -6.47 15.68
C LYS A 99 -2.35 -7.56 16.50
N ASN A 100 -3.57 -7.89 16.08
CA ASN A 100 -4.40 -8.80 16.85
C ASN A 100 -4.00 -10.24 16.55
N SER A 101 -3.83 -10.51 15.26
CA SER A 101 -3.62 -11.89 14.82
C SER A 101 -2.12 -12.19 14.77
N GLY A 102 -1.36 -11.17 14.42
CA GLY A 102 0.08 -11.33 14.26
C GLY A 102 0.42 -11.78 12.83
N LYS A 103 -0.59 -11.80 11.99
CA LYS A 103 -0.41 -12.18 10.60
C LYS A 103 0.13 -10.98 9.82
N GLU A 104 1.05 -11.28 8.91
CA GLU A 104 1.82 -10.23 8.26
C GLU A 104 2.30 -10.69 6.89
N GLN A 105 2.58 -9.73 6.03
CA GLN A 105 3.20 -10.02 4.74
C GLN A 105 3.77 -8.74 4.13
N LYS A 106 4.89 -8.90 3.44
CA LYS A 106 5.60 -7.75 2.89
C LYS A 106 5.48 -7.78 1.36
N ILE A 107 5.70 -6.62 0.76
CA ILE A 107 5.85 -6.54 -0.68
C ILE A 107 6.80 -5.38 -1.02
N THR A 108 7.84 -5.71 -1.77
CA THR A 108 8.84 -4.72 -2.13
C THR A 108 8.83 -4.47 -3.65
N ILE A 109 8.71 -3.20 -4.00
CA ILE A 109 8.58 -2.83 -5.40
C ILE A 109 9.46 -1.61 -5.69
N LYS A 110 10.33 -1.77 -6.68
CA LYS A 110 11.25 -0.71 -7.05
C LYS A 110 10.45 0.49 -7.57
N ALA A 111 10.87 1.68 -7.15
CA ALA A 111 10.29 2.91 -7.66
C ALA A 111 10.98 3.28 -8.98
N SER A 112 10.34 2.88 -10.07
CA SER A 112 11.00 2.89 -11.36
C SER A 112 11.06 4.31 -11.91
N SER A 113 11.42 4.41 -13.18
CA SER A 113 11.57 5.70 -13.82
C SER A 113 11.07 5.63 -15.27
N GLY A 114 10.02 4.84 -15.45
CA GLY A 114 9.46 4.65 -16.79
C GLY A 114 8.06 4.04 -16.71
N LEU A 115 7.47 3.84 -17.88
CA LEU A 115 6.12 3.33 -17.95
C LEU A 115 6.12 1.82 -17.75
N LEU A 5 8.72 7.97 -10.54
CA LEU A 5 7.36 8.33 -10.91
C LEU A 5 6.40 7.90 -9.80
N SER A 6 5.28 8.62 -9.72
CA SER A 6 4.31 8.37 -8.66
C SER A 6 3.90 6.89 -8.68
N LEU A 7 4.29 6.19 -7.62
CA LEU A 7 3.59 4.98 -7.24
C LEU A 7 2.32 5.35 -6.46
N GLY A 8 1.18 5.16 -7.11
CA GLY A 8 -0.10 5.16 -6.43
C GLY A 8 -0.72 3.77 -6.41
N ILE A 9 -1.41 3.48 -5.32
CA ILE A 9 -1.97 2.15 -5.13
C ILE A 9 -3.49 2.22 -5.24
N GLU A 10 -4.08 1.07 -5.57
CA GLU A 10 -5.52 1.00 -5.77
C GLU A 10 -6.25 1.02 -4.43
N THR A 11 -6.84 2.17 -4.13
CA THR A 11 -7.45 2.37 -2.82
C THR A 11 -8.93 2.71 -2.97
N MET A 12 -9.55 3.04 -1.84
CA MET A 12 -10.96 3.39 -1.84
C MET A 12 -11.33 4.16 -3.11
N GLY A 13 -12.30 3.60 -3.84
CA GLY A 13 -12.86 4.29 -4.99
C GLY A 13 -12.17 3.83 -6.28
N GLY A 14 -11.26 2.89 -6.13
CA GLY A 14 -10.56 2.34 -7.28
C GLY A 14 -9.57 3.35 -7.85
N VAL A 15 -9.05 4.19 -6.98
CA VAL A 15 -8.22 5.31 -7.41
C VAL A 15 -6.77 5.06 -6.97
N MET A 16 -5.85 5.45 -7.85
CA MET A 16 -4.45 5.18 -7.61
C MET A 16 -3.85 6.19 -6.64
N THR A 17 -4.29 6.10 -5.40
CA THR A 17 -3.92 7.10 -4.41
C THR A 17 -2.41 7.29 -4.36
N THR A 18 -1.97 8.44 -4.85
CA THR A 18 -0.57 8.82 -4.73
C THR A 18 -0.21 9.07 -3.26
N LEU A 19 0.10 7.98 -2.57
CA LEU A 19 0.71 8.08 -1.25
C LEU A 19 2.12 8.67 -1.39
N ILE A 20 2.92 8.01 -2.21
CA ILE A 20 4.30 8.42 -2.39
C ILE A 20 4.40 9.40 -3.56
N ALA A 21 5.11 10.50 -3.31
CA ALA A 21 5.12 11.60 -4.24
C ALA A 21 6.43 11.60 -5.03
N LYS A 22 6.42 12.32 -6.14
CA LYS A 22 7.62 12.45 -6.96
C LYS A 22 8.74 13.06 -6.12
N ASN A 23 9.72 12.22 -5.81
CA ASN A 23 10.80 12.63 -4.91
C ASN A 23 10.21 13.04 -3.57
N THR A 24 9.54 12.09 -2.93
CA THR A 24 8.86 12.36 -1.68
C THR A 24 9.80 13.08 -0.71
N THR A 25 10.77 12.32 -0.19
CA THR A 25 11.72 12.86 0.76
C THR A 25 13.01 12.04 0.73
N ILE A 26 12.85 10.73 0.63
CA ILE A 26 13.96 9.85 0.30
C ILE A 26 15.19 10.29 1.10
N PRO A 27 15.21 9.88 2.40
CA PRO A 27 14.32 8.85 2.87
C PRO A 27 12.89 9.38 3.02
N THR A 28 11.95 8.45 3.02
CA THR A 28 10.64 8.70 3.63
C THR A 28 10.08 7.41 4.23
N LYS A 29 9.33 7.58 5.30
CA LYS A 29 8.64 6.46 5.93
C LYS A 29 7.30 6.94 6.47
N HIS A 30 6.28 6.13 6.22
CA HIS A 30 4.93 6.49 6.61
C HIS A 30 4.11 5.21 6.88
N SER A 31 3.31 5.27 7.93
CA SER A 31 2.68 4.08 8.44
C SER A 31 1.24 4.40 8.89
N GLN A 32 0.47 3.34 9.07
CA GLN A 32 -0.91 3.50 9.52
C GLN A 32 -1.79 3.97 8.37
N VAL A 33 -1.35 5.04 7.72
CA VAL A 33 -1.65 5.25 6.31
C VAL A 33 -3.05 4.72 6.02
N PHE A 34 -3.10 3.70 5.18
CA PHE A 34 -4.36 3.04 4.87
C PHE A 34 -4.58 1.83 5.80
N SER A 35 -5.82 1.34 5.79
CA SER A 35 -6.11 0.07 6.42
C SER A 35 -7.42 -0.50 5.87
N THR A 36 -8.52 0.19 6.20
CA THR A 36 -9.82 -0.20 5.71
C THR A 36 -10.67 1.03 5.40
N ALA A 37 -11.63 0.83 4.52
CA ALA A 37 -12.41 1.96 4.00
C ALA A 37 -13.77 1.44 3.51
N GLU A 38 -13.71 0.59 2.50
CA GLU A 38 -14.92 0.05 1.91
C GLU A 38 -15.41 -1.17 2.70
N ASP A 39 -16.65 -1.55 2.45
CA ASP A 39 -17.20 -2.76 3.02
C ASP A 39 -16.50 -3.97 2.40
N ASN A 40 -15.93 -3.75 1.22
CA ASN A 40 -15.31 -4.84 0.47
C ASN A 40 -14.09 -5.35 1.24
N GLN A 41 -13.51 -4.46 2.03
CA GLN A 41 -12.29 -4.78 2.75
C GLN A 41 -12.62 -5.75 3.90
N SER A 42 -12.68 -7.03 3.56
CA SER A 42 -12.39 -8.07 4.52
C SER A 42 -10.89 -8.38 4.52
N ALA A 43 -10.18 -7.72 3.61
CA ALA A 43 -8.73 -7.81 3.58
C ALA A 43 -8.14 -6.44 3.27
N VAL A 44 -6.83 -6.39 3.18
CA VAL A 44 -6.16 -5.37 2.38
C VAL A 44 -5.68 -6.00 1.07
N THR A 45 -5.89 -5.26 -0.01
CA THR A 45 -5.53 -5.75 -1.33
C THR A 45 -4.78 -4.66 -2.12
N ILE A 46 -3.50 -4.51 -1.79
CA ILE A 46 -2.72 -3.43 -2.35
C ILE A 46 -2.25 -3.83 -3.76
N HIS A 47 -2.74 -3.09 -4.75
CA HIS A 47 -2.21 -3.21 -6.09
C HIS A 47 -1.24 -2.06 -6.37
N VAL A 48 0.04 -2.39 -6.42
CA VAL A 48 1.06 -1.43 -6.78
C VAL A 48 0.95 -1.10 -8.26
N LEU A 49 0.78 0.19 -8.55
CA LEU A 49 0.76 0.65 -9.92
C LEU A 49 1.43 2.03 -9.98
N GLN A 50 1.87 2.39 -11.19
CA GLN A 50 2.49 3.68 -11.41
C GLN A 50 1.89 4.36 -12.64
N GLY A 51 1.88 5.68 -12.60
CA GLY A 51 1.25 6.46 -13.66
C GLY A 51 0.63 7.74 -13.10
N GLU A 52 -0.25 8.33 -13.90
CA GLU A 52 -0.97 9.52 -13.48
C GLU A 52 -2.22 9.72 -14.32
N ARG A 53 -3.27 9.01 -13.93
CA ARG A 53 -4.51 9.06 -14.68
C ARG A 53 -5.69 8.66 -13.77
N LYS A 54 -5.63 9.14 -12.54
CA LYS A 54 -6.79 9.09 -11.66
C LYS A 54 -7.06 7.63 -11.28
N ARG A 55 -7.72 6.93 -12.19
CA ARG A 55 -8.21 5.59 -11.89
C ARG A 55 -7.05 4.59 -11.87
N ALA A 56 -7.22 3.55 -11.08
CA ALA A 56 -6.19 2.53 -10.96
C ALA A 56 -6.20 1.67 -12.23
N ALA A 57 -7.35 1.63 -12.88
CA ALA A 57 -7.52 0.79 -14.06
C ALA A 57 -6.90 1.49 -15.27
N ASP A 58 -6.48 2.72 -15.06
CA ASP A 58 -5.85 3.48 -16.11
C ASP A 58 -4.39 3.78 -15.73
N ASN A 59 -3.83 2.89 -14.92
CA ASN A 59 -2.50 3.07 -14.41
C ASN A 59 -1.76 1.73 -14.39
N LYS A 60 -0.45 1.81 -14.55
CA LYS A 60 0.32 0.66 -15.01
C LYS A 60 0.60 -0.26 -13.81
N SER A 61 0.09 -1.47 -13.91
CA SER A 61 0.28 -2.46 -12.87
C SER A 61 1.76 -2.86 -12.80
N LEU A 62 2.20 -3.18 -11.60
CA LEU A 62 3.46 -3.90 -11.41
C LEU A 62 3.37 -4.77 -10.16
N GLY A 63 2.24 -5.47 -10.05
CA GLY A 63 2.12 -6.53 -9.05
C GLY A 63 1.25 -6.06 -7.88
N GLN A 64 1.07 -6.97 -6.92
CA GLN A 64 0.16 -6.72 -5.83
C GLN A 64 0.56 -7.56 -4.61
N PHE A 65 -0.08 -7.26 -3.48
CA PHE A 65 -0.04 -8.14 -2.33
C PHE A 65 -1.28 -7.97 -1.47
N ASN A 66 -1.60 -9.03 -0.73
CA ASN A 66 -2.87 -9.08 -0.01
C ASN A 66 -2.62 -9.64 1.40
N LEU A 67 -3.50 -9.27 2.31
CA LEU A 67 -3.46 -9.81 3.65
C LEU A 67 -4.86 -9.74 4.27
N ASP A 68 -5.30 -10.89 4.78
CA ASP A 68 -6.72 -11.15 4.88
C ASP A 68 -7.11 -11.27 6.36
N GLY A 69 -8.39 -11.06 6.62
CA GLY A 69 -8.92 -11.28 7.96
C GLY A 69 -8.96 -9.97 8.75
N ILE A 70 -9.36 -8.91 8.06
CA ILE A 70 -9.35 -7.59 8.65
C ILE A 70 -10.77 -7.20 9.08
N ASN A 71 -10.84 -6.26 10.01
CA ASN A 71 -12.12 -5.69 10.40
C ASN A 71 -11.89 -4.33 11.05
N PRO A 72 -12.67 -3.32 10.54
CA PRO A 72 -12.75 -2.03 11.22
C PRO A 72 -13.62 -2.13 12.47
N ALA A 73 -13.50 -1.11 13.31
CA ALA A 73 -14.26 -1.07 14.55
C ALA A 73 -14.26 0.35 15.10
N PRO A 74 -15.36 0.70 15.82
CA PRO A 74 -15.83 2.07 15.86
C PRO A 74 -14.94 2.93 16.75
N ARG A 75 -14.99 4.23 16.51
CA ARG A 75 -14.35 5.19 17.40
C ARG A 75 -12.84 5.19 17.19
N GLY A 76 -12.24 4.04 17.48
CA GLY A 76 -10.85 3.82 17.15
C GLY A 76 -10.29 2.61 17.90
N MET A 77 -11.07 1.54 17.91
CA MET A 77 -10.71 0.36 18.66
C MET A 77 -9.38 -0.22 18.16
N PRO A 78 -9.34 -0.53 16.84
CA PRO A 78 -8.43 -1.55 16.34
C PRO A 78 -7.00 -1.02 16.29
N GLN A 79 -6.07 -1.94 16.11
CA GLN A 79 -4.69 -1.57 15.79
C GLN A 79 -4.22 -2.33 14.55
N ILE A 80 -3.78 -1.57 13.56
CA ILE A 80 -3.47 -2.12 12.25
C ILE A 80 -2.36 -1.31 11.60
N GLU A 81 -1.26 -1.99 11.31
CA GLU A 81 -0.06 -1.32 10.85
C GLU A 81 0.23 -1.69 9.39
N VAL A 82 -0.29 -0.87 8.48
CA VAL A 82 0.16 -0.89 7.11
C VAL A 82 1.29 0.13 6.93
N THR A 83 2.21 -0.21 6.03
CA THR A 83 3.38 0.63 5.81
C THR A 83 3.53 0.94 4.32
N PHE A 84 3.96 2.17 4.04
CA PHE A 84 4.52 2.47 2.74
C PHE A 84 5.78 3.35 2.88
N ASP A 85 6.91 2.68 3.00
CA ASP A 85 8.14 3.36 3.42
C ASP A 85 9.21 3.15 2.36
N ILE A 86 9.73 4.26 1.86
CA ILE A 86 10.62 4.23 0.71
C ILE A 86 12.07 4.29 1.19
N ASP A 87 12.86 3.32 0.74
CA ASP A 87 14.26 3.23 1.13
C ASP A 87 15.08 4.20 0.29
N ALA A 88 16.31 4.42 0.73
CA ALA A 88 17.25 5.23 -0.03
C ALA A 88 17.54 4.56 -1.36
N ASP A 89 17.46 3.23 -1.35
CA ASP A 89 17.80 2.44 -2.52
C ASP A 89 16.73 2.67 -3.60
N GLY A 90 15.59 3.18 -3.17
CA GLY A 90 14.55 3.58 -4.09
C GLY A 90 13.53 2.46 -4.27
N ILE A 91 13.46 1.59 -3.27
CA ILE A 91 12.40 0.61 -3.19
C ILE A 91 11.29 1.14 -2.29
N LEU A 92 10.05 0.95 -2.73
CA LEU A 92 8.92 1.03 -1.84
C LEU A 92 8.74 -0.31 -1.13
N HIS A 93 9.02 -0.30 0.17
CA HIS A 93 8.60 -1.39 1.04
C HIS A 93 7.15 -1.16 1.47
N VAL A 94 6.28 -2.07 1.04
CA VAL A 94 4.91 -2.09 1.52
C VAL A 94 4.67 -3.36 2.33
N SER A 95 3.87 -3.21 3.38
CA SER A 95 3.56 -4.34 4.24
C SER A 95 2.26 -4.06 5.01
N ALA A 96 1.63 -5.14 5.45
CA ALA A 96 0.57 -5.04 6.43
C ALA A 96 0.74 -6.11 7.50
N LYS A 97 0.31 -5.79 8.71
CA LYS A 97 0.41 -6.71 9.82
C LYS A 97 -0.70 -6.40 10.84
N ASP A 98 -1.44 -7.43 11.19
CA ASP A 98 -2.58 -7.26 12.08
C ASP A 98 -2.12 -7.41 13.53
N LYS A 99 -2.40 -6.39 14.32
CA LYS A 99 -1.96 -6.37 15.71
C LYS A 99 -2.66 -7.48 16.48
N ASN A 100 -3.89 -7.78 16.07
CA ASN A 100 -4.71 -8.73 16.78
C ASN A 100 -4.38 -10.15 16.31
N SER A 101 -4.45 -10.33 14.99
CA SER A 101 -4.41 -11.66 14.43
C SER A 101 -2.96 -12.13 14.30
N GLY A 102 -2.05 -11.17 14.33
CA GLY A 102 -0.63 -11.49 14.41
C GLY A 102 -0.06 -11.77 13.01
N LYS A 103 -0.86 -11.47 12.01
CA LYS A 103 -0.46 -11.70 10.63
C LYS A 103 0.68 -10.73 10.27
N GLU A 104 1.48 -11.15 9.31
CA GLU A 104 2.43 -10.25 8.67
C GLU A 104 2.71 -10.69 7.24
N GLN A 105 2.58 -9.74 6.33
CA GLN A 105 2.94 -9.97 4.94
C GLN A 105 3.50 -8.70 4.31
N LYS A 106 4.54 -8.88 3.50
CA LYS A 106 5.40 -7.77 3.13
C LYS A 106 5.82 -7.93 1.67
N ILE A 107 6.03 -6.79 1.02
CA ILE A 107 6.20 -6.77 -0.43
C ILE A 107 7.11 -5.61 -0.81
N THR A 108 8.23 -5.95 -1.44
CA THR A 108 9.16 -4.94 -1.90
C THR A 108 9.01 -4.72 -3.41
N ILE A 109 8.89 -3.46 -3.78
CA ILE A 109 8.77 -3.12 -5.19
C ILE A 109 9.75 -1.98 -5.51
N LYS A 110 10.73 -2.29 -6.35
CA LYS A 110 11.72 -1.31 -6.73
C LYS A 110 11.05 -0.18 -7.52
N ALA A 111 11.69 0.97 -7.50
CA ALA A 111 11.38 2.02 -8.46
C ALA A 111 11.44 1.44 -9.88
N SER A 112 10.37 1.68 -10.63
CA SER A 112 10.07 0.86 -11.79
C SER A 112 9.58 1.73 -12.94
N SER A 113 9.60 1.16 -14.13
CA SER A 113 8.86 1.72 -15.24
C SER A 113 7.81 0.73 -15.75
N GLY A 114 7.53 -0.25 -14.91
CA GLY A 114 6.73 -1.40 -15.33
C GLY A 114 7.64 -2.60 -15.62
N LEU A 115 8.76 -2.65 -14.94
CA LEU A 115 9.64 -3.80 -15.00
C LEU A 115 10.30 -4.02 -13.64
N LEU A 5 6.64 6.70 -13.22
CA LEU A 5 5.53 7.63 -13.30
C LEU A 5 4.61 7.44 -12.10
N SER A 6 5.01 8.02 -10.98
CA SER A 6 4.30 7.82 -9.73
C SER A 6 4.34 6.35 -9.34
N LEU A 7 3.89 6.07 -8.12
CA LEU A 7 3.52 4.72 -7.75
C LEU A 7 2.49 4.78 -6.61
N GLY A 8 1.24 4.98 -6.99
CA GLY A 8 0.17 5.08 -6.01
C GLY A 8 -0.47 3.71 -5.76
N ILE A 9 -1.45 3.71 -4.88
CA ILE A 9 -2.10 2.48 -4.49
C ILE A 9 -3.57 2.52 -4.92
N GLU A 10 -4.07 1.36 -5.33
CA GLU A 10 -5.49 1.22 -5.63
C GLU A 10 -6.30 1.09 -4.35
N THR A 11 -6.52 2.23 -3.70
CA THR A 11 -7.30 2.24 -2.47
C THR A 11 -8.77 2.53 -2.77
N MET A 12 -9.57 2.45 -1.72
CA MET A 12 -11.02 2.41 -1.88
C MET A 12 -11.50 3.53 -2.80
N GLY A 13 -12.28 3.14 -3.80
CA GLY A 13 -12.60 4.03 -4.90
C GLY A 13 -12.04 3.51 -6.22
N GLY A 14 -11.03 2.66 -6.10
CA GLY A 14 -10.37 2.10 -7.27
C GLY A 14 -9.49 3.15 -7.96
N VAL A 15 -8.75 3.88 -7.12
CA VAL A 15 -8.04 5.05 -7.61
C VAL A 15 -6.61 5.04 -7.05
N MET A 16 -5.66 5.37 -7.92
CA MET A 16 -4.26 5.21 -7.60
C MET A 16 -3.79 6.30 -6.63
N THR A 17 -4.20 6.14 -5.38
CA THR A 17 -3.90 7.13 -4.36
C THR A 17 -2.39 7.26 -4.19
N THR A 18 -1.89 8.45 -4.53
CA THR A 18 -0.47 8.73 -4.35
C THR A 18 -0.13 8.82 -2.86
N LEU A 19 0.24 7.66 -2.31
CA LEU A 19 0.68 7.60 -0.93
C LEU A 19 1.88 8.53 -0.74
N ILE A 20 2.89 8.32 -1.57
CA ILE A 20 4.04 9.21 -1.58
C ILE A 20 4.57 9.34 -3.01
N ALA A 21 5.45 10.32 -3.20
CA ALA A 21 5.63 10.92 -4.51
C ALA A 21 6.79 10.22 -5.23
N LYS A 22 6.89 10.49 -6.52
CA LYS A 22 7.96 9.91 -7.32
C LYS A 22 9.30 10.49 -6.87
N ASN A 23 10.20 9.58 -6.52
CA ASN A 23 11.39 9.96 -5.78
C ASN A 23 10.99 10.86 -4.60
N THR A 24 10.19 10.28 -3.71
CA THR A 24 9.72 11.01 -2.55
C THR A 24 10.83 11.89 -1.97
N THR A 25 11.91 11.23 -1.57
CA THR A 25 12.97 11.91 -0.85
C THR A 25 13.97 10.90 -0.29
N ILE A 26 13.44 9.76 0.12
CA ILE A 26 14.26 8.68 0.63
C ILE A 26 15.01 9.17 1.88
N PRO A 27 15.58 8.20 2.64
CA PRO A 27 14.83 7.02 3.03
C PRO A 27 13.85 7.37 4.17
N THR A 28 12.58 7.10 3.90
CA THR A 28 11.51 7.79 4.61
C THR A 28 10.28 6.87 4.75
N LYS A 29 9.62 7.00 5.89
CA LYS A 29 8.50 6.12 6.20
C LYS A 29 7.21 6.95 6.17
N HIS A 30 6.24 6.42 5.43
CA HIS A 30 4.85 6.83 5.63
C HIS A 30 4.00 5.60 5.94
N SER A 31 2.85 5.86 6.55
CA SER A 31 1.98 4.78 6.97
C SER A 31 0.56 5.32 7.19
N GLN A 32 0.45 6.22 8.16
CA GLN A 32 -0.86 6.64 8.63
C GLN A 32 -1.48 7.65 7.66
N VAL A 33 -2.16 7.10 6.65
CA VAL A 33 -2.86 7.94 5.69
C VAL A 33 -4.28 7.40 5.50
N PHE A 34 -4.36 6.17 5.07
CA PHE A 34 -5.64 5.58 4.69
C PHE A 34 -5.86 4.25 5.42
N SER A 35 -7.10 3.78 5.33
CA SER A 35 -7.44 2.48 5.89
C SER A 35 -8.56 1.83 5.07
N THR A 36 -9.12 0.77 5.64
CA THR A 36 -10.13 0.00 4.94
C THR A 36 -11.54 0.54 5.25
N ALA A 37 -12.50 0.08 4.46
CA ALA A 37 -13.85 0.62 4.54
C ALA A 37 -14.59 -0.05 5.69
N GLU A 38 -14.70 -1.37 5.60
CA GLU A 38 -15.43 -2.12 6.60
C GLU A 38 -14.50 -2.54 7.74
N ASP A 39 -14.65 -1.82 8.85
CA ASP A 39 -13.69 -1.93 9.94
C ASP A 39 -13.87 -3.28 10.63
N ASN A 40 -15.09 -3.78 10.60
CA ASN A 40 -15.40 -5.06 11.22
C ASN A 40 -14.54 -6.15 10.59
N GLN A 41 -14.43 -6.08 9.27
CA GLN A 41 -13.76 -7.14 8.52
C GLN A 41 -13.48 -6.68 7.09
N SER A 42 -12.21 -6.61 6.76
CA SER A 42 -11.78 -6.12 5.46
C SER A 42 -10.44 -6.74 5.06
N ALA A 43 -10.01 -6.40 3.85
CA ALA A 43 -8.70 -6.82 3.39
C ALA A 43 -8.00 -5.64 2.69
N VAL A 44 -6.72 -5.51 2.99
CA VAL A 44 -5.91 -4.48 2.35
C VAL A 44 -5.42 -5.01 1.00
N THR A 45 -6.30 -4.91 0.01
CA THR A 45 -5.95 -5.35 -1.34
C THR A 45 -5.10 -4.28 -2.03
N ILE A 46 -3.81 -4.32 -1.73
CA ILE A 46 -2.87 -3.42 -2.39
C ILE A 46 -2.53 -3.97 -3.77
N HIS A 47 -2.60 -3.09 -4.76
CA HIS A 47 -1.56 -3.01 -5.77
C HIS A 47 -0.94 -1.62 -5.74
N VAL A 48 0.33 -1.56 -6.13
CA VAL A 48 0.97 -0.29 -6.43
C VAL A 48 1.18 -0.18 -7.94
N LEU A 49 0.69 0.93 -8.49
CA LEU A 49 0.56 1.06 -9.93
C LEU A 49 1.19 2.39 -10.39
N GLN A 50 1.88 2.31 -11.51
CA GLN A 50 2.48 3.50 -12.09
C GLN A 50 1.84 3.83 -13.43
N GLY A 51 1.92 5.10 -13.81
CA GLY A 51 1.37 5.56 -15.07
C GLY A 51 0.88 7.00 -14.96
N GLU A 52 -0.11 7.32 -15.78
CA GLU A 52 -0.54 8.70 -15.94
C GLU A 52 -2.06 8.77 -16.10
N ARG A 53 -2.74 7.94 -15.31
CA ARG A 53 -4.20 7.94 -15.31
C ARG A 53 -4.72 8.07 -13.88
N LYS A 54 -5.96 8.52 -13.78
CA LYS A 54 -6.56 8.79 -12.49
C LYS A 54 -6.91 7.48 -11.79
N ARG A 55 -7.68 6.66 -12.50
CA ARG A 55 -8.20 5.43 -11.93
C ARG A 55 -7.19 4.30 -12.13
N ALA A 56 -7.23 3.35 -11.21
CA ALA A 56 -6.15 2.38 -11.07
C ALA A 56 -6.27 1.35 -12.19
N ALA A 57 -7.48 1.19 -12.69
CA ALA A 57 -7.79 0.10 -13.61
C ALA A 57 -7.23 0.44 -14.99
N ASP A 58 -6.77 1.69 -15.13
CA ASP A 58 -6.19 2.14 -16.37
C ASP A 58 -4.66 2.20 -16.22
N ASN A 59 -4.19 1.75 -15.07
CA ASN A 59 -2.86 2.08 -14.62
C ASN A 59 -2.03 0.80 -14.47
N LYS A 60 -0.73 0.95 -14.63
CA LYS A 60 0.14 -0.20 -14.83
C LYS A 60 0.59 -0.74 -13.48
N SER A 61 -0.03 -1.85 -13.08
CA SER A 61 0.40 -2.54 -11.87
C SER A 61 1.78 -3.15 -12.08
N LEU A 62 2.53 -3.23 -11.00
CA LEU A 62 3.82 -3.89 -11.02
C LEU A 62 4.15 -4.42 -9.62
N GLY A 63 3.09 -4.81 -8.92
CA GLY A 63 3.24 -5.23 -7.53
C GLY A 63 1.86 -5.44 -6.87
N GLN A 64 1.42 -6.70 -6.88
CA GLN A 64 0.15 -7.04 -6.28
C GLN A 64 0.37 -7.75 -4.94
N PHE A 65 -0.44 -7.38 -3.97
CA PHE A 65 -0.34 -7.96 -2.64
C PHE A 65 -1.56 -7.60 -1.78
N ASN A 66 -2.24 -8.63 -1.31
CA ASN A 66 -3.37 -8.44 -0.44
C ASN A 66 -3.06 -9.01 0.95
N LEU A 67 -3.80 -8.53 1.94
CA LEU A 67 -3.80 -9.16 3.25
C LEU A 67 -5.21 -9.14 3.82
N ASP A 68 -5.73 -10.34 4.07
CA ASP A 68 -7.10 -10.47 4.53
C ASP A 68 -7.09 -10.64 6.05
N GLY A 69 -8.22 -10.30 6.66
CA GLY A 69 -8.39 -10.48 8.09
C GLY A 69 -8.05 -9.19 8.85
N ILE A 70 -8.50 -8.08 8.29
CA ILE A 70 -8.10 -6.78 8.79
C ILE A 70 -9.18 -6.22 9.71
N ASN A 71 -8.74 -5.66 10.82
CA ASN A 71 -9.65 -5.03 11.76
C ASN A 71 -8.94 -3.86 12.45
N PRO A 72 -9.05 -2.66 11.82
CA PRO A 72 -8.24 -1.52 12.22
C PRO A 72 -8.78 -0.91 13.53
N ALA A 73 -7.92 -0.15 14.17
CA ALA A 73 -8.24 0.40 15.48
C ALA A 73 -7.31 1.57 15.78
N PRO A 74 -7.76 2.45 16.72
CA PRO A 74 -6.85 3.38 17.37
C PRO A 74 -5.98 2.67 18.40
N ARG A 75 -6.62 1.83 19.20
CA ARG A 75 -5.89 1.02 20.16
C ARG A 75 -5.02 -0.01 19.44
N GLY A 76 -3.72 0.24 19.47
CA GLY A 76 -2.77 -0.62 18.78
C GLY A 76 -2.60 -0.20 17.32
N MET A 77 -2.61 1.11 17.11
CA MET A 77 -2.23 1.66 15.83
C MET A 77 -0.85 1.15 15.38
N PRO A 78 0.12 1.23 16.33
CA PRO A 78 1.39 0.55 16.14
C PRO A 78 1.25 -0.95 16.35
N GLN A 79 0.46 -1.56 15.49
CA GLN A 79 0.12 -2.97 15.66
C GLN A 79 -0.85 -3.41 14.55
N ILE A 80 -1.77 -2.52 14.23
CA ILE A 80 -2.58 -2.68 13.04
C ILE A 80 -2.43 -1.45 12.14
N GLU A 81 -1.70 -1.64 11.04
CA GLU A 81 -1.43 -0.54 10.13
C GLU A 81 -0.91 -1.08 8.80
N VAL A 82 -1.02 -0.24 7.78
CA VAL A 82 -0.33 -0.51 6.52
C VAL A 82 0.87 0.43 6.39
N THR A 83 2.03 -0.16 6.16
CA THR A 83 3.27 0.59 6.12
C THR A 83 3.71 0.81 4.67
N PHE A 84 4.23 2.00 4.43
CA PHE A 84 4.82 2.30 3.13
C PHE A 84 6.18 2.98 3.27
N ASP A 85 7.22 2.16 3.25
CA ASP A 85 8.52 2.59 3.72
C ASP A 85 9.52 2.57 2.56
N ILE A 86 10.09 3.73 2.29
CA ILE A 86 11.03 3.87 1.20
C ILE A 86 12.44 3.52 1.69
N ASP A 87 13.00 2.49 1.07
CA ASP A 87 14.36 2.08 1.39
C ASP A 87 15.35 3.01 0.67
N ALA A 88 16.60 2.92 1.09
CA ALA A 88 17.63 3.79 0.56
C ALA A 88 17.80 3.52 -0.93
N ASP A 89 17.61 2.26 -1.30
CA ASP A 89 17.84 1.83 -2.67
C ASP A 89 16.62 2.19 -3.53
N GLY A 90 15.64 2.79 -2.88
CA GLY A 90 14.56 3.45 -3.59
C GLY A 90 13.36 2.52 -3.74
N ILE A 91 13.30 1.53 -2.85
CA ILE A 91 12.22 0.55 -2.90
C ILE A 91 11.05 1.05 -2.05
N LEU A 92 9.90 1.16 -2.70
CA LEU A 92 8.65 1.30 -1.97
C LEU A 92 8.28 -0.04 -1.33
N HIS A 93 8.58 -0.16 -0.05
CA HIS A 93 8.20 -1.35 0.70
C HIS A 93 6.78 -1.20 1.22
N VAL A 94 5.86 -1.89 0.55
CA VAL A 94 4.46 -1.85 0.93
C VAL A 94 4.10 -3.13 1.69
N SER A 95 3.57 -2.94 2.88
CA SER A 95 3.35 -4.05 3.79
C SER A 95 2.17 -3.75 4.71
N ALA A 96 1.59 -4.81 5.25
CA ALA A 96 0.56 -4.67 6.27
C ALA A 96 0.81 -5.66 7.40
N LYS A 97 0.79 -5.15 8.61
CA LYS A 97 0.90 -5.98 9.80
C LYS A 97 -0.36 -5.85 10.64
N ASP A 98 -1.15 -6.92 10.63
CA ASP A 98 -2.35 -6.96 11.45
C ASP A 98 -2.05 -7.69 12.76
N LYS A 99 -2.36 -7.01 13.86
CA LYS A 99 -2.38 -7.67 15.16
C LYS A 99 -3.65 -8.49 15.29
N ASN A 100 -4.61 -8.20 14.42
CA ASN A 100 -5.93 -8.79 14.52
C ASN A 100 -5.83 -10.31 14.33
N SER A 101 -5.29 -10.68 13.17
CA SER A 101 -5.15 -12.08 12.84
C SER A 101 -3.67 -12.51 12.99
N GLY A 102 -2.84 -11.54 13.30
CA GLY A 102 -1.47 -11.82 13.69
C GLY A 102 -0.55 -11.86 12.46
N LYS A 103 -1.18 -11.75 11.29
CA LYS A 103 -0.50 -12.04 10.05
C LYS A 103 0.46 -10.89 9.72
N GLU A 104 1.42 -11.18 8.86
CA GLU A 104 2.39 -10.19 8.43
C GLU A 104 2.92 -10.52 7.04
N GLN A 105 2.53 -9.69 6.08
CA GLN A 105 2.92 -9.91 4.70
C GLN A 105 3.30 -8.58 4.04
N LYS A 106 4.12 -8.69 3.00
CA LYS A 106 4.86 -7.54 2.51
C LYS A 106 5.08 -7.68 1.00
N ILE A 107 5.41 -6.55 0.37
CA ILE A 107 5.76 -6.56 -1.03
C ILE A 107 6.75 -5.44 -1.32
N THR A 108 7.79 -5.78 -2.06
CA THR A 108 8.89 -4.86 -2.30
C THR A 108 9.06 -4.60 -3.80
N ILE A 109 8.97 -3.33 -4.15
CA ILE A 109 9.05 -2.94 -5.55
C ILE A 109 10.00 -1.74 -5.69
N LYS A 110 10.98 -1.89 -6.57
CA LYS A 110 11.87 -0.79 -6.89
C LYS A 110 11.05 0.41 -7.37
N ALA A 111 11.34 1.55 -6.79
CA ALA A 111 10.68 2.79 -7.18
C ALA A 111 11.73 3.91 -7.30
N SER A 112 12.94 3.50 -7.62
CA SER A 112 14.01 4.45 -7.90
C SER A 112 13.67 5.26 -9.15
N SER A 113 13.37 4.54 -10.22
CA SER A 113 12.48 5.05 -11.24
C SER A 113 13.11 6.27 -11.92
N GLY A 114 13.84 6.01 -12.99
CA GLY A 114 14.24 7.07 -13.90
C GLY A 114 13.04 7.91 -14.32
N LEU A 115 12.24 7.34 -15.21
CA LEU A 115 10.93 7.90 -15.51
C LEU A 115 9.91 7.30 -14.55
N LEU A 5 8.25 8.46 -11.64
CA LEU A 5 6.82 8.48 -11.86
C LEU A 5 6.11 8.16 -10.54
N SER A 6 4.81 8.42 -10.52
CA SER A 6 4.03 8.30 -9.30
C SER A 6 3.81 6.82 -8.97
N LEU A 7 4.48 6.39 -7.92
CA LEU A 7 4.18 5.09 -7.32
C LEU A 7 2.93 5.21 -6.46
N GLY A 8 1.84 4.64 -6.95
CA GLY A 8 0.57 4.71 -6.24
C GLY A 8 0.07 3.30 -5.89
N ILE A 9 -0.96 3.26 -5.06
CA ILE A 9 -1.59 2.00 -4.69
C ILE A 9 -3.10 2.12 -4.87
N GLU A 10 -3.71 1.00 -5.22
CA GLU A 10 -5.14 0.96 -5.45
C GLU A 10 -5.89 0.93 -4.12
N THR A 11 -6.59 2.02 -3.84
CA THR A 11 -7.33 2.15 -2.60
C THR A 11 -8.79 2.50 -2.88
N MET A 12 -9.59 2.41 -1.83
CA MET A 12 -11.04 2.44 -1.98
C MET A 12 -11.46 3.59 -2.90
N GLY A 13 -12.31 3.24 -3.87
CA GLY A 13 -12.68 4.20 -4.90
C GLY A 13 -12.09 3.81 -6.25
N GLY A 14 -11.04 3.00 -6.18
CA GLY A 14 -10.32 2.62 -7.39
C GLY A 14 -9.39 3.74 -7.85
N VAL A 15 -8.60 4.24 -6.92
CA VAL A 15 -7.74 5.38 -7.20
C VAL A 15 -6.32 5.06 -6.71
N MET A 16 -5.35 5.47 -7.53
CA MET A 16 -3.97 5.12 -7.27
C MET A 16 -3.35 6.06 -6.22
N THR A 17 -3.89 5.98 -5.02
CA THR A 17 -3.57 6.96 -3.99
C THR A 17 -2.08 7.29 -4.03
N THR A 18 -1.78 8.58 -4.00
CA THR A 18 -0.41 9.04 -4.11
C THR A 18 0.40 8.61 -2.89
N LEU A 19 0.83 7.35 -2.93
CA LEU A 19 1.70 6.84 -1.88
C LEU A 19 2.97 7.69 -1.82
N ILE A 20 3.71 7.68 -2.91
CA ILE A 20 4.94 8.45 -3.00
C ILE A 20 4.84 9.45 -4.15
N ALA A 21 5.41 10.63 -3.93
CA ALA A 21 5.39 11.66 -4.95
C ALA A 21 6.70 11.61 -5.74
N LYS A 22 6.68 12.24 -6.91
CA LYS A 22 7.89 12.38 -7.70
C LYS A 22 8.92 13.18 -6.91
N ASN A 23 9.99 12.50 -6.54
CA ASN A 23 10.99 13.08 -5.65
C ASN A 23 10.32 13.49 -4.35
N THR A 24 9.75 12.51 -3.67
CA THR A 24 9.16 12.74 -2.36
C THR A 24 10.17 13.42 -1.43
N THR A 25 11.12 12.61 -0.95
CA THR A 25 12.47 13.10 -0.77
C THR A 25 13.43 11.91 -0.55
N ILE A 26 12.98 11.00 0.31
CA ILE A 26 13.67 9.72 0.45
C ILE A 26 15.03 9.94 1.11
N PRO A 27 15.32 9.07 2.11
CA PRO A 27 14.37 8.06 2.54
C PRO A 27 13.25 8.68 3.37
N THR A 28 12.10 8.03 3.35
CA THR A 28 10.92 8.56 4.01
C THR A 28 9.84 7.47 4.13
N LYS A 29 8.82 7.79 4.89
CA LYS A 29 7.78 6.81 5.21
C LYS A 29 6.42 7.50 5.23
N HIS A 30 5.43 6.80 4.69
CA HIS A 30 4.05 7.09 5.02
C HIS A 30 3.41 5.87 5.69
N SER A 31 2.26 6.12 6.31
CA SER A 31 1.66 5.12 7.18
C SER A 31 0.28 5.59 7.63
N GLN A 32 0.25 6.81 8.16
CA GLN A 32 -0.96 7.35 8.76
C GLN A 32 -2.00 7.63 7.68
N VAL A 33 -1.51 8.09 6.54
CA VAL A 33 -2.38 8.64 5.51
C VAL A 33 -2.93 7.51 4.65
N PHE A 34 -3.62 6.59 5.31
CA PHE A 34 -4.12 5.40 4.62
C PHE A 34 -5.11 4.64 5.51
N SER A 35 -5.82 3.72 4.89
CA SER A 35 -6.78 2.90 5.60
C SER A 35 -7.07 1.61 4.82
N THR A 36 -7.27 0.54 5.56
CA THR A 36 -7.65 -0.72 4.96
C THR A 36 -9.17 -0.79 4.76
N ALA A 37 -9.64 0.00 3.80
CA ALA A 37 -11.04 -0.06 3.41
C ALA A 37 -11.14 -0.76 2.04
N GLU A 38 -11.84 -1.89 2.04
CA GLU A 38 -11.96 -2.68 0.84
C GLU A 38 -13.27 -3.49 0.87
N ASP A 39 -14.17 -3.13 -0.03
CA ASP A 39 -15.53 -3.66 0.02
C ASP A 39 -15.53 -5.09 -0.48
N ASN A 40 -14.46 -5.44 -1.18
CA ASN A 40 -14.28 -6.81 -1.65
C ASN A 40 -14.39 -7.78 -0.47
N GLN A 41 -13.63 -7.47 0.57
CA GLN A 41 -13.48 -8.39 1.68
C GLN A 41 -12.59 -7.78 2.76
N SER A 42 -12.58 -8.43 3.92
CA SER A 42 -11.71 -8.01 5.02
C SER A 42 -10.28 -8.48 4.76
N ALA A 43 -9.72 -7.99 3.66
CA ALA A 43 -8.40 -8.43 3.25
C ALA A 43 -7.75 -7.32 2.40
N VAL A 44 -6.71 -6.74 2.97
CA VAL A 44 -6.15 -5.52 2.42
C VAL A 44 -5.28 -5.86 1.20
N THR A 45 -5.75 -5.44 0.03
CA THR A 45 -5.17 -5.89 -1.21
C THR A 45 -4.57 -4.71 -1.98
N ILE A 46 -3.26 -4.58 -1.86
CA ILE A 46 -2.56 -3.48 -2.53
C ILE A 46 -2.18 -3.92 -3.95
N HIS A 47 -2.74 -3.20 -4.92
CA HIS A 47 -2.18 -3.20 -6.26
C HIS A 47 -1.24 -2.00 -6.41
N VAL A 48 0.04 -2.32 -6.60
CA VAL A 48 1.02 -1.29 -6.90
C VAL A 48 0.89 -0.88 -8.37
N LEU A 49 0.78 0.43 -8.57
CA LEU A 49 0.72 0.96 -9.92
C LEU A 49 1.74 2.08 -10.08
N GLN A 50 2.23 2.23 -11.30
CA GLN A 50 3.11 3.35 -11.63
C GLN A 50 2.62 4.04 -12.90
N GLY A 51 2.73 5.36 -12.88
CA GLY A 51 2.17 6.18 -13.95
C GLY A 51 2.03 7.64 -13.52
N GLU A 52 1.05 8.31 -14.12
CA GLU A 52 0.39 9.41 -13.45
C GLU A 52 -1.07 9.50 -13.90
N ARG A 53 -1.68 8.34 -14.07
CA ARG A 53 -3.10 8.27 -14.36
C ARG A 53 -3.89 8.00 -13.08
N LYS A 54 -4.89 8.84 -12.85
CA LYS A 54 -5.37 9.08 -11.50
C LYS A 54 -6.19 7.89 -11.04
N ARG A 55 -7.01 7.39 -11.95
CA ARG A 55 -7.77 6.18 -11.68
C ARG A 55 -6.88 4.95 -11.77
N ALA A 56 -7.04 4.05 -10.82
CA ALA A 56 -6.15 2.91 -10.68
C ALA A 56 -6.24 2.05 -11.94
N ALA A 57 -7.43 2.02 -12.52
CA ALA A 57 -7.71 1.12 -13.63
C ALA A 57 -7.04 1.65 -14.89
N ASP A 58 -6.58 2.89 -14.80
CA ASP A 58 -5.95 3.54 -15.93
C ASP A 58 -4.43 3.60 -15.71
N ASN A 59 -4.02 3.09 -14.56
CA ASN A 59 -2.63 3.23 -14.14
C ASN A 59 -1.96 1.85 -14.17
N LYS A 60 -0.68 1.87 -14.49
CA LYS A 60 0.01 0.67 -14.91
C LYS A 60 0.38 -0.17 -13.69
N SER A 61 -0.42 -1.19 -13.43
CA SER A 61 -0.08 -2.18 -12.42
C SER A 61 1.11 -3.01 -12.89
N LEU A 62 1.83 -3.55 -11.92
CA LEU A 62 2.86 -4.54 -12.21
C LEU A 62 2.99 -5.50 -11.03
N GLY A 63 1.87 -5.69 -10.34
CA GLY A 63 1.78 -6.73 -9.33
C GLY A 63 0.98 -6.25 -8.11
N GLN A 64 0.81 -7.16 -7.17
CA GLN A 64 -0.05 -6.88 -6.03
C GLN A 64 0.38 -7.74 -4.83
N PHE A 65 -0.20 -7.43 -3.68
CA PHE A 65 -0.10 -8.31 -2.52
C PHE A 65 -1.29 -8.12 -1.59
N ASN A 66 -1.51 -9.13 -0.76
CA ASN A 66 -2.68 -9.15 0.10
C ASN A 66 -2.27 -9.51 1.53
N LEU A 67 -3.07 -9.04 2.47
CA LEU A 67 -3.02 -9.59 3.82
C LEU A 67 -4.44 -9.75 4.36
N ASP A 68 -4.85 -11.00 4.51
CA ASP A 68 -6.21 -11.30 4.92
C ASP A 68 -6.30 -11.24 6.45
N GLY A 69 -7.48 -10.86 6.93
CA GLY A 69 -7.71 -10.79 8.36
C GLY A 69 -7.72 -9.33 8.85
N ILE A 70 -8.48 -8.51 8.13
CA ILE A 70 -8.64 -7.12 8.52
C ILE A 70 -9.84 -7.00 9.46
N ASN A 71 -9.80 -5.96 10.28
CA ASN A 71 -10.94 -5.63 11.13
C ASN A 71 -11.36 -4.19 10.86
N PRO A 72 -12.25 -4.02 9.84
CA PRO A 72 -12.78 -2.71 9.51
C PRO A 72 -13.83 -2.28 10.53
N ALA A 73 -13.35 -1.92 11.71
CA ALA A 73 -14.24 -1.50 12.79
C ALA A 73 -13.48 -0.58 13.73
N PRO A 74 -14.25 0.27 14.47
CA PRO A 74 -13.73 0.97 15.62
C PRO A 74 -13.56 0.02 16.81
N ARG A 75 -14.50 -0.91 16.92
CA ARG A 75 -14.35 -2.02 17.84
C ARG A 75 -13.15 -2.88 17.45
N GLY A 76 -12.03 -2.62 18.11
CA GLY A 76 -10.78 -3.28 17.78
C GLY A 76 -10.07 -2.58 16.63
N MET A 77 -10.12 -1.25 16.67
CA MET A 77 -9.39 -0.44 15.71
C MET A 77 -7.89 -0.73 15.78
N PRO A 78 -7.34 -0.65 17.03
CA PRO A 78 -5.90 -0.62 17.21
C PRO A 78 -5.31 -2.03 17.01
N GLN A 79 -5.23 -2.43 15.75
CA GLN A 79 -4.84 -3.78 15.43
C GLN A 79 -4.00 -3.80 14.15
N ILE A 80 -4.59 -3.25 13.09
CA ILE A 80 -3.92 -3.22 11.80
C ILE A 80 -3.25 -1.86 11.61
N GLU A 81 -2.07 -1.90 11.02
CA GLU A 81 -1.61 -0.78 10.20
C GLU A 81 -1.13 -1.27 8.84
N VAL A 82 -0.93 -0.32 7.94
CA VAL A 82 -0.15 -0.58 6.74
C VAL A 82 0.95 0.46 6.60
N THR A 83 2.18 0.00 6.73
CA THR A 83 3.34 0.86 6.51
C THR A 83 3.64 0.97 5.01
N PHE A 84 4.03 2.18 4.61
CA PHE A 84 4.53 2.39 3.26
C PHE A 84 5.83 3.17 3.28
N ASP A 85 6.93 2.43 3.37
CA ASP A 85 8.22 3.04 3.70
C ASP A 85 9.18 2.80 2.54
N ILE A 86 9.74 3.90 2.04
CA ILE A 86 10.72 3.83 0.97
C ILE A 86 12.11 4.11 1.54
N ASP A 87 13.06 3.26 1.16
CA ASP A 87 14.42 3.39 1.61
C ASP A 87 15.25 4.08 0.52
N ALA A 88 16.54 4.25 0.81
CA ALA A 88 17.40 5.03 -0.05
C ALA A 88 17.51 4.35 -1.41
N ASP A 89 17.39 3.03 -1.39
CA ASP A 89 17.52 2.24 -2.60
C ASP A 89 16.36 2.56 -3.55
N GLY A 90 15.32 3.16 -2.98
CA GLY A 90 14.19 3.59 -3.77
C GLY A 90 13.16 2.48 -3.92
N ILE A 91 13.21 1.54 -2.99
CA ILE A 91 12.24 0.46 -2.96
C ILE A 91 11.11 0.82 -1.99
N LEU A 92 9.89 0.73 -2.50
CA LEU A 92 8.72 0.77 -1.64
C LEU A 92 8.57 -0.59 -0.92
N HIS A 93 8.85 -0.58 0.36
CA HIS A 93 8.54 -1.71 1.22
C HIS A 93 7.11 -1.56 1.76
N VAL A 94 6.17 -2.12 1.01
CA VAL A 94 4.77 -1.95 1.34
C VAL A 94 4.26 -3.22 2.04
N SER A 95 3.72 -3.02 3.23
CA SER A 95 3.51 -4.14 4.14
C SER A 95 2.31 -3.82 5.07
N ALA A 96 1.47 -4.82 5.23
CA ALA A 96 0.33 -4.69 6.13
C ALA A 96 0.57 -5.55 7.38
N LYS A 97 0.49 -4.90 8.53
CA LYS A 97 1.03 -5.46 9.76
C LYS A 97 -0.10 -5.76 10.73
N ASP A 98 -0.10 -6.99 11.25
CA ASP A 98 -0.79 -7.27 12.49
C ASP A 98 0.03 -6.76 13.67
N LYS A 99 -0.43 -5.63 14.22
CA LYS A 99 0.43 -4.80 15.03
C LYS A 99 0.57 -5.43 16.42
N ASN A 100 -0.45 -6.20 16.79
CA ASN A 100 -0.47 -6.82 18.10
C ASN A 100 0.34 -8.11 18.06
N SER A 101 0.19 -8.84 16.97
CA SER A 101 0.72 -10.20 16.89
C SER A 101 2.16 -10.17 16.39
N GLY A 102 2.45 -9.17 15.57
CA GLY A 102 3.76 -9.05 14.95
C GLY A 102 3.84 -9.85 13.65
N LYS A 103 2.68 -10.34 13.22
CA LYS A 103 2.56 -10.95 11.91
C LYS A 103 2.41 -9.87 10.86
N GLU A 104 2.71 -10.23 9.62
CA GLU A 104 2.65 -9.29 8.52
C GLU A 104 2.65 -10.03 7.18
N GLN A 105 2.32 -9.29 6.13
CA GLN A 105 2.81 -9.63 4.80
C GLN A 105 3.39 -8.38 4.13
N LYS A 106 4.31 -8.62 3.21
CA LYS A 106 5.22 -7.57 2.76
C LYS A 106 5.46 -7.71 1.25
N ILE A 107 5.62 -6.58 0.60
CA ILE A 107 5.89 -6.55 -0.82
C ILE A 107 6.89 -5.44 -1.14
N THR A 108 7.98 -5.84 -1.76
CA THR A 108 9.01 -4.88 -2.15
C THR A 108 8.92 -4.58 -3.64
N ILE A 109 8.90 -3.29 -3.96
CA ILE A 109 8.85 -2.86 -5.34
C ILE A 109 9.86 -1.72 -5.55
N LYS A 110 10.80 -1.97 -6.46
CA LYS A 110 11.77 -0.95 -6.82
C LYS A 110 11.07 0.15 -7.61
N ALA A 111 10.97 1.31 -6.96
CA ALA A 111 10.24 2.43 -7.56
C ALA A 111 11.23 3.52 -7.97
N SER A 112 12.45 3.07 -8.27
CA SER A 112 13.47 3.98 -8.75
C SER A 112 13.08 4.56 -10.11
N SER A 113 12.68 3.66 -11.00
CA SER A 113 12.27 4.06 -12.33
C SER A 113 11.56 2.90 -13.04
N GLY A 114 10.74 3.26 -14.01
CA GLY A 114 10.03 2.25 -14.79
C GLY A 114 9.04 2.91 -15.75
N LEU A 115 8.45 2.08 -16.60
CA LEU A 115 7.43 2.55 -17.53
C LEU A 115 6.50 1.39 -17.89
N LEU A 5 8.60 6.09 -12.81
CA LEU A 5 7.40 6.89 -12.61
C LEU A 5 6.94 6.77 -11.15
N SER A 6 5.89 7.50 -10.83
CA SER A 6 5.38 7.53 -9.48
C SER A 6 4.86 6.15 -9.08
N LEU A 7 4.60 6.00 -7.78
CA LEU A 7 4.10 4.74 -7.27
C LEU A 7 2.93 5.02 -6.32
N GLY A 8 1.77 4.52 -6.72
CA GLY A 8 0.58 4.63 -5.89
C GLY A 8 -0.09 3.27 -5.69
N ILE A 9 -1.04 3.25 -4.76
CA ILE A 9 -1.80 2.04 -4.50
C ILE A 9 -3.27 2.28 -4.84
N GLU A 10 -4.00 1.18 -5.01
CA GLU A 10 -5.43 1.26 -5.15
C GLU A 10 -6.09 1.42 -3.79
N THR A 11 -6.90 2.47 -3.68
CA THR A 11 -7.66 2.70 -2.46
C THR A 11 -9.14 2.94 -2.78
N MET A 12 -9.93 3.10 -1.74
CA MET A 12 -11.36 3.23 -1.89
C MET A 12 -11.70 4.13 -3.08
N GLY A 13 -12.66 3.67 -3.88
CA GLY A 13 -13.02 4.38 -5.09
C GLY A 13 -12.42 3.70 -6.33
N GLY A 14 -11.61 2.68 -6.06
CA GLY A 14 -10.89 1.99 -7.13
C GLY A 14 -9.93 2.94 -7.84
N VAL A 15 -9.22 3.72 -7.03
CA VAL A 15 -8.50 4.88 -7.56
C VAL A 15 -7.03 4.79 -7.13
N MET A 16 -6.16 5.16 -8.05
CA MET A 16 -4.73 5.18 -7.77
C MET A 16 -4.35 6.38 -6.91
N THR A 17 -3.72 6.10 -5.78
CA THR A 17 -3.31 7.15 -4.86
C THR A 17 -1.79 7.31 -4.87
N THR A 18 -1.33 8.35 -5.54
CA THR A 18 0.08 8.71 -5.49
C THR A 18 0.48 9.11 -4.07
N LEU A 19 0.85 8.10 -3.29
CA LEU A 19 1.27 8.33 -1.92
C LEU A 19 2.77 8.68 -1.90
N ILE A 20 3.49 8.09 -2.85
CA ILE A 20 4.91 8.38 -3.01
C ILE A 20 5.12 9.20 -4.27
N ALA A 21 6.00 10.18 -4.18
CA ALA A 21 6.33 11.03 -5.31
C ALA A 21 7.76 10.74 -5.76
N LYS A 22 8.09 11.24 -6.94
CA LYS A 22 9.42 11.08 -7.48
C LYS A 22 10.42 11.76 -6.53
N ASN A 23 11.07 10.93 -5.71
CA ASN A 23 11.83 11.44 -4.58
C ASN A 23 10.90 12.23 -3.66
N THR A 24 9.92 11.53 -3.12
CA THR A 24 9.29 11.95 -1.87
C THR A 24 10.29 12.69 -0.99
N THR A 25 11.34 11.98 -0.62
CA THR A 25 12.39 12.55 0.22
C THR A 25 13.39 11.47 0.62
N ILE A 26 12.86 10.29 0.92
CA ILE A 26 13.71 9.15 1.26
C ILE A 26 14.60 9.51 2.45
N PRO A 27 15.26 8.46 3.01
CA PRO A 27 14.66 7.15 3.08
C PRO A 27 13.58 7.10 4.17
N THR A 28 12.34 6.98 3.73
CA THR A 28 11.22 7.58 4.44
C THR A 28 10.08 6.58 4.60
N LYS A 29 9.44 6.64 5.76
CA LYS A 29 8.61 5.54 6.21
C LYS A 29 7.38 6.09 6.93
N HIS A 30 6.22 5.71 6.42
CA HIS A 30 4.96 6.18 6.98
C HIS A 30 3.80 5.36 6.41
N SER A 31 2.68 5.43 7.10
CA SER A 31 1.44 4.85 6.59
C SER A 31 0.82 5.77 5.54
N GLN A 32 0.73 7.04 5.92
CA GLN A 32 -0.11 7.98 5.18
C GLN A 32 -1.57 7.53 5.22
N VAL A 33 -1.92 6.84 6.29
CA VAL A 33 -3.30 6.45 6.52
C VAL A 33 -3.79 5.60 5.34
N PHE A 34 -3.37 4.35 5.34
CA PHE A 34 -4.04 3.34 4.55
C PHE A 34 -4.25 2.05 5.36
N SER A 35 -4.68 2.24 6.60
CA SER A 35 -4.84 1.12 7.50
C SER A 35 -5.77 0.07 6.90
N THR A 36 -7.02 0.48 6.71
CA THR A 36 -7.89 -0.20 5.77
C THR A 36 -8.76 0.81 5.02
N ALA A 37 -8.71 0.73 3.70
CA ALA A 37 -9.43 1.67 2.85
C ALA A 37 -9.62 1.05 1.47
N GLU A 38 -10.05 -0.19 1.45
CA GLU A 38 -10.22 -0.91 0.21
C GLU A 38 -11.62 -1.54 0.14
N ASP A 39 -12.48 -0.90 -0.63
CA ASP A 39 -13.85 -1.39 -0.79
C ASP A 39 -13.84 -2.63 -1.70
N ASN A 40 -12.65 -2.92 -2.23
CA ASN A 40 -12.45 -4.16 -2.97
C ASN A 40 -13.16 -5.30 -2.24
N GLN A 41 -12.92 -5.37 -0.93
CA GLN A 41 -13.41 -6.48 -0.14
C GLN A 41 -13.14 -6.23 1.35
N SER A 42 -13.56 -7.19 2.15
CA SER A 42 -13.12 -7.24 3.54
C SER A 42 -11.63 -7.58 3.61
N ALA A 43 -10.82 -6.64 3.13
CA ALA A 43 -9.42 -6.93 2.89
C ALA A 43 -8.64 -5.61 2.80
N VAL A 44 -7.34 -5.73 2.61
CA VAL A 44 -6.54 -4.60 2.19
C VAL A 44 -5.63 -5.02 1.03
N THR A 45 -6.15 -4.84 -0.18
CA THR A 45 -5.51 -5.40 -1.35
C THR A 45 -4.75 -4.31 -2.11
N ILE A 46 -3.43 -4.32 -1.92
CA ILE A 46 -2.58 -3.39 -2.63
C ILE A 46 -2.34 -3.90 -4.05
N HIS A 47 -3.04 -3.29 -5.00
CA HIS A 47 -2.52 -3.18 -6.36
C HIS A 47 -1.49 -2.06 -6.42
N VAL A 48 -0.27 -2.43 -6.79
CA VAL A 48 0.81 -1.46 -6.90
C VAL A 48 0.78 -0.85 -8.31
N LEU A 49 0.71 0.48 -8.34
CA LEU A 49 0.36 1.17 -9.56
C LEU A 49 1.42 2.25 -9.86
N GLN A 50 1.67 2.46 -11.14
CA GLN A 50 2.49 3.57 -11.57
C GLN A 50 1.84 4.28 -12.77
N GLY A 51 2.00 5.59 -12.79
CA GLY A 51 1.31 6.41 -13.78
C GLY A 51 0.95 7.78 -13.21
N GLU A 52 -0.32 8.11 -13.31
CA GLU A 52 -0.77 9.47 -13.03
C GLU A 52 -2.23 9.46 -12.56
N ARG A 53 -2.43 8.84 -11.40
CA ARG A 53 -3.62 9.11 -10.61
C ARG A 53 -4.86 8.53 -11.28
N LYS A 54 -6.01 8.80 -10.67
CA LYS A 54 -7.27 8.48 -11.31
C LYS A 54 -7.49 6.97 -11.29
N ARG A 55 -8.54 6.54 -11.99
CA ARG A 55 -9.03 5.18 -11.85
C ARG A 55 -7.86 4.19 -11.98
N ALA A 56 -7.82 3.25 -11.05
CA ALA A 56 -6.61 2.50 -10.79
C ALA A 56 -6.30 1.61 -11.99
N ALA A 57 -7.36 1.08 -12.58
CA ALA A 57 -7.22 0.04 -13.59
C ALA A 57 -6.79 0.67 -14.91
N ASP A 58 -6.79 2.00 -14.93
CA ASP A 58 -6.40 2.73 -16.12
C ASP A 58 -4.93 3.15 -15.99
N ASN A 59 -4.34 2.81 -14.85
CA ASN A 59 -2.94 3.08 -14.61
C ASN A 59 -2.15 1.77 -14.73
N LYS A 60 -0.85 1.92 -14.96
CA LYS A 60 0.02 0.77 -15.14
C LYS A 60 0.25 0.10 -13.78
N SER A 61 0.65 -1.16 -13.83
CA SER A 61 0.90 -1.92 -12.61
C SER A 61 2.20 -2.72 -12.77
N LEU A 62 2.74 -3.13 -11.62
CA LEU A 62 3.95 -3.92 -11.60
C LEU A 62 3.91 -4.87 -10.40
N GLY A 63 2.72 -5.36 -10.11
CA GLY A 63 2.56 -6.40 -9.10
C GLY A 63 1.43 -6.05 -8.13
N GLN A 64 1.19 -6.95 -7.19
CA GLN A 64 0.12 -6.76 -6.24
C GLN A 64 0.37 -7.61 -4.98
N PHE A 65 -0.34 -7.27 -3.92
CA PHE A 65 -0.23 -8.02 -2.67
C PHE A 65 -1.37 -7.67 -1.72
N ASN A 66 -1.80 -8.67 -0.98
CA ASN A 66 -3.02 -8.55 -0.18
C ASN A 66 -2.77 -9.12 1.22
N LEU A 67 -3.37 -8.48 2.20
CA LEU A 67 -3.68 -9.14 3.46
C LEU A 67 -5.20 -9.21 3.64
N ASP A 68 -5.77 -10.32 3.19
CA ASP A 68 -7.21 -10.42 3.07
C ASP A 68 -7.78 -11.09 4.33
N GLY A 69 -9.07 -10.90 4.54
CA GLY A 69 -9.72 -11.40 5.74
C GLY A 69 -9.56 -10.43 6.90
N ILE A 70 -9.73 -9.16 6.59
CA ILE A 70 -9.45 -8.10 7.56
C ILE A 70 -10.74 -7.68 8.24
N ASN A 71 -10.59 -7.07 9.41
CA ASN A 71 -11.71 -6.42 10.07
C ASN A 71 -12.27 -5.32 9.15
N PRO A 72 -13.54 -5.53 8.73
CA PRO A 72 -14.20 -4.59 7.82
C PRO A 72 -14.59 -3.32 8.57
N ALA A 73 -13.61 -2.44 8.77
CA ALA A 73 -13.87 -1.15 9.39
C ALA A 73 -12.92 -0.11 8.80
N PRO A 74 -13.40 1.16 8.80
CA PRO A 74 -12.80 2.18 7.95
C PRO A 74 -11.46 2.65 8.52
N ARG A 75 -10.69 3.32 7.67
CA ARG A 75 -9.38 3.80 8.05
C ARG A 75 -9.43 4.44 9.44
N GLY A 76 -8.77 3.79 10.39
CA GLY A 76 -8.61 4.36 11.71
C GLY A 76 -9.07 3.38 12.80
N MET A 77 -10.20 2.73 12.51
CA MET A 77 -10.89 1.97 13.54
C MET A 77 -10.03 0.79 14.02
N PRO A 78 -9.64 -0.07 13.04
CA PRO A 78 -9.12 -1.39 13.38
C PRO A 78 -7.69 -1.29 13.90
N GLN A 79 -7.28 -2.35 14.59
CA GLN A 79 -5.90 -2.44 15.07
C GLN A 79 -4.99 -2.98 13.97
N ILE A 80 -4.90 -2.21 12.89
CA ILE A 80 -4.12 -2.62 11.74
C ILE A 80 -3.09 -1.53 11.41
N GLU A 81 -1.88 -1.99 11.15
CA GLU A 81 -0.87 -1.12 10.55
C GLU A 81 -0.60 -1.53 9.11
N VAL A 82 -0.71 -0.56 8.22
CA VAL A 82 -0.18 -0.72 6.87
C VAL A 82 0.84 0.39 6.60
N THR A 83 2.06 -0.02 6.32
CA THR A 83 3.13 0.93 6.07
C THR A 83 3.64 0.80 4.63
N PHE A 84 3.69 1.94 3.95
CA PHE A 84 4.28 2.00 2.63
C PHE A 84 5.58 2.80 2.63
N ASP A 85 6.67 2.09 2.88
CA ASP A 85 7.85 2.70 3.43
C ASP A 85 9.02 2.55 2.45
N ILE A 86 9.59 3.68 2.07
CA ILE A 86 10.76 3.68 1.21
C ILE A 86 11.99 3.29 2.02
N ASP A 87 12.57 2.16 1.65
CA ASP A 87 13.73 1.64 2.36
C ASP A 87 14.98 2.35 1.85
N ALA A 88 16.11 2.00 2.45
CA ALA A 88 17.37 2.66 2.14
C ALA A 88 17.69 2.46 0.66
N ASP A 89 17.30 1.29 0.15
CA ASP A 89 17.63 0.92 -1.21
C ASP A 89 16.83 1.79 -2.18
N GLY A 90 15.78 2.41 -1.66
CA GLY A 90 14.90 3.20 -2.49
C GLY A 90 13.68 2.39 -2.93
N ILE A 91 13.63 1.15 -2.46
CA ILE A 91 12.49 0.29 -2.74
C ILE A 91 11.31 0.70 -1.85
N LEU A 92 10.13 0.69 -2.44
CA LEU A 92 8.91 0.83 -1.67
C LEU A 92 8.56 -0.52 -1.04
N HIS A 93 8.96 -0.66 0.22
CA HIS A 93 8.67 -1.87 0.96
C HIS A 93 7.27 -1.78 1.56
N VAL A 94 6.29 -2.25 0.79
CA VAL A 94 4.90 -2.13 1.19
C VAL A 94 4.50 -3.35 2.02
N SER A 95 4.04 -3.07 3.24
CA SER A 95 3.80 -4.13 4.20
C SER A 95 2.47 -3.88 4.92
N ALA A 96 1.73 -4.96 5.13
CA ALA A 96 0.53 -4.90 5.94
C ALA A 96 0.73 -5.75 7.20
N LYS A 97 0.30 -5.19 8.32
CA LYS A 97 0.85 -5.58 9.61
C LYS A 97 -0.26 -5.59 10.65
N ASP A 98 -0.31 -6.68 11.40
CA ASP A 98 -1.17 -6.75 12.57
C ASP A 98 -0.51 -6.04 13.74
N LYS A 99 -1.25 -5.10 14.32
CA LYS A 99 -0.64 -4.08 15.15
C LYS A 99 -0.16 -4.72 16.46
N ASN A 100 -0.89 -5.74 16.89
CA ASN A 100 -0.78 -6.21 18.26
C ASN A 100 0.38 -7.20 18.36
N SER A 101 0.29 -8.25 17.57
CA SER A 101 1.25 -9.35 17.66
C SER A 101 2.47 -9.06 16.80
N GLY A 102 2.29 -8.12 15.87
CA GLY A 102 3.42 -7.51 15.19
C GLY A 102 3.82 -8.29 13.95
N LYS A 103 2.95 -9.22 13.57
CA LYS A 103 3.18 -10.03 12.39
C LYS A 103 2.77 -9.24 11.15
N GLU A 104 3.45 -9.54 10.04
CA GLU A 104 3.34 -8.72 8.85
C GLU A 104 3.63 -9.56 7.60
N GLN A 105 3.29 -8.99 6.45
CA GLN A 105 3.68 -9.58 5.18
C GLN A 105 3.97 -8.48 4.16
N LYS A 106 5.01 -8.72 3.36
CA LYS A 106 5.72 -7.63 2.71
C LYS A 106 5.62 -7.79 1.20
N ILE A 107 5.76 -6.66 0.51
CA ILE A 107 5.94 -6.68 -0.93
C ILE A 107 6.93 -5.59 -1.34
N THR A 108 8.01 -6.01 -1.98
CA THR A 108 9.03 -5.07 -2.41
C THR A 108 8.88 -4.75 -3.90
N ILE A 109 8.83 -3.45 -4.18
CA ILE A 109 8.72 -3.00 -5.56
C ILE A 109 9.71 -1.84 -5.78
N LYS A 110 10.57 -2.03 -6.77
CA LYS A 110 11.63 -1.06 -7.03
C LYS A 110 11.04 0.16 -7.72
N ALA A 111 9.94 -0.06 -8.43
CA ALA A 111 9.20 1.03 -9.03
C ALA A 111 10.14 1.83 -9.95
N SER A 112 10.66 1.15 -10.95
CA SER A 112 11.54 1.77 -11.92
C SER A 112 10.72 2.49 -13.00
N SER A 113 11.34 3.46 -13.64
CA SER A 113 10.73 4.12 -14.78
C SER A 113 10.93 3.28 -16.04
N GLY A 114 10.25 3.69 -17.10
CA GLY A 114 10.43 3.07 -18.40
C GLY A 114 9.49 1.88 -18.58
N LEU A 115 8.21 2.15 -18.38
CA LEU A 115 7.19 1.13 -18.54
C LEU A 115 5.86 1.78 -18.88
N LEU A 5 9.76 5.64 -11.37
CA LEU A 5 8.56 6.46 -11.34
C LEU A 5 7.70 6.07 -10.14
N SER A 6 6.95 7.03 -9.65
CA SER A 6 6.28 6.89 -8.37
C SER A 6 5.47 5.59 -8.33
N LEU A 7 5.48 4.95 -7.18
CA LEU A 7 4.44 3.99 -6.84
C LEU A 7 3.33 4.71 -6.05
N GLY A 8 2.12 4.57 -6.56
CA GLY A 8 0.94 4.76 -5.72
C GLY A 8 0.16 3.45 -5.57
N ILE A 9 -0.94 3.53 -4.82
CA ILE A 9 -1.78 2.36 -4.60
C ILE A 9 -3.21 2.69 -5.02
N GLU A 10 -3.95 1.65 -5.32
CA GLU A 10 -5.38 1.79 -5.58
C GLU A 10 -6.17 1.78 -4.27
N THR A 11 -6.42 2.98 -3.76
CA THR A 11 -7.23 3.12 -2.58
C THR A 11 -8.72 2.99 -2.92
N MET A 12 -9.46 2.37 -2.02
CA MET A 12 -10.76 1.82 -2.37
C MET A 12 -11.68 2.91 -2.91
N GLY A 13 -12.35 2.59 -4.01
CA GLY A 13 -12.96 3.61 -4.84
C GLY A 13 -12.49 3.49 -6.29
N GLY A 14 -11.37 2.77 -6.46
CA GLY A 14 -10.82 2.56 -7.78
C GLY A 14 -10.00 3.77 -8.23
N VAL A 15 -9.48 4.48 -7.26
CA VAL A 15 -8.78 5.73 -7.53
C VAL A 15 -7.38 5.67 -6.91
N MET A 16 -6.41 6.17 -7.67
CA MET A 16 -5.02 6.06 -7.28
C MET A 16 -4.65 7.12 -6.22
N THR A 17 -4.02 6.66 -5.16
CA THR A 17 -3.35 7.56 -4.24
C THR A 17 -1.85 7.34 -4.26
N THR A 18 -1.15 8.29 -4.87
CA THR A 18 0.28 8.43 -4.66
C THR A 18 0.57 8.82 -3.20
N LEU A 19 0.46 7.84 -2.33
CA LEU A 19 0.59 8.08 -0.90
C LEU A 19 1.96 8.72 -0.62
N ILE A 20 2.97 8.20 -1.31
CA ILE A 20 4.26 8.85 -1.34
C ILE A 20 4.82 8.81 -2.76
N ALA A 21 5.51 9.88 -3.11
CA ALA A 21 5.98 10.05 -4.48
C ALA A 21 7.48 9.71 -4.55
N LYS A 22 7.94 9.50 -5.77
CA LYS A 22 9.36 9.25 -5.99
C LYS A 22 10.16 10.46 -5.54
N ASN A 23 9.49 11.60 -5.50
CA ASN A 23 10.08 12.80 -4.92
C ASN A 23 9.61 12.95 -3.47
N THR A 24 9.93 11.95 -2.67
CA THR A 24 9.96 12.12 -1.22
C THR A 24 11.27 12.79 -0.80
N THR A 25 12.25 11.97 -0.49
CA THR A 25 13.55 12.46 -0.07
C THR A 25 14.54 11.31 0.09
N ILE A 26 14.03 10.20 0.59
CA ILE A 26 14.67 8.91 0.36
C ILE A 26 16.01 8.89 1.10
N PRO A 27 15.97 8.29 2.33
CA PRO A 27 14.89 7.41 2.71
C PRO A 27 13.61 8.21 3.01
N THR A 28 12.53 7.47 3.22
CA THR A 28 11.36 8.03 3.87
C THR A 28 10.47 6.92 4.43
N LYS A 29 9.45 7.33 5.17
CA LYS A 29 8.39 6.42 5.55
C LYS A 29 7.07 7.19 5.61
N HIS A 30 6.01 6.50 5.22
CA HIS A 30 4.67 6.84 5.67
C HIS A 30 3.94 5.57 6.12
N SER A 31 2.80 5.77 6.75
CA SER A 31 1.92 4.67 7.08
C SER A 31 0.49 5.18 7.26
N GLN A 32 -0.46 4.41 6.73
CA GLN A 32 -1.85 4.82 6.75
C GLN A 32 -2.75 3.63 6.40
N VAL A 33 -3.80 3.46 7.19
CA VAL A 33 -4.84 2.50 6.86
C VAL A 33 -5.90 3.18 5.98
N PHE A 34 -6.06 2.64 4.79
CA PHE A 34 -6.92 3.26 3.80
C PHE A 34 -8.10 2.35 3.44
N SER A 35 -8.62 1.68 4.47
CA SER A 35 -9.45 0.51 4.25
C SER A 35 -8.66 -0.55 3.49
N THR A 36 -9.32 -1.69 3.27
CA THR A 36 -8.70 -2.78 2.55
C THR A 36 -9.51 -3.15 1.31
N ALA A 37 -8.90 -2.93 0.16
CA ALA A 37 -9.54 -3.29 -1.11
C ALA A 37 -9.60 -4.81 -1.22
N GLU A 38 -10.68 -5.38 -0.68
CA GLU A 38 -10.84 -6.81 -0.66
C GLU A 38 -12.31 -7.18 -0.51
N ASP A 39 -12.85 -7.78 -1.56
CA ASP A 39 -14.29 -7.95 -1.67
C ASP A 39 -14.76 -8.97 -0.63
N ASN A 40 -13.85 -9.86 -0.26
CA ASN A 40 -14.16 -10.89 0.72
C ASN A 40 -14.30 -10.27 2.10
N GLN A 41 -13.78 -9.05 2.22
CA GLN A 41 -13.92 -8.29 3.45
C GLN A 41 -13.44 -9.11 4.64
N SER A 42 -12.14 -9.38 4.64
CA SER A 42 -11.57 -10.32 5.60
C SER A 42 -10.04 -10.26 5.54
N ALA A 43 -9.53 -10.28 4.31
CA ALA A 43 -8.11 -10.10 4.10
C ALA A 43 -7.86 -8.72 3.48
N VAL A 44 -6.59 -8.48 3.15
CA VAL A 44 -6.22 -7.27 2.44
C VAL A 44 -5.33 -7.64 1.25
N THR A 45 -5.78 -7.23 0.06
CA THR A 45 -4.99 -7.42 -1.14
C THR A 45 -4.48 -6.07 -1.66
N ILE A 46 -3.19 -5.85 -1.47
CA ILE A 46 -2.58 -4.60 -1.89
C ILE A 46 -2.27 -4.67 -3.39
N HIS A 47 -2.25 -3.50 -4.01
CA HIS A 47 -1.79 -3.40 -5.39
C HIS A 47 -1.18 -2.01 -5.62
N VAL A 48 0.08 -2.02 -6.06
CA VAL A 48 0.79 -0.78 -6.29
C VAL A 48 0.96 -0.57 -7.79
N LEU A 49 0.81 0.67 -8.21
CA LEU A 49 0.81 1.00 -9.62
C LEU A 49 1.92 2.01 -9.92
N GLN A 50 2.69 1.72 -10.95
CA GLN A 50 3.73 2.63 -11.40
C GLN A 50 3.12 3.78 -12.20
N GLY A 51 3.07 4.94 -11.58
CA GLY A 51 2.23 6.01 -12.07
C GLY A 51 2.10 7.13 -11.03
N GLU A 52 1.25 8.09 -11.34
CA GLU A 52 1.02 9.21 -10.44
C GLU A 52 -0.42 9.71 -10.56
N ARG A 53 -1.28 9.18 -9.70
CA ARG A 53 -2.55 9.81 -9.43
C ARG A 53 -3.52 9.56 -10.59
N LYS A 54 -4.69 10.18 -10.47
CA LYS A 54 -5.79 9.87 -11.39
C LYS A 54 -6.38 8.51 -11.03
N ARG A 55 -7.06 7.92 -12.00
CA ARG A 55 -7.69 6.62 -11.80
C ARG A 55 -6.63 5.51 -11.80
N ALA A 56 -6.85 4.54 -10.94
CA ALA A 56 -5.90 3.44 -10.80
C ALA A 56 -5.77 2.71 -12.13
N ALA A 57 -6.90 2.59 -12.82
CA ALA A 57 -7.00 1.74 -13.99
C ALA A 57 -6.30 2.43 -15.16
N ASP A 58 -5.97 3.69 -14.96
CA ASP A 58 -5.31 4.47 -16.00
C ASP A 58 -3.80 4.48 -15.75
N ASN A 59 -3.41 3.88 -14.64
CA ASN A 59 -2.01 3.90 -14.23
C ASN A 59 -1.50 2.46 -14.17
N LYS A 60 -0.19 2.34 -14.36
CA LYS A 60 0.38 1.08 -14.85
C LYS A 60 0.59 0.13 -13.67
N SER A 61 -0.08 -1.00 -13.74
CA SER A 61 -0.08 -1.95 -12.64
C SER A 61 1.35 -2.42 -12.37
N LEU A 62 1.61 -2.72 -11.10
CA LEU A 62 2.96 -3.07 -10.67
C LEU A 62 2.90 -3.75 -9.31
N GLY A 63 2.29 -4.93 -9.29
CA GLY A 63 2.62 -5.91 -8.29
C GLY A 63 1.62 -5.86 -7.12
N GLN A 64 1.33 -7.03 -6.58
CA GLN A 64 0.26 -7.17 -5.62
C GLN A 64 0.58 -8.27 -4.60
N PHE A 65 -0.04 -8.16 -3.44
CA PHE A 65 0.23 -9.08 -2.35
C PHE A 65 -0.90 -9.07 -1.32
N ASN A 66 -1.10 -10.23 -0.71
CA ASN A 66 -2.27 -10.43 0.13
C ASN A 66 -1.82 -10.82 1.54
N LEU A 67 -2.61 -10.43 2.51
CA LEU A 67 -2.48 -10.97 3.86
C LEU A 67 -3.86 -11.01 4.53
N ASP A 68 -4.10 -12.11 5.24
CA ASP A 68 -5.37 -12.28 5.92
C ASP A 68 -5.23 -11.85 7.39
N GLY A 69 -6.09 -10.93 7.78
CA GLY A 69 -6.25 -10.62 9.20
C GLY A 69 -6.86 -9.23 9.39
N ILE A 70 -7.95 -8.99 8.67
CA ILE A 70 -8.65 -7.72 8.76
C ILE A 70 -9.90 -7.88 9.62
N ASN A 71 -10.31 -6.78 10.23
CA ASN A 71 -11.59 -6.74 10.92
C ASN A 71 -12.37 -5.51 10.46
N PRO A 72 -13.20 -5.73 9.42
CA PRO A 72 -14.04 -4.65 8.89
C PRO A 72 -15.23 -4.37 9.81
N ALA A 73 -15.03 -3.40 10.69
CA ALA A 73 -16.01 -3.15 11.74
C ALA A 73 -15.86 -1.70 12.22
N PRO A 74 -16.88 -1.25 13.01
CA PRO A 74 -16.66 -0.19 13.98
C PRO A 74 -15.90 -0.71 15.20
N ARG A 75 -15.80 0.14 16.21
CA ARG A 75 -15.39 -0.31 17.53
C ARG A 75 -13.97 -0.85 17.49
N GLY A 76 -13.86 -2.11 17.06
CA GLY A 76 -12.59 -2.82 17.13
C GLY A 76 -11.89 -2.80 15.77
N MET A 77 -12.27 -1.83 14.95
CA MET A 77 -11.56 -1.60 13.70
C MET A 77 -10.06 -1.51 13.92
N PRO A 78 -9.66 -0.54 14.79
CA PRO A 78 -8.34 0.06 14.68
C PRO A 78 -7.26 -0.90 15.20
N GLN A 79 -7.01 -1.94 14.42
CA GLN A 79 -6.03 -2.95 14.81
C GLN A 79 -5.15 -3.32 13.62
N ILE A 80 -4.93 -2.34 12.76
CA ILE A 80 -4.20 -2.58 11.52
C ILE A 80 -3.04 -1.58 11.43
N GLU A 81 -2.00 -2.01 10.72
CA GLU A 81 -1.12 -1.06 10.05
C GLU A 81 -0.82 -1.52 8.62
N VAL A 82 -0.85 -0.56 7.71
CA VAL A 82 -0.30 -0.77 6.39
C VAL A 82 0.73 0.31 6.09
N THR A 83 1.95 -0.13 5.77
CA THR A 83 3.08 0.77 5.74
C THR A 83 3.47 1.08 4.28
N PHE A 84 3.87 2.32 4.06
CA PHE A 84 4.42 2.71 2.77
C PHE A 84 5.80 3.33 2.93
N ASP A 85 6.81 2.48 2.82
CA ASP A 85 8.15 2.87 3.24
C ASP A 85 9.12 2.70 2.06
N ILE A 86 9.75 3.81 1.71
CA ILE A 86 10.59 3.84 0.51
C ILE A 86 12.05 3.62 0.90
N ASP A 87 12.66 2.64 0.26
CA ASP A 87 14.04 2.30 0.53
C ASP A 87 14.96 3.25 -0.23
N ALA A 88 16.25 3.10 0.02
CA ALA A 88 17.23 4.03 -0.50
C ALA A 88 17.17 4.03 -2.02
N ASP A 89 16.95 2.84 -2.57
CA ASP A 89 17.07 2.65 -4.01
C ASP A 89 15.87 3.28 -4.71
N GLY A 90 14.81 3.47 -3.94
CA GLY A 90 13.54 3.91 -4.51
C GLY A 90 12.63 2.71 -4.79
N ILE A 91 12.87 1.63 -4.06
CA ILE A 91 11.85 0.62 -3.84
C ILE A 91 10.82 1.15 -2.85
N LEU A 92 9.56 0.85 -3.14
CA LEU A 92 8.51 1.05 -2.16
C LEU A 92 8.22 -0.28 -1.45
N HIS A 93 8.68 -0.37 -0.23
CA HIS A 93 8.30 -1.48 0.64
C HIS A 93 6.86 -1.29 1.11
N VAL A 94 5.98 -2.14 0.61
CA VAL A 94 4.61 -2.18 1.09
C VAL A 94 4.43 -3.41 2.00
N SER A 95 3.82 -3.16 3.14
CA SER A 95 3.64 -4.22 4.12
C SER A 95 2.33 -4.00 4.89
N ALA A 96 1.74 -5.10 5.34
CA ALA A 96 0.61 -5.04 6.24
C ALA A 96 0.93 -5.83 7.51
N LYS A 97 0.62 -5.21 8.64
CA LYS A 97 0.89 -5.84 9.93
C LYS A 97 -0.35 -5.71 10.82
N ASP A 98 -0.90 -6.86 11.18
CA ASP A 98 -2.19 -6.89 11.85
C ASP A 98 -1.96 -6.96 13.36
N LYS A 99 -2.45 -5.94 14.06
CA LYS A 99 -2.29 -5.86 15.49
C LYS A 99 -3.22 -6.86 16.17
N ASN A 100 -4.29 -7.19 15.46
CA ASN A 100 -5.27 -8.12 15.98
C ASN A 100 -4.74 -9.55 15.87
N SER A 101 -4.34 -9.90 14.66
CA SER A 101 -4.03 -11.29 14.35
C SER A 101 -2.58 -11.59 14.67
N GLY A 102 -1.78 -10.54 14.66
CA GLY A 102 -0.36 -10.67 14.97
C GLY A 102 0.45 -11.08 13.75
N LYS A 103 -0.23 -11.07 12.60
CA LYS A 103 0.40 -11.46 11.36
C LYS A 103 1.22 -10.29 10.81
N GLU A 104 2.19 -10.62 9.98
CA GLU A 104 2.79 -9.63 9.10
C GLU A 104 3.23 -10.27 7.79
N GLN A 105 3.23 -9.48 6.73
CA GLN A 105 3.74 -9.92 5.45
C GLN A 105 3.95 -8.72 4.51
N LYS A 106 5.01 -8.81 3.72
CA LYS A 106 5.60 -7.61 3.14
C LYS A 106 5.92 -7.89 1.67
N ILE A 107 6.01 -6.80 0.91
CA ILE A 107 6.20 -6.91 -0.53
C ILE A 107 7.03 -5.74 -1.03
N THR A 108 8.13 -6.06 -1.67
CA THR A 108 9.01 -5.04 -2.22
C THR A 108 8.80 -4.92 -3.73
N ILE A 109 8.56 -3.70 -4.17
CA ILE A 109 8.42 -3.41 -5.59
C ILE A 109 9.18 -2.13 -5.93
N LYS A 110 9.86 -2.17 -7.07
CA LYS A 110 10.67 -1.04 -7.49
C LYS A 110 9.77 0.13 -7.85
N ALA A 111 10.21 1.33 -7.46
CA ALA A 111 9.68 2.55 -8.05
C ALA A 111 10.84 3.35 -8.66
N SER A 112 11.94 2.66 -8.88
CA SER A 112 13.14 3.31 -9.40
C SER A 112 13.25 3.05 -10.91
N SER A 113 13.60 1.82 -11.24
CA SER A 113 13.60 1.39 -12.63
C SER A 113 12.18 1.18 -13.11
N GLY A 114 11.99 1.38 -14.41
CA GLY A 114 10.66 1.42 -14.98
C GLY A 114 10.13 0.01 -15.25
N LEU A 115 8.83 -0.07 -15.47
CA LEU A 115 8.21 -1.33 -15.86
C LEU A 115 6.92 -1.04 -16.63
N LEU A 5 7.73 5.77 -11.62
CA LEU A 5 7.16 7.09 -11.43
C LEU A 5 6.03 7.02 -10.40
N SER A 6 6.27 7.62 -9.24
CA SER A 6 5.35 7.52 -8.13
C SER A 6 5.25 6.06 -7.67
N LEU A 7 4.53 5.86 -6.57
CA LEU A 7 4.08 4.53 -6.20
C LEU A 7 2.83 4.65 -5.34
N GLY A 8 1.68 4.42 -5.97
CA GLY A 8 0.41 4.45 -5.25
C GLY A 8 -0.18 3.05 -5.15
N ILE A 9 -1.37 2.99 -4.57
CA ILE A 9 -2.20 1.79 -4.66
C ILE A 9 -3.61 2.19 -5.07
N GLU A 10 -4.38 1.19 -5.48
CA GLU A 10 -5.78 1.39 -5.78
C GLU A 10 -6.60 1.42 -4.47
N THR A 11 -6.75 2.63 -3.94
CA THR A 11 -7.55 2.82 -2.74
C THR A 11 -9.03 2.92 -3.11
N MET A 12 -9.86 2.86 -2.08
CA MET A 12 -11.30 2.89 -2.28
C MET A 12 -11.71 4.02 -3.22
N GLY A 13 -12.44 3.66 -4.25
CA GLY A 13 -12.72 4.60 -5.33
C GLY A 13 -12.22 4.07 -6.68
N GLY A 14 -11.19 3.23 -6.59
CA GLY A 14 -10.61 2.66 -7.78
C GLY A 14 -9.49 3.55 -8.35
N VAL A 15 -8.82 4.23 -7.43
CA VAL A 15 -7.99 5.37 -7.81
C VAL A 15 -6.57 5.17 -7.27
N MET A 16 -5.60 5.43 -8.12
CA MET A 16 -4.21 5.30 -7.74
C MET A 16 -3.79 6.46 -6.84
N THR A 17 -3.91 6.24 -5.54
CA THR A 17 -3.49 7.23 -4.56
C THR A 17 -1.98 7.11 -4.30
N THR A 18 -1.24 8.07 -4.83
CA THR A 18 0.14 8.24 -4.44
C THR A 18 0.24 8.87 -3.05
N LEU A 19 0.41 8.00 -2.07
CA LEU A 19 0.65 8.45 -0.70
C LEU A 19 1.98 9.19 -0.64
N ILE A 20 2.97 8.63 -1.30
CA ILE A 20 4.29 9.24 -1.35
C ILE A 20 4.91 8.99 -2.73
N ALA A 21 5.47 10.06 -3.30
CA ALA A 21 6.15 9.96 -4.57
C ALA A 21 7.63 9.61 -4.34
N LYS A 22 8.19 8.92 -5.32
CA LYS A 22 9.56 8.43 -5.18
C LYS A 22 10.50 9.63 -5.00
N ASN A 23 11.58 9.38 -4.27
CA ASN A 23 12.35 10.46 -3.68
C ASN A 23 11.44 11.33 -2.82
N THR A 24 10.61 10.66 -2.03
CA THR A 24 9.96 11.30 -0.91
C THR A 24 10.92 12.25 -0.20
N THR A 25 11.86 11.66 0.53
CA THR A 25 12.78 12.45 1.34
C THR A 25 13.83 11.54 1.99
N ILE A 26 14.34 10.61 1.19
CA ILE A 26 14.60 9.26 1.67
C ILE A 26 15.69 9.32 2.74
N PRO A 27 15.78 8.22 3.54
CA PRO A 27 14.66 7.31 3.68
C PRO A 27 13.57 7.91 4.56
N THR A 28 12.38 7.34 4.46
CA THR A 28 11.30 7.66 5.39
C THR A 28 10.30 6.51 5.45
N LYS A 29 9.36 6.64 6.39
CA LYS A 29 8.61 5.48 6.86
C LYS A 29 7.21 5.93 7.28
N HIS A 30 6.30 5.87 6.32
CA HIS A 30 4.94 6.35 6.55
C HIS A 30 4.08 5.20 7.10
N SER A 31 4.17 5.02 8.40
CA SER A 31 3.38 4.00 9.08
C SER A 31 2.01 4.58 9.47
N GLN A 32 1.02 3.70 9.50
CA GLN A 32 -0.29 4.07 10.01
C GLN A 32 -0.83 5.28 9.25
N VAL A 33 -0.82 5.18 7.94
CA VAL A 33 -1.49 6.16 7.10
C VAL A 33 -2.65 5.49 6.37
N PHE A 34 -2.32 4.42 5.65
CA PHE A 34 -3.33 3.64 4.97
C PHE A 34 -3.86 2.51 5.88
N SER A 35 -5.11 2.14 5.64
CA SER A 35 -5.68 0.98 6.30
C SER A 35 -6.59 0.24 5.34
N THR A 36 -7.43 -0.62 5.91
CA THR A 36 -8.35 -1.42 5.11
C THR A 36 -9.54 -0.57 4.67
N ALA A 37 -9.29 0.29 3.70
CA ALA A 37 -10.36 0.97 2.99
C ALA A 37 -11.04 -0.02 2.02
N GLU A 38 -11.74 -0.98 2.61
CA GLU A 38 -12.34 -2.05 1.82
C GLU A 38 -13.50 -2.69 2.58
N ASP A 39 -14.60 -2.87 1.86
CA ASP A 39 -15.90 -2.97 2.50
C ASP A 39 -15.98 -4.28 3.29
N ASN A 40 -15.20 -5.25 2.84
CA ASN A 40 -15.16 -6.55 3.50
C ASN A 40 -14.55 -6.38 4.89
N GLN A 41 -13.64 -5.43 5.00
CA GLN A 41 -12.95 -5.18 6.25
C GLN A 41 -12.44 -6.49 6.85
N SER A 42 -11.90 -7.33 5.97
CA SER A 42 -11.50 -8.67 6.37
C SER A 42 -10.03 -8.89 6.01
N ALA A 43 -9.73 -8.71 4.72
CA ALA A 43 -8.38 -8.86 4.24
C ALA A 43 -7.95 -7.59 3.51
N VAL A 44 -6.77 -7.10 3.86
CA VAL A 44 -6.22 -5.93 3.19
C VAL A 44 -5.61 -6.36 1.86
N THR A 45 -5.91 -5.58 0.83
CA THR A 45 -5.59 -5.98 -0.54
C THR A 45 -4.92 -4.83 -1.28
N ILE A 46 -3.59 -4.90 -1.36
CA ILE A 46 -2.82 -3.83 -1.98
C ILE A 46 -2.60 -4.16 -3.45
N HIS A 47 -3.49 -3.62 -4.28
CA HIS A 47 -3.23 -3.51 -5.70
C HIS A 47 -2.15 -2.45 -5.94
N VAL A 48 -0.95 -2.93 -6.24
CA VAL A 48 0.23 -2.07 -6.22
C VAL A 48 0.63 -1.73 -7.66
N LEU A 49 0.70 -0.43 -7.92
CA LEU A 49 0.98 0.05 -9.26
C LEU A 49 1.29 1.54 -9.21
N GLN A 50 1.70 2.06 -10.36
CA GLN A 50 2.53 3.25 -10.39
C GLN A 50 2.29 4.05 -11.67
N GLY A 51 2.66 5.32 -11.62
CA GLY A 51 2.53 6.17 -12.79
C GLY A 51 2.21 7.61 -12.39
N GLU A 52 1.41 8.26 -13.23
CA GLU A 52 1.08 9.66 -13.00
C GLU A 52 -0.29 9.98 -13.61
N ARG A 53 -1.23 9.07 -13.39
CA ARG A 53 -2.62 9.33 -13.72
C ARG A 53 -3.53 8.85 -12.61
N LYS A 54 -4.79 9.24 -12.71
CA LYS A 54 -5.72 9.11 -11.59
C LYS A 54 -5.99 7.63 -11.33
N ARG A 55 -6.40 6.94 -12.38
CA ARG A 55 -7.06 5.65 -12.22
C ARG A 55 -6.01 4.53 -12.16
N ALA A 56 -6.24 3.62 -11.23
CA ALA A 56 -5.32 2.50 -11.04
C ALA A 56 -5.30 1.65 -12.32
N ALA A 57 -6.46 1.55 -12.95
CA ALA A 57 -6.63 0.65 -14.07
C ALA A 57 -6.28 1.37 -15.37
N ASP A 58 -5.71 2.56 -15.20
CA ASP A 58 -5.07 3.25 -16.32
C ASP A 58 -3.73 3.82 -15.85
N ASN A 59 -2.98 2.97 -15.16
CA ASN A 59 -1.55 3.21 -14.97
C ASN A 59 -0.83 1.87 -14.89
N LYS A 60 0.49 1.94 -14.97
CA LYS A 60 1.29 0.74 -15.17
C LYS A 60 1.13 -0.18 -13.96
N SER A 61 0.29 -1.18 -14.13
CA SER A 61 0.12 -2.19 -13.11
C SER A 61 1.48 -2.79 -12.73
N LEU A 62 1.59 -3.15 -11.46
CA LEU A 62 2.86 -3.57 -10.91
C LEU A 62 2.65 -4.75 -9.96
N GLY A 63 1.66 -5.56 -10.29
CA GLY A 63 1.33 -6.71 -9.47
C GLY A 63 0.38 -6.33 -8.33
N GLN A 64 0.40 -7.14 -7.28
CA GLN A 64 -0.58 -7.01 -6.22
C GLN A 64 -0.24 -7.95 -5.07
N PHE A 65 -0.48 -7.47 -3.86
CA PHE A 65 -0.25 -8.27 -2.67
C PHE A 65 -1.34 -8.04 -1.63
N ASN A 66 -1.70 -9.11 -0.94
CA ASN A 66 -2.82 -9.08 -0.02
C ASN A 66 -2.43 -9.83 1.26
N LEU A 67 -3.21 -9.57 2.31
CA LEU A 67 -2.99 -10.23 3.58
C LEU A 67 -4.31 -10.32 4.34
N ASP A 68 -4.52 -11.47 4.97
CA ASP A 68 -5.78 -11.74 5.65
C ASP A 68 -5.55 -11.75 7.16
N GLY A 69 -5.97 -10.66 7.80
CA GLY A 69 -5.98 -10.60 9.25
C GLY A 69 -6.40 -9.22 9.74
N ILE A 70 -7.54 -8.76 9.23
CA ILE A 70 -8.21 -7.61 9.80
C ILE A 70 -9.62 -8.00 10.21
N ASN A 71 -10.02 -7.51 11.37
CA ASN A 71 -11.35 -7.81 11.91
C ASN A 71 -12.35 -6.78 11.38
N PRO A 72 -13.52 -7.30 10.92
CA PRO A 72 -14.61 -6.44 10.51
C PRO A 72 -15.31 -5.82 11.71
N ALA A 73 -15.52 -6.65 12.73
CA ALA A 73 -16.23 -6.21 13.91
C ALA A 73 -15.28 -5.41 14.81
N PRO A 74 -15.89 -4.56 15.68
CA PRO A 74 -15.14 -3.94 16.76
C PRO A 74 -14.85 -4.94 17.88
N ARG A 75 -15.73 -5.93 17.99
CA ARG A 75 -15.45 -7.09 18.81
C ARG A 75 -14.24 -7.86 18.27
N GLY A 76 -13.10 -7.61 18.90
CA GLY A 76 -11.83 -8.06 18.34
C GLY A 76 -10.73 -7.03 18.57
N MET A 77 -11.16 -5.78 18.75
CA MET A 77 -10.24 -4.72 19.09
C MET A 77 -9.09 -4.64 18.08
N PRO A 78 -9.46 -4.35 16.80
CA PRO A 78 -8.54 -4.55 15.70
C PRO A 78 -7.47 -3.46 15.67
N GLN A 79 -6.35 -3.79 15.06
CA GLN A 79 -5.31 -2.80 14.80
C GLN A 79 -4.41 -3.27 13.65
N ILE A 80 -4.16 -2.35 12.73
CA ILE A 80 -3.60 -2.72 11.44
C ILE A 80 -2.63 -1.62 10.99
N GLU A 81 -1.38 -2.01 10.77
CA GLU A 81 -0.35 -1.06 10.41
C GLU A 81 0.21 -1.40 9.02
N VAL A 82 -0.27 -0.67 8.03
CA VAL A 82 0.18 -0.87 6.66
C VAL A 82 1.19 0.23 6.29
N THR A 83 2.46 -0.13 6.35
CA THR A 83 3.52 0.82 6.08
C THR A 83 3.54 1.17 4.59
N PHE A 84 3.72 2.47 4.32
CA PHE A 84 4.29 2.89 3.05
C PHE A 84 5.73 3.39 3.24
N ASP A 85 6.66 2.46 3.11
CA ASP A 85 7.97 2.63 3.73
C ASP A 85 9.04 2.56 2.64
N ILE A 86 9.76 3.66 2.49
CA ILE A 86 10.63 3.85 1.34
C ILE A 86 12.10 3.81 1.80
N ASP A 87 12.88 2.97 1.14
CA ASP A 87 14.26 2.77 1.54
C ASP A 87 15.17 3.70 0.72
N ALA A 88 16.41 3.79 1.15
CA ALA A 88 17.36 4.68 0.50
C ALA A 88 17.59 4.21 -0.93
N ASP A 89 17.44 2.91 -1.13
CA ASP A 89 17.72 2.31 -2.42
C ASP A 89 16.65 2.73 -3.42
N GLY A 90 15.53 3.18 -2.88
CA GLY A 90 14.47 3.73 -3.71
C GLY A 90 13.43 2.66 -4.06
N ILE A 91 13.39 1.63 -3.22
CA ILE A 91 12.28 0.70 -3.23
C ILE A 91 11.27 1.13 -2.15
N LEU A 92 9.99 1.01 -2.51
CA LEU A 92 8.93 1.09 -1.52
C LEU A 92 8.64 -0.32 -0.99
N HIS A 93 8.88 -0.49 0.30
CA HIS A 93 8.28 -1.59 1.04
C HIS A 93 6.84 -1.25 1.40
N VAL A 94 5.93 -2.09 0.94
CA VAL A 94 4.53 -1.99 1.35
C VAL A 94 4.16 -3.24 2.14
N SER A 95 3.86 -3.02 3.42
CA SER A 95 3.91 -4.09 4.40
C SER A 95 2.74 -3.96 5.37
N ALA A 96 1.84 -4.92 5.31
CA ALA A 96 0.70 -4.96 6.22
C ALA A 96 1.07 -5.79 7.44
N LYS A 97 1.34 -5.09 8.54
CA LYS A 97 1.52 -5.75 9.82
C LYS A 97 0.18 -5.79 10.56
N ASP A 98 -0.45 -6.95 10.51
CA ASP A 98 -1.68 -7.18 11.26
C ASP A 98 -1.35 -7.35 12.73
N LYS A 99 -1.62 -6.31 13.50
CA LYS A 99 -1.13 -6.25 14.88
C LYS A 99 -1.91 -7.25 15.73
N ASN A 100 -3.16 -7.45 15.35
CA ASN A 100 -4.05 -8.31 16.13
C ASN A 100 -3.79 -9.76 15.76
N SER A 101 -3.68 -10.01 14.47
CA SER A 101 -3.58 -11.36 13.96
C SER A 101 -2.15 -11.88 14.12
N GLY A 102 -1.21 -10.95 14.14
CA GLY A 102 0.18 -11.30 14.39
C GLY A 102 0.88 -11.64 13.08
N LYS A 103 0.20 -11.37 11.98
CA LYS A 103 0.80 -11.55 10.66
C LYS A 103 1.69 -10.34 10.35
N GLU A 104 2.66 -10.57 9.47
CA GLU A 104 3.27 -9.47 8.73
C GLU A 104 3.80 -9.98 7.38
N GLN A 105 3.38 -9.31 6.33
CA GLN A 105 3.88 -9.62 5.00
C GLN A 105 4.23 -8.32 4.26
N LYS A 106 5.21 -8.43 3.38
CA LYS A 106 5.94 -7.26 2.91
C LYS A 106 6.25 -7.42 1.42
N ILE A 107 5.59 -6.57 0.62
CA ILE A 107 5.82 -6.57 -0.80
C ILE A 107 6.76 -5.42 -1.17
N THR A 108 7.87 -5.77 -1.81
CA THR A 108 8.85 -4.78 -2.20
C THR A 108 8.72 -4.45 -3.69
N ILE A 109 8.61 -3.16 -3.97
CA ILE A 109 8.51 -2.71 -5.35
C ILE A 109 9.47 -1.53 -5.56
N LYS A 110 10.40 -1.73 -6.48
CA LYS A 110 11.23 -0.63 -6.95
C LYS A 110 10.33 0.52 -7.41
N ALA A 111 10.84 1.73 -7.22
CA ALA A 111 10.07 2.92 -7.56
C ALA A 111 9.80 2.94 -9.06
N SER A 112 10.84 2.63 -9.82
CA SER A 112 10.67 2.35 -11.24
C SER A 112 10.30 3.64 -11.99
N SER A 113 10.00 3.47 -13.26
CA SER A 113 9.49 4.59 -14.06
C SER A 113 8.12 4.24 -14.63
N GLY A 114 8.09 3.16 -15.39
CA GLY A 114 6.83 2.64 -15.90
C GLY A 114 6.12 3.68 -16.77
N LEU A 115 4.81 3.80 -16.53
CA LEU A 115 3.95 4.52 -17.46
C LEU A 115 2.60 4.79 -16.80
N LEU A 5 8.77 5.15 -11.14
CA LEU A 5 7.83 6.21 -11.44
C LEU A 5 7.03 6.56 -10.18
N SER A 6 6.22 7.60 -10.30
CA SER A 6 5.27 7.93 -9.25
C SER A 6 4.42 6.70 -8.91
N LEU A 7 4.77 6.08 -7.78
CA LEU A 7 4.08 4.88 -7.35
C LEU A 7 2.99 5.26 -6.35
N GLY A 8 1.75 5.01 -6.73
CA GLY A 8 0.62 5.23 -5.85
C GLY A 8 -0.10 3.92 -5.52
N ILE A 9 -1.09 4.03 -4.66
CA ILE A 9 -1.82 2.86 -4.19
C ILE A 9 -3.29 2.97 -4.60
N GLU A 10 -3.87 1.84 -4.94
CA GLU A 10 -5.25 1.81 -5.36
C GLU A 10 -6.19 1.88 -4.14
N THR A 11 -6.90 2.99 -4.05
CA THR A 11 -7.61 3.32 -2.84
C THR A 11 -9.03 3.78 -3.15
N MET A 12 -9.82 3.95 -2.10
CA MET A 12 -11.26 3.77 -2.20
C MET A 12 -11.65 3.35 -3.61
N GLY A 13 -11.68 2.04 -3.82
CA GLY A 13 -12.29 1.48 -5.01
C GLY A 13 -11.22 1.11 -6.05
N GLY A 14 -10.53 2.14 -6.52
CA GLY A 14 -9.48 1.94 -7.49
C GLY A 14 -9.07 3.27 -8.13
N VAL A 15 -8.64 4.20 -7.29
CA VAL A 15 -7.95 5.39 -7.77
C VAL A 15 -6.51 5.36 -7.28
N MET A 16 -5.60 5.71 -8.18
CA MET A 16 -4.18 5.65 -7.86
C MET A 16 -3.77 6.82 -6.98
N THR A 17 -3.86 6.59 -5.67
CA THR A 17 -3.35 7.54 -4.70
C THR A 17 -1.82 7.51 -4.68
N THR A 18 -1.23 8.31 -5.56
CA THR A 18 0.13 8.77 -5.35
C THR A 18 0.22 9.60 -4.07
N LEU A 19 0.44 8.91 -2.97
CA LEU A 19 0.76 9.57 -1.71
C LEU A 19 2.21 9.30 -1.34
N ILE A 20 2.54 8.02 -1.25
CA ILE A 20 3.90 7.62 -0.97
C ILE A 20 4.74 7.69 -2.25
N ALA A 21 4.90 8.92 -2.73
CA ALA A 21 5.60 9.13 -3.99
C ALA A 21 7.08 8.80 -3.81
N LYS A 22 7.79 8.76 -4.93
CA LYS A 22 9.20 8.45 -4.91
C LYS A 22 9.96 9.61 -4.27
N ASN A 23 9.35 10.78 -4.32
CA ASN A 23 10.01 12.00 -3.89
C ASN A 23 9.48 12.39 -2.50
N THR A 24 9.07 11.38 -1.75
CA THR A 24 8.63 11.59 -0.38
C THR A 24 9.84 11.75 0.55
N THR A 25 10.64 12.76 0.27
CA THR A 25 11.82 13.04 1.09
C THR A 25 12.57 11.75 1.40
N ILE A 26 12.70 10.92 0.37
CA ILE A 26 13.50 9.71 0.49
C ILE A 26 14.79 10.03 1.23
N PRO A 27 15.22 9.06 2.08
CA PRO A 27 14.35 7.96 2.47
C PRO A 27 13.30 8.43 3.48
N THR A 28 12.21 7.67 3.54
CA THR A 28 11.25 7.81 4.62
C THR A 28 10.42 6.55 4.78
N LYS A 29 9.82 6.41 5.95
CA LYS A 29 9.34 5.11 6.40
C LYS A 29 8.00 5.28 7.11
N HIS A 30 6.94 5.26 6.33
CA HIS A 30 5.63 5.68 6.82
C HIS A 30 4.74 4.45 6.97
N SER A 31 3.68 4.63 7.75
CA SER A 31 2.53 3.73 7.68
C SER A 31 1.24 4.53 7.54
N GLN A 32 0.91 5.23 8.61
CA GLN A 32 -0.33 5.99 8.65
C GLN A 32 -1.48 5.15 8.09
N VAL A 33 -2.00 4.28 8.95
CA VAL A 33 -2.88 3.22 8.48
C VAL A 33 -3.92 3.81 7.54
N PHE A 34 -3.99 3.22 6.35
CA PHE A 34 -4.91 3.70 5.33
C PHE A 34 -6.28 3.03 5.47
N SER A 35 -7.29 3.70 4.93
CA SER A 35 -8.64 3.18 4.97
C SER A 35 -8.74 1.92 4.11
N THR A 36 -9.03 0.81 4.77
CA THR A 36 -9.16 -0.47 4.08
C THR A 36 -10.52 -0.56 3.39
N ALA A 37 -10.57 -0.08 2.17
CA ALA A 37 -11.78 -0.13 1.37
C ALA A 37 -12.04 -1.59 0.96
N GLU A 38 -12.56 -2.36 1.90
CA GLU A 38 -12.89 -3.75 1.64
C GLU A 38 -14.23 -4.11 2.28
N ASP A 39 -15.20 -4.39 1.43
CA ASP A 39 -16.59 -4.45 1.86
C ASP A 39 -16.80 -5.69 2.73
N ASN A 40 -15.96 -6.69 2.49
CA ASN A 40 -16.04 -7.93 3.25
C ASN A 40 -15.58 -7.65 4.68
N GLN A 41 -14.86 -6.55 4.86
CA GLN A 41 -14.42 -6.14 6.17
C GLN A 41 -13.69 -7.29 6.87
N SER A 42 -12.53 -7.62 6.32
CA SER A 42 -11.90 -8.90 6.61
C SER A 42 -10.41 -8.84 6.30
N ALA A 43 -10.11 -8.40 5.09
CA ALA A 43 -8.73 -8.40 4.60
C ALA A 43 -8.41 -7.02 4.02
N VAL A 44 -7.16 -6.87 3.61
CA VAL A 44 -6.73 -5.65 2.94
C VAL A 44 -5.92 -6.02 1.69
N THR A 45 -6.21 -5.32 0.61
CA THR A 45 -5.61 -5.64 -0.67
C THR A 45 -4.92 -4.40 -1.26
N ILE A 46 -3.62 -4.54 -1.49
CA ILE A 46 -2.86 -3.50 -2.15
C ILE A 46 -2.39 -4.01 -3.52
N HIS A 47 -2.73 -3.25 -4.54
CA HIS A 47 -1.80 -3.02 -5.64
C HIS A 47 -1.08 -1.70 -5.44
N VAL A 48 0.15 -1.64 -5.93
CA VAL A 48 0.81 -0.37 -6.17
C VAL A 48 1.05 -0.19 -7.66
N LEU A 49 0.76 1.00 -8.14
CA LEU A 49 0.65 1.23 -9.57
C LEU A 49 1.38 2.54 -9.93
N GLN A 50 1.95 2.54 -11.12
CA GLN A 50 2.77 3.67 -11.56
C GLN A 50 2.30 4.16 -12.94
N GLY A 51 2.58 5.43 -13.19
CA GLY A 51 2.22 6.02 -14.47
C GLY A 51 2.06 7.54 -14.35
N GLU A 52 0.83 7.96 -14.17
CA GLU A 52 0.53 9.38 -14.08
C GLU A 52 -0.81 9.60 -13.36
N ARG A 53 -0.99 8.88 -12.28
CA ARG A 53 -2.14 9.08 -11.41
C ARG A 53 -3.43 8.77 -12.17
N LYS A 54 -4.54 9.20 -11.59
CA LYS A 54 -5.85 8.94 -12.17
C LYS A 54 -6.30 7.53 -11.76
N ARG A 55 -7.27 7.02 -12.51
CA ARG A 55 -7.85 5.73 -12.18
C ARG A 55 -6.79 4.63 -12.19
N ALA A 56 -6.89 3.74 -11.21
CA ALA A 56 -5.81 2.81 -10.94
C ALA A 56 -5.66 1.86 -12.13
N ALA A 57 -6.78 1.58 -12.77
CA ALA A 57 -6.81 0.57 -13.81
C ALA A 57 -6.31 1.19 -15.13
N ASP A 58 -6.09 2.50 -15.08
CA ASP A 58 -5.62 3.22 -16.24
C ASP A 58 -4.08 3.27 -16.21
N ASN A 59 -3.53 2.78 -15.10
CA ASN A 59 -2.11 2.91 -14.87
C ASN A 59 -1.48 1.50 -14.86
N LYS A 60 -0.16 1.48 -14.97
CA LYS A 60 0.57 0.23 -14.90
C LYS A 60 0.53 -0.31 -13.47
N SER A 61 -0.01 -1.50 -13.34
CA SER A 61 0.07 -2.22 -12.08
C SER A 61 1.28 -3.16 -12.10
N LEU A 62 1.94 -3.25 -10.94
CA LEU A 62 3.23 -3.90 -10.86
C LEU A 62 3.44 -4.43 -9.44
N GLY A 63 2.50 -5.25 -9.00
CA GLY A 63 2.70 -6.06 -7.81
C GLY A 63 1.51 -5.94 -6.86
N GLN A 64 0.80 -7.05 -6.71
CA GLN A 64 -0.33 -7.10 -5.80
C GLN A 64 0.02 -7.96 -4.57
N PHE A 65 -0.46 -7.52 -3.42
CA PHE A 65 -0.41 -8.33 -2.23
C PHE A 65 -1.60 -8.05 -1.30
N ASN A 66 -1.84 -8.96 -0.39
CA ASN A 66 -2.95 -8.84 0.53
C ASN A 66 -2.59 -9.47 1.87
N LEU A 67 -3.39 -9.15 2.88
CA LEU A 67 -3.33 -9.88 4.13
C LEU A 67 -4.72 -9.91 4.77
N ASP A 68 -5.07 -11.07 5.28
CA ASP A 68 -6.37 -11.25 5.93
C ASP A 68 -6.20 -11.10 7.44
N GLY A 69 -7.27 -10.65 8.09
CA GLY A 69 -7.30 -10.57 9.53
C GLY A 69 -7.25 -9.12 10.01
N ILE A 70 -8.05 -8.29 9.34
CA ILE A 70 -8.23 -6.91 9.79
C ILE A 70 -9.19 -6.89 10.97
N ASN A 71 -9.26 -5.73 11.61
CA ASN A 71 -9.97 -5.61 12.88
C ASN A 71 -11.00 -4.49 12.79
N PRO A 72 -12.19 -4.85 12.24
CA PRO A 72 -13.29 -3.90 12.17
C PRO A 72 -13.94 -3.71 13.54
N ALA A 73 -13.25 -2.95 14.39
CA ALA A 73 -13.75 -2.67 15.73
C ALA A 73 -12.99 -1.46 16.30
N PRO A 74 -13.58 -0.88 17.38
CA PRO A 74 -12.91 0.18 18.12
C PRO A 74 -11.79 -0.40 18.99
N ARG A 75 -12.09 -1.52 19.62
CA ARG A 75 -11.04 -2.39 20.13
C ARG A 75 -10.10 -2.82 19.00
N GLY A 76 -9.11 -1.98 18.74
CA GLY A 76 -8.16 -2.26 17.68
C GLY A 76 -8.49 -1.45 16.41
N MET A 77 -8.96 -0.24 16.64
CA MET A 77 -8.75 0.83 15.67
C MET A 77 -7.27 1.08 15.43
N PRO A 78 -6.49 1.10 16.54
CA PRO A 78 -5.08 0.78 16.47
C PRO A 78 -4.84 -0.72 16.30
N GLN A 79 -3.61 -1.12 16.51
CA GLN A 79 -3.26 -2.53 16.45
C GLN A 79 -3.37 -3.03 15.00
N ILE A 80 -3.18 -2.11 14.07
CA ILE A 80 -3.15 -2.47 12.66
C ILE A 80 -2.40 -1.38 11.89
N GLU A 81 -1.52 -1.82 11.00
CA GLU A 81 -0.78 -0.89 10.16
C GLU A 81 -0.72 -1.42 8.71
N VAL A 82 -0.73 -0.48 7.78
CA VAL A 82 -0.25 -0.75 6.44
C VAL A 82 0.99 0.09 6.15
N THR A 83 2.12 -0.58 6.11
CA THR A 83 3.39 0.09 5.82
C THR A 83 3.38 0.64 4.39
N PHE A 84 3.89 1.85 4.26
CA PHE A 84 4.19 2.40 2.95
C PHE A 84 5.50 3.19 2.97
N ASP A 85 6.56 2.52 2.54
CA ASP A 85 7.88 2.79 3.07
C ASP A 85 8.91 2.76 1.93
N ILE A 86 9.62 3.87 1.80
CA ILE A 86 10.59 4.01 0.74
C ILE A 86 12.00 4.13 1.33
N ASP A 87 12.84 3.17 0.98
CA ASP A 87 14.21 3.15 1.48
C ASP A 87 15.13 3.84 0.47
N ALA A 88 16.38 3.98 0.86
CA ALA A 88 17.32 4.77 0.08
C ALA A 88 17.47 4.14 -1.31
N ASP A 89 17.29 2.83 -1.36
CA ASP A 89 17.50 2.09 -2.58
C ASP A 89 16.43 2.48 -3.60
N GLY A 90 15.37 3.08 -3.09
CA GLY A 90 14.35 3.66 -3.96
C GLY A 90 13.23 2.65 -4.24
N ILE A 91 13.25 1.57 -3.48
CA ILE A 91 12.20 0.57 -3.58
C ILE A 91 11.06 0.94 -2.61
N LEU A 92 9.84 0.74 -3.08
CA LEU A 92 8.69 0.79 -2.20
C LEU A 92 8.55 -0.54 -1.46
N HIS A 93 8.84 -0.49 -0.17
CA HIS A 93 8.38 -1.54 0.73
C HIS A 93 6.94 -1.24 1.16
N VAL A 94 6.03 -2.07 0.67
CA VAL A 94 4.66 -2.05 1.15
C VAL A 94 4.36 -3.34 1.91
N SER A 95 3.61 -3.20 2.99
CA SER A 95 3.26 -4.35 3.81
C SER A 95 2.06 -4.00 4.70
N ALA A 96 1.50 -5.04 5.30
CA ALA A 96 0.51 -4.85 6.35
C ALA A 96 0.75 -5.86 7.47
N LYS A 97 0.55 -5.41 8.69
CA LYS A 97 0.86 -6.22 9.85
C LYS A 97 -0.29 -6.16 10.85
N ASP A 98 -0.92 -7.30 11.08
CA ASP A 98 -2.00 -7.39 12.04
C ASP A 98 -1.42 -7.66 13.42
N LYS A 99 -1.58 -6.68 14.30
CA LYS A 99 -0.93 -6.71 15.60
C LYS A 99 -1.69 -7.67 16.52
N ASN A 100 -2.98 -7.79 16.26
CA ASN A 100 -3.83 -8.66 17.07
C ASN A 100 -3.47 -10.12 16.79
N SER A 101 -3.34 -10.43 15.50
CA SER A 101 -3.14 -11.81 15.08
C SER A 101 -1.65 -12.14 15.06
N GLY A 102 -0.85 -11.10 14.93
CA GLY A 102 0.60 -11.27 14.92
C GLY A 102 1.11 -11.57 13.51
N LYS A 103 0.22 -11.39 12.54
CA LYS A 103 0.53 -11.74 11.17
C LYS A 103 1.34 -10.59 10.54
N GLU A 104 2.06 -10.94 9.48
CA GLU A 104 2.59 -9.93 8.58
C GLU A 104 2.78 -10.50 7.17
N GLN A 105 2.74 -9.62 6.19
CA GLN A 105 3.10 -9.98 4.84
C GLN A 105 3.46 -8.74 4.03
N LYS A 106 4.47 -8.90 3.20
CA LYS A 106 5.24 -7.75 2.73
C LYS A 106 5.51 -7.90 1.23
N ILE A 107 5.71 -6.76 0.59
CA ILE A 107 5.82 -6.72 -0.87
C ILE A 107 6.72 -5.56 -1.28
N THR A 108 7.81 -5.90 -1.93
CA THR A 108 8.81 -4.91 -2.32
C THR A 108 8.84 -4.74 -3.83
N ILE A 109 8.69 -3.49 -4.25
CA ILE A 109 8.60 -3.18 -5.67
C ILE A 109 9.48 -1.98 -5.98
N LYS A 110 10.32 -2.14 -7.00
CA LYS A 110 11.24 -1.09 -7.39
C LYS A 110 10.46 0.14 -7.84
N ALA A 111 9.43 -0.12 -8.64
CA ALA A 111 8.73 0.94 -9.34
C ALA A 111 9.76 1.94 -9.89
N SER A 112 10.35 1.56 -11.01
CA SER A 112 11.37 2.39 -11.63
C SER A 112 11.40 2.16 -13.14
N SER A 113 11.63 3.23 -13.88
CA SER A 113 11.66 3.16 -15.32
C SER A 113 10.32 2.65 -15.86
N GLY A 114 10.32 2.36 -17.15
CA GLY A 114 9.10 1.86 -17.79
C GLY A 114 8.91 0.38 -17.50
N LEU A 115 10.02 -0.33 -17.41
CA LEU A 115 9.98 -1.76 -17.19
C LEU A 115 10.16 -2.06 -15.69
N LEU A 5 9.36 4.89 -11.85
CA LEU A 5 8.19 5.75 -11.90
C LEU A 5 7.70 6.02 -10.48
N SER A 6 6.84 7.02 -10.36
CA SER A 6 5.94 7.11 -9.23
C SER A 6 5.22 5.77 -9.02
N LEU A 7 4.87 5.51 -7.77
CA LEU A 7 4.26 4.24 -7.42
C LEU A 7 3.21 4.47 -6.31
N GLY A 8 2.08 5.01 -6.72
CA GLY A 8 0.96 5.19 -5.80
C GLY A 8 0.19 3.89 -5.61
N ILE A 9 -0.92 3.99 -4.89
CA ILE A 9 -1.68 2.81 -4.52
C ILE A 9 -3.16 3.03 -4.85
N GLU A 10 -3.89 1.93 -4.94
CA GLU A 10 -5.31 1.99 -5.22
C GLU A 10 -6.09 2.09 -3.92
N THR A 11 -6.29 3.33 -3.48
CA THR A 11 -7.14 3.59 -2.33
C THR A 11 -8.61 3.56 -2.72
N MET A 12 -9.46 3.38 -1.71
CA MET A 12 -10.68 2.61 -1.89
C MET A 12 -10.76 2.04 -3.31
N GLY A 13 -10.32 0.80 -3.44
CA GLY A 13 -9.70 0.35 -4.68
C GLY A 13 -10.49 0.86 -5.89
N GLY A 14 -9.87 1.78 -6.61
CA GLY A 14 -10.51 2.39 -7.77
C GLY A 14 -9.82 3.71 -8.14
N VAL A 15 -9.52 4.49 -7.12
CA VAL A 15 -8.87 5.77 -7.34
C VAL A 15 -7.47 5.73 -6.71
N MET A 16 -6.53 6.40 -7.36
CA MET A 16 -5.13 6.26 -7.03
C MET A 16 -4.70 7.32 -6.01
N THR A 17 -3.70 6.96 -5.22
CA THR A 17 -3.05 7.92 -4.34
C THR A 17 -1.53 7.78 -4.43
N THR A 18 -0.91 8.77 -5.06
CA THR A 18 0.53 8.93 -4.98
C THR A 18 0.92 9.41 -3.57
N LEU A 19 0.96 8.47 -2.64
CA LEU A 19 1.50 8.74 -1.32
C LEU A 19 3.02 8.91 -1.43
N ILE A 20 3.59 8.20 -2.39
CA ILE A 20 5.04 8.17 -2.55
C ILE A 20 5.41 8.87 -3.86
N ALA A 21 6.46 9.68 -3.79
CA ALA A 21 7.04 10.25 -5.00
C ALA A 21 8.50 9.79 -5.11
N LYS A 22 9.09 10.10 -6.26
CA LYS A 22 10.48 9.75 -6.50
C LYS A 22 11.38 10.77 -5.77
N ASN A 23 10.75 11.83 -5.29
CA ASN A 23 11.49 12.89 -4.64
C ASN A 23 11.13 12.92 -3.15
N THR A 24 10.66 11.77 -2.67
CA THR A 24 10.44 11.60 -1.24
C THR A 24 11.77 11.32 -0.54
N THR A 25 12.85 11.54 -1.27
CA THR A 25 14.09 12.00 -0.66
C THR A 25 14.87 10.81 -0.10
N ILE A 26 14.19 10.02 0.73
CA ILE A 26 14.62 8.66 1.00
C ILE A 26 15.81 8.69 1.95
N PRO A 27 15.86 7.65 2.84
CA PRO A 27 14.70 6.80 3.05
C PRO A 27 13.64 7.52 3.89
N THR A 28 12.46 6.92 3.91
CA THR A 28 11.38 7.44 4.73
C THR A 28 10.25 6.42 4.83
N LYS A 29 9.35 6.65 5.77
CA LYS A 29 8.21 5.78 5.97
C LYS A 29 6.92 6.61 6.00
N HIS A 30 6.05 6.31 5.05
CA HIS A 30 4.82 7.07 4.90
C HIS A 30 3.62 6.18 5.21
N SER A 31 3.42 5.94 6.50
CA SER A 31 2.45 4.94 6.93
C SER A 31 1.03 5.50 6.81
N GLN A 32 0.83 6.66 7.42
CA GLN A 32 -0.49 7.27 7.45
C GLN A 32 -1.51 6.31 8.07
N VAL A 33 -2.78 6.67 7.90
CA VAL A 33 -3.85 5.75 8.23
C VAL A 33 -4.70 5.52 6.97
N PHE A 34 -4.28 4.55 6.18
CA PHE A 34 -5.05 4.14 5.02
C PHE A 34 -6.12 3.11 5.40
N SER A 35 -7.37 3.47 5.13
CA SER A 35 -8.48 2.59 5.42
C SER A 35 -8.32 1.28 4.66
N THR A 36 -8.54 0.18 5.38
CA THR A 36 -8.44 -1.14 4.78
C THR A 36 -9.70 -1.46 3.98
N ALA A 37 -9.63 -1.17 2.69
CA ALA A 37 -10.80 -1.31 1.83
C ALA A 37 -11.01 -2.79 1.51
N GLU A 38 -11.58 -3.49 2.49
CA GLU A 38 -11.96 -4.88 2.29
C GLU A 38 -13.24 -5.19 3.07
N ASP A 39 -14.29 -5.50 2.32
CA ASP A 39 -15.64 -5.35 2.84
C ASP A 39 -15.91 -6.45 3.88
N ASN A 40 -15.22 -7.57 3.70
CA ASN A 40 -15.43 -8.72 4.57
C ASN A 40 -14.57 -8.57 5.82
N GLN A 41 -13.78 -7.50 5.84
CA GLN A 41 -12.99 -7.18 7.01
C GLN A 41 -12.17 -8.38 7.45
N SER A 42 -11.66 -9.11 6.47
CA SER A 42 -10.98 -10.36 6.73
C SER A 42 -9.50 -10.25 6.30
N ALA A 43 -9.31 -9.75 5.09
CA ALA A 43 -7.97 -9.68 4.52
C ALA A 43 -7.71 -8.25 4.03
N VAL A 44 -6.53 -8.07 3.45
CA VAL A 44 -6.25 -6.86 2.70
C VAL A 44 -5.53 -7.23 1.39
N THR A 45 -5.84 -6.48 0.35
CA THR A 45 -5.09 -6.57 -0.89
C THR A 45 -4.54 -5.20 -1.28
N ILE A 46 -3.23 -5.16 -1.50
CA ILE A 46 -2.60 -3.97 -2.04
C ILE A 46 -2.27 -4.19 -3.51
N HIS A 47 -2.53 -3.16 -4.30
CA HIS A 47 -1.79 -2.95 -5.54
C HIS A 47 -1.08 -1.60 -5.49
N VAL A 48 0.15 -1.60 -5.98
CA VAL A 48 0.87 -0.35 -6.21
C VAL A 48 1.05 -0.15 -7.72
N LEU A 49 0.68 1.05 -8.16
CA LEU A 49 0.53 1.31 -9.59
C LEU A 49 1.42 2.48 -9.97
N GLN A 50 1.88 2.47 -11.23
CA GLN A 50 2.86 3.42 -11.69
C GLN A 50 2.51 3.90 -13.09
N GLY A 51 2.84 5.16 -13.35
CA GLY A 51 2.55 5.77 -14.64
C GLY A 51 1.82 7.09 -14.48
N GLU A 52 0.49 7.02 -14.63
CA GLU A 52 -0.37 8.09 -14.17
C GLU A 52 -0.55 8.00 -12.65
N ARG A 53 -1.46 8.82 -12.14
CA ARG A 53 -1.47 9.16 -10.73
C ARG A 53 -2.79 9.80 -10.34
N LYS A 54 -3.86 9.32 -10.97
CA LYS A 54 -5.19 9.77 -10.63
C LYS A 54 -6.11 8.56 -10.47
N ARG A 55 -6.17 7.76 -11.52
CA ARG A 55 -7.07 6.62 -11.55
C ARG A 55 -6.28 5.31 -11.60
N ALA A 56 -6.60 4.42 -10.68
CA ALA A 56 -5.86 3.19 -10.54
C ALA A 56 -6.05 2.33 -11.79
N ALA A 57 -7.28 2.33 -12.28
CA ALA A 57 -7.69 1.32 -13.25
C ALA A 57 -7.15 1.71 -14.64
N ASP A 58 -6.66 2.93 -14.72
CA ASP A 58 -6.23 3.48 -16.01
C ASP A 58 -4.74 3.78 -15.96
N ASN A 59 -4.04 3.03 -15.12
CA ASN A 59 -2.62 3.24 -14.92
C ASN A 59 -1.90 1.89 -14.87
N LYS A 60 -0.61 1.93 -15.17
CA LYS A 60 0.13 0.71 -15.40
C LYS A 60 0.43 0.04 -14.07
N SER A 61 -0.08 -1.18 -13.92
CA SER A 61 -0.01 -1.88 -12.65
C SER A 61 1.41 -2.40 -12.40
N LEU A 62 1.71 -2.63 -11.13
CA LEU A 62 3.01 -3.12 -10.74
C LEU A 62 2.95 -3.69 -9.32
N GLY A 63 2.19 -4.77 -9.18
CA GLY A 63 2.47 -5.74 -8.14
C GLY A 63 1.35 -5.79 -7.11
N GLN A 64 0.66 -6.91 -7.07
CA GLN A 64 -0.37 -7.14 -6.08
C GLN A 64 0.15 -8.05 -4.97
N PHE A 65 -0.32 -7.79 -3.76
CA PHE A 65 -0.13 -8.73 -2.66
C PHE A 65 -1.31 -8.67 -1.68
N ASN A 66 -1.61 -9.82 -1.11
CA ASN A 66 -2.70 -9.92 -0.14
C ASN A 66 -2.33 -10.94 0.93
N LEU A 67 -2.91 -10.75 2.10
CA LEU A 67 -2.83 -11.75 3.15
C LEU A 67 -3.97 -11.55 4.15
N ASP A 68 -4.58 -12.65 4.54
CA ASP A 68 -5.68 -12.61 5.49
C ASP A 68 -5.11 -12.58 6.91
N GLY A 69 -5.79 -11.85 7.78
CA GLY A 69 -5.20 -11.43 9.03
C GLY A 69 -6.14 -10.49 9.79
N ILE A 70 -6.73 -9.56 9.04
CA ILE A 70 -7.59 -8.55 9.63
C ILE A 70 -8.88 -9.22 10.15
N ASN A 71 -9.34 -8.75 11.29
CA ASN A 71 -10.31 -9.49 12.07
C ASN A 71 -11.68 -8.80 11.96
N PRO A 72 -12.68 -9.61 11.51
CA PRO A 72 -14.07 -9.18 11.58
C PRO A 72 -14.59 -9.27 13.01
N ALA A 73 -13.90 -8.59 13.91
CA ALA A 73 -14.17 -8.73 15.33
C ALA A 73 -13.20 -7.85 16.12
N PRO A 74 -13.61 -7.52 17.38
CA PRO A 74 -12.69 -6.93 18.34
C PRO A 74 -11.71 -7.97 18.88
N ARG A 75 -11.18 -8.77 17.96
CA ARG A 75 -10.45 -9.97 18.35
C ARG A 75 -9.01 -9.62 18.71
N GLY A 76 -8.74 -9.62 20.01
CA GLY A 76 -7.41 -9.28 20.51
C GLY A 76 -7.13 -7.79 20.32
N MET A 77 -8.19 -7.00 20.41
CA MET A 77 -8.05 -5.56 20.33
C MET A 77 -7.22 -5.15 19.12
N PRO A 78 -7.75 -5.51 17.91
CA PRO A 78 -6.92 -5.57 16.72
C PRO A 78 -6.60 -4.18 16.20
N GLN A 79 -5.61 -4.11 15.32
CA GLN A 79 -5.28 -2.87 14.65
C GLN A 79 -4.40 -3.13 13.43
N ILE A 80 -4.73 -2.45 12.35
CA ILE A 80 -4.14 -2.77 11.05
C ILE A 80 -3.33 -1.57 10.56
N GLU A 81 -2.01 -1.72 10.64
CA GLU A 81 -1.12 -0.73 10.05
C GLU A 81 -0.57 -1.24 8.72
N VAL A 82 -1.06 -0.64 7.64
CA VAL A 82 -0.48 -0.87 6.34
C VAL A 82 0.56 0.22 6.05
N THR A 83 1.82 -0.15 6.27
CA THR A 83 2.92 0.77 6.01
C THR A 83 3.23 0.83 4.51
N PHE A 84 3.58 2.03 4.06
CA PHE A 84 4.14 2.18 2.73
C PHE A 84 5.46 2.95 2.78
N ASP A 85 6.55 2.21 2.95
CA ASP A 85 7.79 2.79 3.39
C ASP A 85 8.88 2.53 2.34
N ILE A 86 9.48 3.62 1.87
CA ILE A 86 10.50 3.52 0.84
C ILE A 86 11.83 3.15 1.49
N ASP A 87 12.44 2.09 0.96
CA ASP A 87 13.72 1.63 1.46
C ASP A 87 14.83 2.54 0.91
N ALA A 88 16.02 2.36 1.46
CA ALA A 88 17.16 3.18 1.08
C ALA A 88 17.44 2.98 -0.41
N ASP A 89 17.14 1.78 -0.89
CA ASP A 89 17.43 1.43 -2.27
C ASP A 89 16.48 2.16 -3.20
N GLY A 90 15.40 2.66 -2.62
CA GLY A 90 14.37 3.33 -3.39
C GLY A 90 13.24 2.38 -3.76
N ILE A 91 13.31 1.18 -3.18
CA ILE A 91 12.22 0.22 -3.33
C ILE A 91 11.04 0.64 -2.47
N LEU A 92 9.85 0.45 -3.02
CA LEU A 92 8.64 0.53 -2.21
C LEU A 92 8.43 -0.80 -1.48
N HIS A 93 8.84 -0.82 -0.22
CA HIS A 93 8.27 -1.74 0.75
C HIS A 93 6.83 -1.34 1.04
N VAL A 94 5.92 -2.25 0.73
CA VAL A 94 4.55 -2.15 1.22
C VAL A 94 4.20 -3.41 2.02
N SER A 95 3.60 -3.20 3.17
CA SER A 95 3.39 -4.28 4.11
C SER A 95 2.12 -4.02 4.94
N ALA A 96 1.50 -5.12 5.36
CA ALA A 96 0.31 -5.02 6.19
C ALA A 96 0.59 -5.71 7.54
N LYS A 97 0.44 -4.93 8.60
CA LYS A 97 0.86 -5.39 9.92
C LYS A 97 -0.37 -5.58 10.80
N ASP A 98 -0.56 -6.82 11.22
CA ASP A 98 -1.66 -7.14 12.12
C ASP A 98 -1.17 -7.02 13.57
N LYS A 99 -1.83 -6.14 14.31
CA LYS A 99 -1.58 -6.02 15.73
C LYS A 99 -2.22 -7.19 16.47
N ASN A 100 -3.13 -7.87 15.77
CA ASN A 100 -3.75 -9.06 16.31
C ASN A 100 -2.69 -10.14 16.50
N SER A 101 -2.04 -10.48 15.40
CA SER A 101 -1.18 -11.65 15.38
C SER A 101 0.28 -11.24 15.61
N GLY A 102 0.58 -10.00 15.25
CA GLY A 102 1.96 -9.56 15.20
C GLY A 102 2.60 -9.87 13.84
N LYS A 103 1.75 -10.28 12.91
CA LYS A 103 2.22 -10.67 11.59
C LYS A 103 2.46 -9.43 10.75
N GLU A 104 3.47 -9.51 9.90
CA GLU A 104 3.76 -8.44 8.96
C GLU A 104 4.13 -9.01 7.59
N GLN A 105 3.11 -9.13 6.74
CA GLN A 105 3.32 -9.58 5.38
C GLN A 105 3.73 -8.41 4.48
N LYS A 106 4.71 -8.67 3.64
CA LYS A 106 5.47 -7.60 3.03
C LYS A 106 5.60 -7.87 1.53
N ILE A 107 5.72 -6.79 0.77
CA ILE A 107 5.94 -6.89 -0.67
C ILE A 107 6.84 -5.74 -1.13
N THR A 108 7.79 -6.08 -1.98
CA THR A 108 8.84 -5.14 -2.33
C THR A 108 8.88 -4.91 -3.84
N ILE A 109 8.58 -3.69 -4.23
CA ILE A 109 8.41 -3.36 -5.64
C ILE A 109 9.32 -2.19 -6.00
N LYS A 110 9.88 -2.27 -7.20
CA LYS A 110 11.10 -1.54 -7.51
C LYS A 110 10.72 -0.17 -8.11
N ALA A 111 9.99 -0.23 -9.21
CA ALA A 111 9.33 0.96 -9.73
C ALA A 111 10.38 2.02 -10.04
N SER A 112 11.40 1.60 -10.78
CA SER A 112 12.40 2.53 -11.26
C SER A 112 12.28 2.70 -12.78
N SER A 113 11.05 2.93 -13.22
CA SER A 113 10.79 3.19 -14.61
C SER A 113 11.32 2.03 -15.47
N GLY A 114 10.56 0.94 -15.46
CA GLY A 114 10.95 -0.25 -16.20
C GLY A 114 10.05 -1.43 -15.86
N LEU A 115 9.83 -1.61 -14.56
CA LEU A 115 9.12 -2.79 -14.08
C LEU A 115 7.61 -2.57 -14.27
#